data_7N1R
#
_entry.id   7N1R
#
_cell.length_a   75.988
_cell.length_b   76.388
_cell.length_c   79.917
_cell.angle_alpha   84.880
_cell.angle_beta   62.490
_cell.angle_gamma   63.140
#
_symmetry.space_group_name_H-M   'P 1'
#
loop_
_entity.id
_entity.type
_entity.pdbx_description
1 polymer 'Endoplasmic reticulum chaperone BiP'
2 non-polymer GLYCEROL
3 non-polymer 'SULFATE ION'
4 non-polymer 'PHOSPHATE ION'
5 non-polymer 'MAGNESIUM ION'
6 non-polymer 'ADENOSINE MONOPHOSPHATE'
7 non-polymer DI(HYDROXYETHYL)ETHER
8 water water
#
_entity_poly.entity_id   1
_entity_poly.type   'polypeptide(L)'
_entity_poly.pdbx_seq_one_letter_code
;SEDVGTVVGIDLGTTYSCVGVFKNGRVEIIANDQGNRITPSYVAFTPEGERLIGDAAKNQLTSNPENTVFDAKRLIGRTW
NDPSVQQDIKFLPFKVVEKKTKPYIQVDIGGGQTKTFAPEEISAMVLTKMKETAEAYLGKKVTHAVVTVPAYFNDAQRQA
TKDAGTIAGLNVMRIINEPTAAAIAYGLDKREGEKNILVFDLGGGTFDVSLLTIDNGVFEVVATNGDTHLGGEDFDQRVM
EHFIKLYKKKTGKDVRKDNRAVQKLRREVEKAKRALSSQHQARIEIESFYEGEDFSETLTRAKFEELNMDLFRSTMKPVQ
KVLEDSDLKKSDIDEIVLVGGSTRIPKIQQLVKEFFNGKEPSRGINPDEAVAYGAAVQAGVLSGDQDTGDLVLLDVCPLT
LGIETVGGVMTKLIPRNTVVPTKKSQIFSVGGTVTIKVYEGERPLTKDNHLLGTFDLTGIPPAPRGVPQIEVTFEIDVNG
ILRVTAEDKGTGNKNKITITNDQNRLTPEEIERMVNDAEKFAEEDKKLKERIDTRNELESYAYSLKNQIGDKEKLGGKLS
SEDKETMEKAVEEKIEWLESHQDADIEDFKAKKKELEEIVQPIISK
;
_entity_poly.pdbx_strand_id   A,B
#
loop_
_chem_comp.id
_chem_comp.type
_chem_comp.name
_chem_comp.formula
AMP non-polymer 'ADENOSINE MONOPHOSPHATE' 'C10 H14 N5 O7 P'
GOL non-polymer GLYCEROL 'C3 H8 O3'
MG non-polymer 'MAGNESIUM ION' 'Mg 2'
PEG non-polymer DI(HYDROXYETHYL)ETHER 'C4 H10 O3'
PO4 non-polymer 'PHOSPHATE ION' 'O4 P -3'
SO4 non-polymer 'SULFATE ION' 'O4 S -2'
#
# COMPACT_ATOMS: atom_id res chain seq x y z
N SER A 1 -19.23 -37.10 -13.73
CA SER A 1 -18.21 -36.12 -14.18
C SER A 1 -16.95 -36.24 -13.30
N GLU A 2 -15.87 -35.61 -13.76
CA GLU A 2 -14.54 -35.68 -13.14
C GLU A 2 -14.56 -34.96 -11.79
N ASP A 3 -13.95 -35.60 -10.80
CA ASP A 3 -13.71 -34.98 -9.53
C ASP A 3 -12.39 -34.23 -9.66
N VAL A 4 -12.45 -32.90 -9.67
CA VAL A 4 -11.28 -32.12 -9.94
C VAL A 4 -10.59 -31.75 -8.62
N GLY A 5 -11.18 -32.15 -7.49
CA GLY A 5 -10.56 -31.88 -6.19
C GLY A 5 -10.60 -30.39 -5.85
N THR A 6 -9.64 -29.98 -5.03
CA THR A 6 -9.42 -28.57 -4.78
C THR A 6 -8.46 -28.02 -5.83
N VAL A 7 -9.01 -27.17 -6.70
CA VAL A 7 -8.32 -26.48 -7.76
C VAL A 7 -7.62 -25.25 -7.17
N VAL A 8 -6.31 -25.16 -7.38
CA VAL A 8 -5.48 -24.05 -6.89
C VAL A 8 -5.21 -23.06 -8.03
N GLY A 9 -5.02 -21.79 -7.65
CA GLY A 9 -4.60 -20.74 -8.55
C GLY A 9 -3.12 -20.49 -8.37
N ILE A 10 -2.34 -20.69 -9.44
CA ILE A 10 -0.93 -20.46 -9.36
C ILE A 10 -0.55 -19.32 -10.29
N ASP A 11 0.04 -18.27 -9.71
CA ASP A 11 0.79 -17.24 -10.44
C ASP A 11 2.23 -17.74 -10.62
N LEU A 12 2.57 -18.11 -11.85
CA LEU A 12 3.89 -18.54 -12.17
C LEU A 12 4.68 -17.34 -12.71
N GLY A 13 5.50 -16.74 -11.84
CA GLY A 13 6.21 -15.54 -12.15
C GLY A 13 7.67 -15.76 -12.54
N THR A 14 8.22 -14.74 -13.17
CA THR A 14 9.58 -14.77 -13.65
C THR A 14 10.51 -14.96 -12.45
N THR A 15 10.31 -14.18 -11.38
CA THR A 15 11.22 -14.21 -10.23
C THR A 15 10.54 -14.84 -9.00
N TYR A 16 9.21 -14.68 -8.85
CA TYR A 16 8.43 -15.30 -7.78
C TYR A 16 7.14 -15.92 -8.35
N SER A 17 6.71 -16.98 -7.67
CA SER A 17 5.44 -17.63 -7.86
C SER A 17 4.66 -17.63 -6.55
N CYS A 18 3.34 -17.79 -6.67
CA CYS A 18 2.44 -17.55 -5.57
C CYS A 18 1.19 -18.40 -5.79
N VAL A 19 0.76 -19.14 -4.78
CA VAL A 19 -0.37 -20.06 -4.93
C VAL A 19 -1.48 -19.70 -3.95
N GLY A 20 -2.72 -19.76 -4.46
CA GLY A 20 -3.89 -19.45 -3.65
C GLY A 20 -5.00 -20.47 -3.87
N VAL A 21 -5.92 -20.54 -2.90
N VAL A 21 -5.95 -20.49 -2.93
CA VAL A 21 -7.13 -21.36 -2.96
CA VAL A 21 -7.11 -21.35 -2.95
C VAL A 21 -8.31 -20.53 -2.45
C VAL A 21 -8.31 -20.56 -2.43
N PHE A 22 -9.45 -20.74 -3.09
CA PHE A 22 -10.69 -20.22 -2.66
C PHE A 22 -11.44 -21.31 -1.86
N LYS A 23 -11.68 -21.02 -0.58
CA LYS A 23 -12.38 -21.88 0.37
C LYS A 23 -13.20 -21.00 1.33
N ASN A 24 -14.44 -21.43 1.61
CA ASN A 24 -15.33 -20.79 2.61
C ASN A 24 -15.50 -19.29 2.32
N GLY A 25 -15.73 -18.97 1.04
CA GLY A 25 -16.07 -17.63 0.64
C GLY A 25 -14.89 -16.69 0.47
N ARG A 26 -13.65 -17.11 0.78
CA ARG A 26 -12.52 -16.22 0.65
C ARG A 26 -11.29 -16.92 0.04
N VAL A 27 -10.30 -16.09 -0.33
CA VAL A 27 -9.03 -16.54 -0.82
C VAL A 27 -8.03 -16.68 0.34
N GLU A 28 -7.36 -17.81 0.39
CA GLU A 28 -6.15 -18.00 1.15
C GLU A 28 -4.93 -17.97 0.21
N ILE A 29 -4.07 -16.97 0.37
CA ILE A 29 -2.77 -17.06 -0.21
C ILE A 29 -1.86 -17.90 0.67
N ILE A 30 -1.34 -19.01 0.13
CA ILE A 30 -0.76 -20.08 0.99
C ILE A 30 0.73 -19.87 1.22
N ALA A 31 1.14 -19.90 2.50
CA ALA A 31 2.53 -19.76 2.89
C ALA A 31 3.29 -21.07 2.60
N ASN A 32 4.55 -20.96 2.16
CA ASN A 32 5.38 -22.14 1.89
C ASN A 32 5.94 -22.64 3.23
N ASP A 33 6.81 -23.66 3.17
CA ASP A 33 7.33 -24.34 4.34
C ASP A 33 8.35 -23.44 5.07
N GLN A 34 8.68 -22.28 4.50
CA GLN A 34 9.53 -21.32 5.19
C GLN A 34 8.69 -20.13 5.68
N GLY A 35 7.36 -20.22 5.55
CA GLY A 35 6.48 -19.11 5.99
C GLY A 35 6.28 -17.98 4.98
N ASN A 36 6.76 -18.13 3.72
CA ASN A 36 6.69 -17.02 2.72
C ASN A 36 5.49 -17.23 1.78
N ARG A 37 4.70 -16.16 1.61
CA ARG A 37 3.50 -16.16 0.80
C ARG A 37 3.84 -16.09 -0.71
N ILE A 38 5.11 -15.79 -1.05
CA ILE A 38 5.63 -15.94 -2.42
C ILE A 38 6.90 -16.80 -2.37
N THR A 39 7.17 -17.54 -3.46
CA THR A 39 8.26 -18.49 -3.52
C THR A 39 9.13 -18.09 -4.71
N PRO A 40 10.46 -17.92 -4.54
CA PRO A 40 11.34 -17.66 -5.66
C PRO A 40 11.17 -18.72 -6.76
N SER A 41 11.21 -18.28 -8.02
CA SER A 41 11.07 -19.17 -9.17
C SER A 41 12.45 -19.74 -9.57
N TYR A 42 13.04 -20.46 -8.64
CA TYR A 42 14.42 -20.95 -8.72
C TYR A 42 14.44 -22.47 -8.52
N VAL A 43 15.33 -23.13 -9.25
CA VAL A 43 15.65 -24.52 -9.06
C VAL A 43 17.18 -24.65 -8.96
N ALA A 44 17.64 -25.69 -8.28
CA ALA A 44 19.10 -26.00 -8.22
C ALA A 44 19.31 -27.49 -7.95
N PHE A 45 20.50 -27.97 -8.35
CA PHE A 45 20.99 -29.30 -7.99
C PHE A 45 22.28 -29.16 -7.17
N THR A 46 22.27 -29.71 -5.94
CA THR A 46 23.39 -29.61 -5.05
C THR A 46 24.49 -30.50 -5.62
N PRO A 47 25.75 -30.38 -5.17
CA PRO A 47 26.81 -31.25 -5.67
C PRO A 47 26.50 -32.74 -5.42
N GLU A 48 25.64 -33.04 -4.45
CA GLU A 48 25.23 -34.45 -4.09
C GLU A 48 24.02 -34.94 -4.90
N GLY A 49 23.45 -34.08 -5.75
CA GLY A 49 22.38 -34.54 -6.69
C GLY A 49 20.97 -34.25 -6.19
N GLU A 50 20.84 -33.55 -5.06
CA GLU A 50 19.53 -33.10 -4.53
C GLU A 50 18.97 -31.89 -5.32
N ARG A 51 17.69 -31.99 -5.73
CA ARG A 51 16.94 -30.90 -6.33
C ARG A 51 16.34 -30.00 -5.25
N LEU A 52 16.72 -28.73 -5.26
CA LEU A 52 16.15 -27.70 -4.47
C LEU A 52 15.23 -26.87 -5.38
N ILE A 53 14.12 -26.40 -4.82
CA ILE A 53 13.21 -25.51 -5.50
C ILE A 53 12.79 -24.46 -4.49
N GLY A 54 12.80 -23.20 -4.94
CA GLY A 54 12.30 -22.09 -4.16
C GLY A 54 13.40 -21.41 -3.39
N ASP A 55 13.10 -21.03 -2.15
CA ASP A 55 14.00 -20.32 -1.24
C ASP A 55 15.36 -21.03 -1.13
N ALA A 56 15.34 -22.35 -0.89
CA ALA A 56 16.58 -23.11 -0.71
C ALA A 56 17.46 -22.97 -1.96
N ALA A 57 16.85 -22.94 -3.15
CA ALA A 57 17.61 -22.83 -4.39
C ALA A 57 18.25 -21.44 -4.48
N LYS A 58 17.42 -20.42 -4.20
CA LYS A 58 17.90 -19.06 -4.28
C LYS A 58 19.05 -18.82 -3.28
N ASN A 59 18.94 -19.44 -2.10
CA ASN A 59 19.87 -19.20 -0.98
C ASN A 59 21.27 -19.73 -1.28
N GLN A 60 21.39 -20.75 -2.16
CA GLN A 60 22.70 -21.31 -2.48
C GLN A 60 23.19 -20.88 -3.88
N LEU A 61 22.58 -19.85 -4.50
CA LEU A 61 22.97 -19.38 -5.82
C LEU A 61 24.46 -18.97 -5.90
N THR A 62 24.93 -18.13 -4.97
CA THR A 62 26.34 -17.62 -5.00
C THR A 62 27.35 -18.78 -4.90
N SER A 63 27.01 -19.84 -4.14
CA SER A 63 27.90 -20.97 -3.95
C SER A 63 27.90 -21.96 -5.13
N ASN A 64 26.89 -21.89 -6.02
CA ASN A 64 26.66 -22.92 -7.03
C ASN A 64 25.95 -22.28 -8.23
N PRO A 65 26.56 -21.23 -8.84
CA PRO A 65 25.89 -20.41 -9.83
C PRO A 65 25.68 -21.09 -11.19
N GLU A 66 26.41 -22.15 -11.53
CA GLU A 66 26.20 -22.78 -12.83
C GLU A 66 25.08 -23.84 -12.79
N ASN A 67 24.70 -24.30 -11.60
CA ASN A 67 23.72 -25.40 -11.47
C ASN A 67 22.49 -24.91 -10.70
N THR A 68 22.28 -23.59 -10.72
CA THR A 68 21.13 -22.93 -10.22
C THR A 68 20.41 -22.27 -11.40
N VAL A 69 19.09 -22.48 -11.54
CA VAL A 69 18.40 -22.04 -12.71
C VAL A 69 17.33 -21.07 -12.24
N PHE A 70 17.20 -19.93 -12.91
CA PHE A 70 16.16 -18.93 -12.64
C PHE A 70 15.82 -18.20 -13.96
N ASP A 71 14.76 -17.38 -13.94
CA ASP A 71 14.32 -16.62 -15.10
C ASP A 71 14.00 -17.53 -16.30
N ALA A 72 13.51 -18.75 -16.08
CA ALA A 72 13.10 -19.70 -17.12
C ALA A 72 11.91 -19.16 -17.93
N LYS A 73 11.12 -18.29 -17.32
CA LYS A 73 9.99 -17.71 -18.00
C LYS A 73 10.47 -16.80 -19.16
N ARG A 74 11.74 -16.37 -19.17
CA ARG A 74 12.25 -15.56 -20.26
C ARG A 74 12.65 -16.42 -21.45
N LEU A 75 12.70 -17.75 -21.28
CA LEU A 75 13.07 -18.68 -22.31
C LEU A 75 11.87 -19.51 -22.78
N ILE A 76 10.88 -19.74 -21.91
CA ILE A 76 9.83 -20.78 -22.16
C ILE A 76 9.07 -20.44 -23.45
N GLY A 77 8.85 -21.46 -24.27
CA GLY A 77 8.15 -21.32 -25.55
C GLY A 77 8.85 -20.45 -26.57
N ARG A 78 10.15 -20.20 -26.41
CA ARG A 78 10.86 -19.41 -27.40
C ARG A 78 11.78 -20.31 -28.22
N THR A 79 12.16 -19.83 -29.40
CA THR A 79 13.14 -20.55 -30.21
C THR A 79 14.54 -20.00 -29.92
N TRP A 80 15.53 -20.82 -30.25
CA TRP A 80 16.93 -20.46 -30.06
C TRP A 80 17.25 -19.10 -30.71
N ASN A 81 16.78 -18.89 -31.94
N ASN A 81 16.75 -18.91 -31.94
CA ASN A 81 17.13 -17.70 -32.71
CA ASN A 81 17.07 -17.74 -32.77
C ASN A 81 16.26 -16.49 -32.34
C ASN A 81 16.38 -16.47 -32.24
N ASP A 82 15.43 -16.60 -31.30
CA ASP A 82 14.69 -15.47 -30.81
C ASP A 82 15.71 -14.48 -30.28
N PRO A 83 15.77 -13.23 -30.79
CA PRO A 83 16.78 -12.27 -30.36
C PRO A 83 16.73 -11.99 -28.86
N SER A 84 15.53 -12.08 -28.26
CA SER A 84 15.36 -11.89 -26.78
C SER A 84 16.13 -12.97 -26.00
N VAL A 85 16.12 -14.21 -26.51
CA VAL A 85 16.85 -15.33 -25.93
C VAL A 85 18.37 -15.08 -26.02
N GLN A 86 18.83 -14.74 -27.23
CA GLN A 86 20.23 -14.48 -27.49
C GLN A 86 20.70 -13.33 -26.61
N GLN A 87 19.90 -12.27 -26.42
CA GLN A 87 20.29 -11.21 -25.47
C GLN A 87 20.36 -11.80 -24.05
N ASP A 88 19.32 -12.50 -23.60
CA ASP A 88 19.14 -12.86 -22.17
C ASP A 88 20.23 -13.85 -21.72
N ILE A 89 20.57 -14.82 -22.58
CA ILE A 89 21.42 -15.92 -22.11
C ILE A 89 22.85 -15.45 -21.85
N LYS A 90 23.25 -14.31 -22.42
CA LYS A 90 24.51 -13.67 -22.11
C LYS A 90 24.61 -13.33 -20.63
N PHE A 91 23.49 -13.04 -19.98
CA PHE A 91 23.54 -12.59 -18.57
C PHE A 91 23.14 -13.72 -17.62
N LEU A 92 22.79 -14.88 -18.14
CA LEU A 92 22.40 -15.98 -17.23
C LEU A 92 23.62 -16.84 -16.94
N PRO A 93 23.85 -17.19 -15.64
CA PRO A 93 25.03 -17.96 -15.24
C PRO A 93 25.03 -19.44 -15.64
N PHE A 94 23.84 -20.05 -15.75
CA PHE A 94 23.72 -21.43 -16.20
C PHE A 94 23.89 -21.47 -17.72
N LYS A 95 24.40 -22.58 -18.23
CA LYS A 95 24.50 -22.83 -19.68
C LYS A 95 23.11 -23.03 -20.30
N VAL A 96 22.94 -22.42 -21.46
CA VAL A 96 21.76 -22.59 -22.31
C VAL A 96 22.25 -23.02 -23.70
N VAL A 97 21.76 -24.17 -24.16
CA VAL A 97 22.24 -24.72 -25.41
C VAL A 97 21.04 -24.96 -26.34
N GLU A 98 21.33 -24.99 -27.61
CA GLU A 98 20.32 -25.24 -28.62
C GLU A 98 20.04 -26.73 -28.72
N LYS A 99 18.75 -27.09 -28.60
CA LYS A 99 18.23 -28.43 -28.82
C LYS A 99 16.84 -28.30 -29.45
N LYS A 100 16.64 -28.97 -30.58
CA LYS A 100 15.34 -28.98 -31.26
C LYS A 100 14.90 -27.53 -31.55
N THR A 101 15.83 -26.76 -32.13
CA THR A 101 15.75 -25.33 -32.45
C THR A 101 15.35 -24.48 -31.22
N LYS A 102 15.51 -24.98 -29.99
CA LYS A 102 15.02 -24.31 -28.78
C LYS A 102 16.15 -24.14 -27.75
N PRO A 103 16.05 -23.16 -26.84
CA PRO A 103 17.03 -22.98 -25.77
C PRO A 103 16.79 -23.94 -24.60
N TYR A 104 17.64 -24.95 -24.42
CA TYR A 104 17.55 -25.89 -23.29
C TYR A 104 18.56 -25.46 -22.21
N ILE A 105 18.25 -25.82 -20.97
CA ILE A 105 19.08 -25.48 -19.87
C ILE A 105 19.94 -26.70 -19.52
N GLN A 106 21.26 -26.53 -19.53
CA GLN A 106 22.19 -27.60 -19.25
C GLN A 106 22.85 -27.39 -17.90
N VAL A 107 22.66 -28.35 -16.99
CA VAL A 107 23.22 -28.29 -15.67
C VAL A 107 23.75 -29.67 -15.25
N ASP A 108 24.59 -29.65 -14.23
CA ASP A 108 25.13 -30.84 -13.63
C ASP A 108 24.16 -31.30 -12.53
N ILE A 109 23.68 -32.56 -12.60
CA ILE A 109 22.60 -33.02 -11.69
C ILE A 109 23.10 -34.02 -10.65
N GLY A 110 24.43 -34.15 -10.49
CA GLY A 110 25.01 -35.15 -9.59
C GLY A 110 25.38 -36.42 -10.32
N GLY A 111 26.20 -37.25 -9.64
CA GLY A 111 26.64 -38.54 -10.16
C GLY A 111 27.39 -38.41 -11.48
N GLY A 112 28.06 -37.26 -11.65
CA GLY A 112 28.83 -36.98 -12.82
C GLY A 112 28.01 -36.69 -14.07
N GLN A 113 26.70 -36.57 -13.95
CA GLN A 113 25.78 -36.47 -15.12
C GLN A 113 25.46 -34.99 -15.37
N THR A 114 25.53 -34.60 -16.64
CA THR A 114 25.02 -33.35 -17.17
C THR A 114 23.68 -33.64 -17.83
N LYS A 115 22.65 -32.86 -17.50
CA LYS A 115 21.33 -33.08 -18.10
C LYS A 115 20.88 -31.78 -18.80
N THR A 116 20.19 -31.91 -19.93
CA THR A 116 19.60 -30.75 -20.56
C THR A 116 18.10 -30.78 -20.29
N PHE A 117 17.56 -29.66 -19.79
CA PHE A 117 16.13 -29.54 -19.48
C PHE A 117 15.49 -28.53 -20.43
N ALA A 118 14.32 -28.87 -20.96
CA ALA A 118 13.46 -27.91 -21.61
C ALA A 118 13.06 -26.85 -20.60
N PRO A 119 12.87 -25.56 -21.00
CA PRO A 119 12.40 -24.55 -20.04
C PRO A 119 11.09 -24.99 -19.37
N GLU A 120 10.23 -25.72 -20.09
CA GLU A 120 8.94 -26.24 -19.56
C GLU A 120 9.17 -27.12 -18.33
N GLU A 121 10.27 -27.88 -18.34
CA GLU A 121 10.70 -28.77 -17.25
C GLU A 121 11.14 -27.98 -16.02
N ILE A 122 11.82 -26.86 -16.21
CA ILE A 122 12.23 -26.02 -15.10
C ILE A 122 10.99 -25.36 -14.48
N SER A 123 10.15 -24.82 -15.35
CA SER A 123 8.91 -24.21 -14.88
C SER A 123 8.02 -25.26 -14.20
N ALA A 124 8.06 -26.50 -14.72
CA ALA A 124 7.31 -27.63 -14.08
C ALA A 124 7.79 -27.88 -12.64
N MET A 125 9.09 -27.78 -12.42
CA MET A 125 9.65 -27.98 -11.09
C MET A 125 9.13 -26.86 -10.15
N VAL A 126 9.10 -25.61 -10.63
CA VAL A 126 8.57 -24.50 -9.87
C VAL A 126 7.08 -24.76 -9.57
N LEU A 127 6.33 -25.26 -10.55
CA LEU A 127 4.88 -25.52 -10.31
C LEU A 127 4.68 -26.68 -9.30
N THR A 128 5.58 -27.66 -9.33
CA THR A 128 5.57 -28.78 -8.39
C THR A 128 5.71 -28.26 -6.97
N LYS A 129 6.64 -27.31 -6.79
CA LYS A 129 6.90 -26.78 -5.50
C LYS A 129 5.65 -26.03 -5.03
N MET A 130 5.05 -25.24 -5.92
CA MET A 130 3.82 -24.54 -5.57
C MET A 130 2.71 -25.54 -5.20
N LYS A 131 2.57 -26.60 -5.99
CA LYS A 131 1.64 -27.68 -5.71
C LYS A 131 1.94 -28.32 -4.32
N GLU A 132 3.22 -28.64 -4.05
CA GLU A 132 3.66 -29.21 -2.75
C GLU A 132 3.22 -28.25 -1.62
N THR A 133 3.40 -26.94 -1.83
CA THR A 133 3.04 -25.95 -0.84
C THR A 133 1.54 -26.02 -0.52
N ALA A 134 0.73 -26.08 -1.58
CA ALA A 134 -0.74 -26.12 -1.43
C ALA A 134 -1.20 -27.42 -0.76
N GLU A 135 -0.61 -28.56 -1.13
CA GLU A 135 -0.96 -29.85 -0.58
C GLU A 135 -0.70 -29.90 0.95
N ALA A 136 0.43 -29.34 1.40
CA ALA A 136 0.77 -29.29 2.81
C ALA A 136 -0.29 -28.47 3.56
N TYR A 137 -0.78 -27.40 2.94
CA TYR A 137 -1.77 -26.56 3.56
C TYR A 137 -3.13 -27.28 3.61
N LEU A 138 -3.50 -27.95 2.53
CA LEU A 138 -4.83 -28.53 2.45
C LEU A 138 -4.85 -29.92 3.09
N GLY A 139 -3.67 -30.51 3.33
CA GLY A 139 -3.56 -31.87 3.83
C GLY A 139 -4.13 -32.87 2.84
N LYS A 140 -4.02 -32.57 1.54
CA LYS A 140 -4.46 -33.52 0.50
C LYS A 140 -3.84 -33.19 -0.86
N LYS A 141 -3.90 -34.18 -1.74
CA LYS A 141 -3.30 -34.13 -3.03
C LYS A 141 -4.06 -33.07 -3.86
N VAL A 142 -3.32 -32.37 -4.74
CA VAL A 142 -3.84 -31.41 -5.72
C VAL A 142 -3.55 -31.95 -7.12
N THR A 143 -4.59 -32.07 -7.95
CA THR A 143 -4.46 -32.63 -9.32
C THR A 143 -4.75 -31.57 -10.41
N HIS A 144 -5.40 -30.45 -10.06
CA HIS A 144 -5.95 -29.48 -11.04
C HIS A 144 -5.61 -28.05 -10.60
N ALA A 145 -5.41 -27.17 -11.60
CA ALA A 145 -4.91 -25.84 -11.34
C ALA A 145 -5.39 -24.88 -12.41
N VAL A 146 -5.43 -23.61 -11.99
CA VAL A 146 -5.42 -22.46 -12.89
C VAL A 146 -4.02 -21.85 -12.81
N VAL A 147 -3.36 -21.68 -13.97
CA VAL A 147 -2.00 -21.16 -14.03
C VAL A 147 -2.04 -19.89 -14.86
N THR A 148 -1.24 -18.90 -14.45
CA THR A 148 -1.22 -17.59 -15.10
C THR A 148 -0.17 -17.55 -16.22
N VAL A 149 -0.37 -16.65 -17.17
CA VAL A 149 0.58 -16.29 -18.21
C VAL A 149 0.43 -14.79 -18.43
N PRO A 150 1.48 -14.10 -18.93
CA PRO A 150 1.34 -12.72 -19.36
C PRO A 150 0.25 -12.61 -20.42
N ALA A 151 -0.53 -11.53 -20.39
CA ALA A 151 -1.53 -11.26 -21.47
C ALA A 151 -0.87 -11.23 -22.86
N TYR A 152 0.39 -10.77 -22.93
CA TYR A 152 1.05 -10.62 -24.19
C TYR A 152 1.86 -11.86 -24.60
N PHE A 153 1.82 -12.94 -23.81
CA PHE A 153 2.44 -14.20 -24.23
C PHE A 153 1.90 -14.58 -25.61
N ASN A 154 2.77 -15.11 -26.47
CA ASN A 154 2.34 -15.64 -27.74
C ASN A 154 1.79 -17.07 -27.56
N ASP A 155 1.39 -17.69 -28.68
CA ASP A 155 0.78 -19.03 -28.70
C ASP A 155 1.72 -20.10 -28.13
N ALA A 156 2.99 -20.10 -28.56
CA ALA A 156 3.95 -21.09 -28.11
C ALA A 156 4.24 -20.95 -26.61
N GLN A 157 4.40 -19.70 -26.14
CA GLN A 157 4.67 -19.41 -24.71
C GLN A 157 3.50 -19.91 -23.87
N ARG A 158 2.28 -19.69 -24.39
CA ARG A 158 1.04 -20.15 -23.74
C ARG A 158 1.01 -21.65 -23.60
N GLN A 159 1.14 -22.34 -24.75
CA GLN A 159 1.18 -23.81 -24.76
C GLN A 159 2.30 -24.34 -23.88
N ALA A 160 3.50 -23.71 -23.91
CA ALA A 160 4.63 -24.25 -23.15
C ALA A 160 4.32 -24.17 -21.64
N THR A 161 3.69 -23.08 -21.21
CA THR A 161 3.26 -22.93 -19.81
C THR A 161 2.25 -24.02 -19.42
N LYS A 162 1.23 -24.26 -20.25
CA LYS A 162 0.31 -25.36 -19.97
C LYS A 162 1.06 -26.71 -19.89
N ASP A 163 1.95 -26.96 -20.85
CA ASP A 163 2.79 -28.18 -20.83
C ASP A 163 3.57 -28.30 -19.50
N ALA A 164 4.08 -27.17 -18.98
CA ALA A 164 4.82 -27.18 -17.73
C ALA A 164 3.90 -27.69 -16.62
N GLY A 165 2.65 -27.23 -16.63
CA GLY A 165 1.61 -27.75 -15.73
C GLY A 165 1.47 -29.27 -15.80
N THR A 166 1.33 -29.81 -17.00
CA THR A 166 1.14 -31.25 -17.25
C THR A 166 2.33 -32.03 -16.66
N ILE A 167 3.53 -31.52 -16.87
CA ILE A 167 4.80 -32.13 -16.46
C ILE A 167 4.87 -32.17 -14.93
N ALA A 168 4.29 -31.15 -14.29
CA ALA A 168 4.24 -31.04 -12.86
C ALA A 168 3.14 -31.92 -12.26
N GLY A 169 2.42 -32.64 -13.13
CA GLY A 169 1.30 -33.54 -12.74
C GLY A 169 0.01 -32.78 -12.42
N LEU A 170 -0.21 -31.64 -13.08
CA LEU A 170 -1.39 -30.81 -12.87
C LEU A 170 -2.19 -30.81 -14.18
N ASN A 171 -3.48 -31.07 -14.08
CA ASN A 171 -4.40 -30.78 -15.15
C ASN A 171 -4.67 -29.27 -15.13
N VAL A 172 -4.09 -28.52 -16.09
CA VAL A 172 -4.35 -27.10 -16.12
C VAL A 172 -5.73 -26.88 -16.73
N MET A 173 -6.70 -26.51 -15.91
CA MET A 173 -8.04 -26.38 -16.37
C MET A 173 -8.18 -25.05 -17.15
N ARG A 174 -7.29 -24.11 -16.90
CA ARG A 174 -7.38 -22.79 -17.46
C ARG A 174 -6.01 -22.10 -17.32
N ILE A 175 -5.57 -21.53 -18.44
CA ILE A 175 -4.55 -20.54 -18.47
C ILE A 175 -5.23 -19.18 -18.38
N ILE A 176 -4.85 -18.36 -17.41
CA ILE A 176 -5.49 -17.06 -17.23
C ILE A 176 -4.44 -15.95 -17.41
N ASN A 177 -4.82 -14.88 -18.13
CA ASN A 177 -3.96 -13.75 -18.37
C ASN A 177 -3.79 -12.99 -17.04
N GLU A 178 -2.53 -12.66 -16.71
CA GLU A 178 -2.13 -12.03 -15.45
C GLU A 178 -3.00 -10.81 -15.17
N PRO A 179 -3.18 -9.84 -16.11
CA PRO A 179 -3.94 -8.63 -15.77
C PRO A 179 -5.43 -8.94 -15.54
N THR A 180 -5.93 -10.01 -16.19
CA THR A 180 -7.32 -10.44 -15.99
C THR A 180 -7.51 -10.98 -14.58
N ALA A 181 -6.52 -11.77 -14.10
CA ALA A 181 -6.51 -12.29 -12.73
C ALA A 181 -6.50 -11.12 -11.73
N ALA A 182 -5.61 -10.17 -11.97
CA ALA A 182 -5.50 -8.98 -11.13
C ALA A 182 -6.85 -8.26 -11.09
N ALA A 183 -7.59 -8.25 -12.20
CA ALA A 183 -8.84 -7.47 -12.24
C ALA A 183 -9.91 -8.14 -11.36
N ILE A 184 -9.98 -9.47 -11.37
CA ILE A 184 -10.82 -10.27 -10.47
C ILE A 184 -10.53 -9.93 -9.01
N ALA A 185 -9.26 -9.88 -8.61
CA ALA A 185 -8.89 -9.53 -7.24
C ALA A 185 -9.37 -8.13 -6.87
N TYR A 186 -9.26 -7.16 -7.80
CA TYR A 186 -9.76 -5.80 -7.54
C TYR A 186 -11.30 -5.81 -7.42
N GLY A 187 -11.95 -6.53 -8.33
CA GLY A 187 -13.35 -6.34 -8.63
C GLY A 187 -14.29 -7.30 -7.93
N LEU A 188 -13.77 -8.42 -7.40
CA LEU A 188 -14.61 -9.47 -6.81
C LEU A 188 -15.57 -8.82 -5.80
N ASP A 189 -15.01 -8.24 -4.74
CA ASP A 189 -15.79 -7.74 -3.61
C ASP A 189 -16.87 -6.73 -4.10
N LYS A 190 -16.60 -5.98 -5.17
CA LYS A 190 -17.10 -4.61 -5.34
C LYS A 190 -18.61 -4.62 -5.64
N ARG A 191 -19.33 -4.01 -4.69
CA ARG A 191 -20.72 -3.67 -4.79
C ARG A 191 -20.79 -2.21 -5.28
N GLU A 192 -20.69 -2.05 -6.62
CA GLU A 192 -20.59 -0.74 -7.30
C GLU A 192 -21.09 -0.90 -8.73
N GLY A 193 -21.10 0.20 -9.49
CA GLY A 193 -21.58 0.18 -10.86
C GLY A 193 -20.55 -0.42 -11.82
N GLU A 194 -20.85 -0.33 -13.12
CA GLU A 194 -19.93 -0.56 -14.23
C GLU A 194 -18.71 0.38 -14.08
N LYS A 195 -17.50 -0.19 -14.12
CA LYS A 195 -16.23 0.58 -14.04
C LYS A 195 -15.28 0.17 -15.19
N ASN A 196 -14.57 1.16 -15.72
CA ASN A 196 -13.43 1.01 -16.62
C ASN A 196 -12.16 0.95 -15.75
N ILE A 197 -11.49 -0.20 -15.80
CA ILE A 197 -10.32 -0.50 -14.97
C ILE A 197 -9.12 -0.56 -15.92
N LEU A 198 -8.03 0.13 -15.60
CA LEU A 198 -6.79 -0.10 -16.29
C LEU A 198 -5.83 -0.84 -15.37
N VAL A 199 -5.40 -2.02 -15.81
CA VAL A 199 -4.47 -2.83 -15.01
C VAL A 199 -3.08 -2.63 -15.63
N PHE A 200 -2.13 -2.19 -14.82
CA PHE A 200 -0.73 -1.94 -15.20
C PHE A 200 0.09 -2.96 -14.41
N ASP A 201 0.60 -3.98 -15.12
CA ASP A 201 1.22 -5.13 -14.51
C ASP A 201 2.69 -5.23 -14.94
N LEU A 202 3.57 -4.87 -14.01
CA LEU A 202 5.03 -4.85 -14.26
C LEU A 202 5.73 -5.73 -13.23
N GLY A 203 6.16 -6.92 -13.69
CA GLY A 203 6.65 -8.01 -12.79
C GLY A 203 8.16 -8.14 -12.82
N GLY A 204 8.65 -9.36 -12.63
CA GLY A 204 10.06 -9.65 -12.64
C GLY A 204 10.63 -9.71 -14.02
N GLY A 205 9.80 -10.03 -15.02
CA GLY A 205 10.29 -10.25 -16.38
C GLY A 205 9.41 -9.71 -17.48
N THR A 206 8.14 -9.40 -17.22
CA THR A 206 7.20 -9.10 -18.28
C THR A 206 6.35 -7.88 -17.89
N PHE A 207 5.81 -7.22 -18.91
CA PHE A 207 4.96 -6.07 -18.71
C PHE A 207 3.67 -6.27 -19.50
N ASP A 208 2.55 -6.03 -18.83
CA ASP A 208 1.26 -6.05 -19.51
C ASP A 208 0.41 -4.85 -19.06
N VAL A 209 -0.43 -4.34 -19.98
CA VAL A 209 -1.48 -3.36 -19.64
C VAL A 209 -2.77 -3.91 -20.22
N SER A 210 -3.84 -3.97 -19.42
CA SER A 210 -5.14 -4.40 -19.93
C SER A 210 -6.18 -3.38 -19.45
N LEU A 211 -7.10 -3.03 -20.35
CA LEU A 211 -8.24 -2.24 -20.05
C LEU A 211 -9.46 -3.15 -20.02
N LEU A 212 -10.18 -3.12 -18.89
CA LEU A 212 -11.38 -3.97 -18.64
C LEU A 212 -12.61 -3.11 -18.29
N THR A 213 -13.77 -3.59 -18.75
CA THR A 213 -15.06 -3.26 -18.12
C THR A 213 -15.47 -4.35 -17.13
N ILE A 214 -15.94 -3.88 -15.97
CA ILE A 214 -16.38 -4.69 -14.90
C ILE A 214 -17.77 -4.20 -14.49
N ASP A 215 -18.71 -5.15 -14.43
CA ASP A 215 -20.07 -4.86 -14.05
C ASP A 215 -20.71 -6.10 -13.41
N ASN A 216 -20.81 -6.07 -12.07
CA ASN A 216 -21.52 -7.10 -11.30
C ASN A 216 -21.05 -8.46 -11.81
N GLY A 217 -19.78 -8.76 -11.52
CA GLY A 217 -19.19 -10.07 -11.74
C GLY A 217 -18.91 -10.36 -13.21
N VAL A 218 -19.18 -9.42 -14.13
CA VAL A 218 -18.83 -9.58 -15.57
C VAL A 218 -17.57 -8.76 -15.86
N PHE A 219 -16.46 -9.46 -16.21
CA PHE A 219 -15.16 -8.85 -16.51
C PHE A 219 -14.86 -9.08 -17.99
N GLU A 220 -14.75 -7.98 -18.74
CA GLU A 220 -14.42 -8.02 -20.16
C GLU A 220 -13.15 -7.22 -20.45
N VAL A 221 -12.14 -7.88 -21.02
CA VAL A 221 -10.97 -7.19 -21.54
C VAL A 221 -11.38 -6.60 -22.91
N VAL A 222 -11.26 -5.26 -22.99
CA VAL A 222 -11.49 -4.46 -24.18
C VAL A 222 -10.21 -4.40 -25.03
N ALA A 223 -9.07 -4.28 -24.37
CA ALA A 223 -7.82 -4.23 -25.15
C ALA A 223 -6.67 -4.53 -24.21
N THR A 224 -5.67 -5.21 -24.77
CA THR A 224 -4.43 -5.53 -24.07
C THR A 224 -3.22 -5.18 -24.94
N ASN A 225 -2.08 -4.93 -24.27
CA ASN A 225 -0.82 -4.75 -24.93
C ASN A 225 0.29 -4.85 -23.90
N GLY A 226 1.42 -5.40 -24.31
CA GLY A 226 2.56 -5.36 -23.37
C GLY A 226 3.88 -5.67 -24.05
N ASP A 227 4.78 -6.27 -23.27
CA ASP A 227 6.13 -6.59 -23.66
C ASP A 227 6.61 -7.75 -22.77
N THR A 228 6.86 -8.93 -23.37
CA THR A 228 7.18 -10.11 -22.63
C THR A 228 8.66 -10.20 -22.25
N HIS A 229 9.45 -9.17 -22.49
CA HIS A 229 10.84 -9.13 -22.01
C HIS A 229 11.12 -7.73 -21.45
N LEU A 230 10.36 -7.34 -20.42
CA LEU A 230 10.56 -6.09 -19.72
C LEU A 230 10.00 -6.21 -18.30
N GLY A 231 10.88 -6.05 -17.33
CA GLY A 231 10.56 -6.26 -15.94
C GLY A 231 11.72 -5.98 -15.01
N GLY A 232 11.52 -6.35 -13.74
CA GLY A 232 12.47 -6.09 -12.69
C GLY A 232 13.87 -6.59 -12.98
N GLU A 233 13.99 -7.75 -13.64
CA GLU A 233 15.31 -8.34 -13.87
C GLU A 233 16.15 -7.44 -14.80
N ASP A 234 15.46 -6.77 -15.74
CA ASP A 234 16.04 -5.82 -16.68
C ASP A 234 16.61 -4.60 -15.95
N PHE A 235 15.88 -4.10 -14.93
CA PHE A 235 16.36 -2.96 -14.19
C PHE A 235 17.63 -3.36 -13.44
N ASP A 236 17.65 -4.56 -12.87
CA ASP A 236 18.82 -5.04 -12.16
C ASP A 236 20.01 -5.14 -13.12
N GLN A 237 19.78 -5.65 -14.32
CA GLN A 237 20.87 -5.89 -15.26
C GLN A 237 21.51 -4.53 -15.62
N ARG A 238 20.67 -3.51 -15.82
CA ARG A 238 21.14 -2.12 -16.05
C ARG A 238 22.06 -1.66 -14.91
N VAL A 239 21.66 -1.91 -13.64
CA VAL A 239 22.50 -1.49 -12.55
C VAL A 239 23.79 -2.34 -12.50
N MET A 240 23.66 -3.63 -12.76
N MET A 240 23.67 -3.63 -12.77
CA MET A 240 24.83 -4.54 -12.82
CA MET A 240 24.82 -4.52 -12.82
C MET A 240 25.87 -4.01 -13.80
C MET A 240 25.88 -4.03 -13.81
N GLU A 241 25.45 -3.61 -15.00
CA GLU A 241 26.38 -3.16 -16.03
C GLU A 241 27.11 -1.92 -15.50
N HIS A 242 26.36 -0.99 -14.90
CA HIS A 242 26.94 0.20 -14.32
C HIS A 242 28.10 -0.12 -13.36
N PHE A 243 27.90 -1.12 -12.48
CA PHE A 243 28.85 -1.33 -11.40
C PHE A 243 30.03 -2.17 -11.88
N ILE A 244 29.79 -3.07 -12.83
CA ILE A 244 30.88 -3.81 -13.46
C ILE A 244 31.84 -2.80 -14.12
N LYS A 245 31.27 -1.79 -14.82
CA LYS A 245 32.06 -0.72 -15.45
C LYS A 245 32.73 0.14 -14.36
N LEU A 246 31.97 0.54 -13.37
CA LEU A 246 32.57 1.32 -12.30
C LEU A 246 33.73 0.54 -11.68
N TYR A 247 33.55 -0.76 -11.39
CA TYR A 247 34.62 -1.52 -10.68
C TYR A 247 35.88 -1.63 -11.56
N LYS A 248 35.66 -1.84 -12.86
CA LYS A 248 36.74 -1.96 -13.81
C LYS A 248 37.55 -0.66 -13.87
N LYS A 249 36.86 0.49 -13.90
CA LYS A 249 37.51 1.77 -13.98
C LYS A 249 38.29 2.01 -12.68
N LYS A 250 37.67 1.67 -11.54
CA LYS A 250 38.21 2.02 -10.23
C LYS A 250 39.40 1.11 -9.86
N THR A 251 39.42 -0.13 -10.37
CA THR A 251 40.37 -1.16 -9.91
C THR A 251 41.18 -1.75 -11.05
N GLY A 252 40.71 -1.60 -12.29
CA GLY A 252 41.34 -2.25 -13.43
C GLY A 252 40.81 -3.66 -13.69
N LYS A 253 39.96 -4.18 -12.78
CA LYS A 253 39.51 -5.57 -12.80
C LYS A 253 38.15 -5.70 -13.49
N ASP A 254 38.10 -6.55 -14.53
CA ASP A 254 36.87 -6.99 -15.17
C ASP A 254 36.39 -8.29 -14.50
N VAL A 255 35.34 -8.16 -13.66
CA VAL A 255 34.83 -9.27 -12.84
C VAL A 255 33.86 -10.17 -13.61
N ARG A 256 33.62 -9.93 -14.90
CA ARG A 256 32.56 -10.62 -15.64
C ARG A 256 32.90 -12.11 -15.74
N LYS A 257 34.19 -12.44 -15.75
CA LYS A 257 34.70 -13.79 -15.92
C LYS A 257 34.40 -14.65 -14.69
N ASP A 258 33.95 -14.04 -13.58
CA ASP A 258 33.81 -14.73 -12.30
C ASP A 258 32.33 -14.78 -11.86
N ASN A 259 31.67 -15.93 -12.12
CA ASN A 259 30.23 -16.07 -11.88
C ASN A 259 29.91 -15.77 -10.40
N ARG A 260 30.75 -16.24 -9.49
CA ARG A 260 30.48 -16.07 -8.07
C ARG A 260 30.45 -14.57 -7.73
N ALA A 261 31.39 -13.78 -8.26
CA ALA A 261 31.43 -12.36 -7.96
C ALA A 261 30.19 -11.66 -8.53
N VAL A 262 29.85 -11.97 -9.77
CA VAL A 262 28.75 -11.38 -10.50
C VAL A 262 27.43 -11.67 -9.77
N GLN A 263 27.25 -12.88 -9.23
CA GLN A 263 26.02 -13.27 -8.58
C GLN A 263 25.91 -12.64 -7.20
N LYS A 264 27.05 -12.39 -6.55
CA LYS A 264 27.05 -11.68 -5.28
C LYS A 264 26.63 -10.24 -5.49
N LEU A 265 27.14 -9.61 -6.55
CA LEU A 265 26.74 -8.24 -6.93
C LEU A 265 25.24 -8.18 -7.23
N ARG A 266 24.78 -9.06 -8.14
CA ARG A 266 23.36 -9.17 -8.52
C ARG A 266 22.49 -9.30 -7.26
N ARG A 267 22.89 -10.16 -6.32
CA ARG A 267 22.12 -10.33 -5.08
C ARG A 267 21.98 -8.98 -4.33
N GLU A 268 23.07 -8.23 -4.22
CA GLU A 268 23.06 -6.98 -3.48
C GLU A 268 22.39 -5.88 -4.32
N VAL A 269 22.51 -5.96 -5.65
CA VAL A 269 21.87 -4.95 -6.54
C VAL A 269 20.34 -5.07 -6.39
N GLU A 270 19.82 -6.31 -6.42
CA GLU A 270 18.40 -6.56 -6.19
C GLU A 270 17.92 -5.94 -4.85
N LYS A 271 18.64 -6.17 -3.75
CA LYS A 271 18.24 -5.61 -2.44
C LYS A 271 18.26 -4.07 -2.49
N ALA A 272 19.30 -3.50 -3.10
CA ALA A 272 19.45 -2.09 -3.17
C ALA A 272 18.29 -1.48 -3.98
N LYS A 273 17.92 -2.11 -5.11
CA LYS A 273 16.81 -1.61 -5.90
C LYS A 273 15.56 -1.52 -5.02
N ARG A 274 15.30 -2.56 -4.23
CA ARG A 274 14.10 -2.58 -3.40
C ARG A 274 14.18 -1.44 -2.39
N ALA A 275 15.37 -1.25 -1.80
CA ALA A 275 15.59 -0.21 -0.79
C ALA A 275 15.31 1.19 -1.39
N LEU A 276 15.62 1.37 -2.67
CA LEU A 276 15.46 2.64 -3.34
C LEU A 276 13.99 2.99 -3.64
N SER A 277 13.07 2.09 -3.32
CA SER A 277 11.66 2.38 -3.46
C SER A 277 11.15 3.07 -2.19
N SER A 278 11.94 3.10 -1.11
CA SER A 278 11.51 3.73 0.15
CA SER A 278 11.54 3.66 0.20
C SER A 278 12.55 4.71 0.69
N GLN A 279 13.80 4.66 0.18
CA GLN A 279 14.93 5.55 0.51
C GLN A 279 15.49 6.14 -0.78
N HIS A 280 16.38 7.14 -0.65
CA HIS A 280 16.93 7.86 -1.82
C HIS A 280 18.38 7.48 -2.13
N GLN A 281 18.96 6.64 -1.28
CA GLN A 281 20.26 6.07 -1.53
C GLN A 281 20.31 4.69 -0.87
N ALA A 282 21.15 3.82 -1.42
CA ALA A 282 21.38 2.51 -0.83
C ALA A 282 22.85 2.14 -0.97
N ARG A 283 23.38 1.45 0.03
CA ARG A 283 24.77 1.04 0.00
C ARG A 283 24.80 -0.41 -0.52
N ILE A 284 25.75 -0.70 -1.41
CA ILE A 284 26.02 -2.06 -1.93
C ILE A 284 27.41 -2.47 -1.44
N GLU A 285 27.45 -3.49 -0.59
CA GLU A 285 28.70 -3.92 0.06
C GLU A 285 28.83 -5.43 -0.05
N ILE A 286 30.01 -5.87 -0.51
CA ILE A 286 30.37 -7.27 -0.64
C ILE A 286 31.79 -7.45 -0.10
N GLU A 287 31.87 -8.14 1.04
CA GLU A 287 33.08 -8.67 1.64
C GLU A 287 33.74 -9.67 0.68
N SER A 288 35.05 -9.50 0.47
CA SER A 288 35.88 -10.28 -0.49
C SER A 288 35.08 -10.59 -1.75
N PHE A 289 34.83 -9.53 -2.50
CA PHE A 289 34.08 -9.52 -3.71
C PHE A 289 34.88 -10.19 -4.82
N TYR A 290 36.15 -9.77 -4.97
CA TYR A 290 36.98 -10.21 -6.07
C TYR A 290 38.45 -10.19 -5.64
N GLU A 291 39.12 -11.33 -5.85
CA GLU A 291 40.53 -11.52 -5.53
C GLU A 291 40.86 -10.96 -4.13
N GLY A 292 39.95 -11.16 -3.18
CA GLY A 292 40.15 -10.78 -1.77
C GLY A 292 39.71 -9.36 -1.42
N GLU A 293 39.40 -8.54 -2.44
CA GLU A 293 39.11 -7.11 -2.26
C GLU A 293 37.60 -6.90 -2.02
N ASP A 294 37.29 -5.84 -1.27
CA ASP A 294 35.93 -5.50 -0.87
C ASP A 294 35.31 -4.65 -1.98
N PHE A 295 33.99 -4.83 -2.16
CA PHE A 295 33.16 -3.94 -2.95
C PHE A 295 32.36 -3.09 -1.97
N SER A 296 32.39 -1.77 -2.18
CA SER A 296 31.59 -0.86 -1.39
C SER A 296 31.24 0.36 -2.24
N GLU A 297 29.95 0.50 -2.60
CA GLU A 297 29.49 1.60 -3.45
C GLU A 297 28.08 1.98 -3.02
N THR A 298 27.71 3.22 -3.35
CA THR A 298 26.39 3.69 -3.04
C THR A 298 25.64 3.85 -4.35
N LEU A 299 24.34 3.58 -4.33
CA LEU A 299 23.51 3.87 -5.48
C LEU A 299 22.36 4.79 -5.03
N THR A 300 22.19 5.88 -5.78
CA THR A 300 21.17 6.86 -5.50
C THR A 300 19.91 6.48 -6.29
N ARG A 301 18.74 6.92 -5.81
CA ARG A 301 17.51 6.74 -6.58
C ARG A 301 17.64 7.47 -7.92
N ALA A 302 18.20 8.69 -7.91
CA ALA A 302 18.38 9.44 -9.14
C ALA A 302 19.15 8.58 -10.17
N LYS A 303 20.21 7.92 -9.70
CA LYS A 303 21.10 7.19 -10.60
C LYS A 303 20.37 5.94 -11.13
N PHE A 304 19.69 5.25 -10.23
CA PHE A 304 18.85 4.10 -10.56
C PHE A 304 17.86 4.48 -11.66
N GLU A 305 17.23 5.65 -11.50
CA GLU A 305 16.26 6.13 -12.45
C GLU A 305 16.95 6.41 -13.79
N GLU A 306 18.11 7.09 -13.74
CA GLU A 306 18.80 7.48 -14.97
C GLU A 306 19.22 6.22 -15.75
N LEU A 307 19.69 5.20 -15.05
CA LEU A 307 20.18 3.98 -15.69
C LEU A 307 19.04 3.25 -16.40
N ASN A 308 17.80 3.48 -15.94
CA ASN A 308 16.64 2.74 -16.45
C ASN A 308 15.64 3.66 -17.14
N MET A 309 16.07 4.88 -17.50
CA MET A 309 15.12 5.97 -17.87
C MET A 309 14.31 5.57 -19.12
N ASP A 310 14.98 4.98 -20.11
CA ASP A 310 14.33 4.61 -21.32
C ASP A 310 13.32 3.48 -21.04
N LEU A 311 13.72 2.52 -20.18
CA LEU A 311 12.86 1.38 -19.89
C LEU A 311 11.56 1.83 -19.20
N PHE A 312 11.67 2.65 -18.16
CA PHE A 312 10.49 3.14 -17.42
C PHE A 312 9.55 3.92 -18.37
N ARG A 313 10.13 4.81 -19.18
CA ARG A 313 9.36 5.60 -20.14
C ARG A 313 8.60 4.68 -21.12
N SER A 314 9.22 3.60 -21.58
CA SER A 314 8.60 2.70 -22.56
C SER A 314 7.31 2.05 -22.04
N THR A 315 7.06 2.04 -20.72
CA THR A 315 5.87 1.42 -20.19
C THR A 315 4.63 2.23 -20.55
N MET A 316 4.78 3.54 -20.88
CA MET A 316 3.65 4.39 -21.25
C MET A 316 3.10 4.01 -22.64
N LYS A 317 3.92 3.40 -23.50
CA LYS A 317 3.46 3.15 -24.86
C LYS A 317 2.32 2.14 -24.84
N PRO A 318 2.44 0.99 -24.15
CA PRO A 318 1.29 0.10 -24.00
C PRO A 318 0.02 0.74 -23.44
N VAL A 319 0.16 1.66 -22.47
CA VAL A 319 -0.99 2.34 -21.94
C VAL A 319 -1.67 3.08 -23.09
N GLN A 320 -0.89 3.79 -23.89
CA GLN A 320 -1.47 4.58 -25.02
C GLN A 320 -2.12 3.67 -26.06
N LYS A 321 -1.53 2.48 -26.31
CA LYS A 321 -2.11 1.54 -27.29
C LYS A 321 -3.47 1.01 -26.81
N VAL A 322 -3.56 0.67 -25.53
N VAL A 322 -3.58 0.66 -25.53
CA VAL A 322 -4.77 0.08 -25.00
CA VAL A 322 -4.83 0.07 -25.05
C VAL A 322 -5.89 1.13 -25.03
C VAL A 322 -5.92 1.14 -25.04
N LEU A 323 -5.57 2.39 -24.70
CA LEU A 323 -6.57 3.46 -24.70
C LEU A 323 -7.08 3.71 -26.13
N GLU A 324 -6.15 3.72 -27.10
CA GLU A 324 -6.50 3.89 -28.52
C GLU A 324 -7.35 2.71 -29.03
N ASP A 325 -6.89 1.48 -28.81
CA ASP A 325 -7.65 0.31 -29.29
C ASP A 325 -9.02 0.21 -28.60
N SER A 326 -9.17 0.70 -27.36
N SER A 326 -9.13 0.75 -27.37
CA SER A 326 -10.44 0.64 -26.65
CA SER A 326 -10.35 0.74 -26.52
C SER A 326 -11.38 1.77 -27.09
C SER A 326 -11.29 1.91 -26.86
N ASP A 327 -10.83 2.80 -27.75
CA ASP A 327 -11.58 3.99 -28.19
C ASP A 327 -12.01 4.79 -26.96
N LEU A 328 -11.21 4.79 -25.90
CA LEU A 328 -11.53 5.55 -24.71
C LEU A 328 -10.46 6.61 -24.53
N LYS A 329 -10.73 7.49 -23.57
CA LYS A 329 -9.78 8.47 -23.20
C LYS A 329 -9.50 8.31 -21.71
N LYS A 330 -8.53 9.10 -21.25
CA LYS A 330 -7.98 9.05 -19.91
C LYS A 330 -9.07 9.18 -18.86
N SER A 331 -10.00 10.12 -19.06
CA SER A 331 -10.99 10.45 -18.05
C SER A 331 -12.04 9.35 -17.93
N ASP A 332 -12.14 8.48 -18.93
CA ASP A 332 -13.04 7.35 -18.92
C ASP A 332 -12.56 6.27 -17.94
N ILE A 333 -11.28 6.34 -17.48
CA ILE A 333 -10.71 5.30 -16.58
C ILE A 333 -11.13 5.60 -15.13
N ASP A 334 -11.86 4.65 -14.51
CA ASP A 334 -12.40 4.84 -13.14
C ASP A 334 -11.39 4.45 -12.07
N GLU A 335 -10.60 3.40 -12.34
CA GLU A 335 -9.56 2.91 -11.42
C GLU A 335 -8.32 2.47 -12.21
N ILE A 336 -7.15 2.77 -11.64
CA ILE A 336 -5.87 2.30 -12.05
C ILE A 336 -5.39 1.26 -11.03
N VAL A 337 -5.19 0.03 -11.49
CA VAL A 337 -4.75 -1.06 -10.62
C VAL A 337 -3.30 -1.44 -10.93
N LEU A 338 -2.41 -1.20 -9.97
CA LEU A 338 -0.98 -1.54 -10.13
C LEU A 338 -0.73 -2.95 -9.58
N VAL A 339 -0.15 -3.83 -10.41
CA VAL A 339 0.23 -5.15 -9.90
C VAL A 339 1.58 -5.53 -10.48
N GLY A 340 2.17 -6.55 -9.84
CA GLY A 340 3.55 -6.89 -10.08
C GLY A 340 4.46 -6.07 -9.19
N GLY A 341 5.50 -6.73 -8.70
CA GLY A 341 6.33 -6.16 -7.68
C GLY A 341 7.07 -4.90 -8.09
N SER A 342 7.36 -4.75 -9.39
CA SER A 342 8.07 -3.57 -9.86
C SER A 342 7.22 -2.29 -9.80
N THR A 343 5.90 -2.38 -9.62
CA THR A 343 5.03 -1.17 -9.55
C THR A 343 5.33 -0.43 -8.25
N ARG A 344 6.12 -1.05 -7.38
CA ARG A 344 6.59 -0.40 -6.17
C ARG A 344 7.57 0.76 -6.51
N ILE A 345 8.17 0.74 -7.71
CA ILE A 345 9.21 1.72 -8.05
C ILE A 345 8.58 3.11 -8.10
N PRO A 346 9.08 4.10 -7.33
CA PRO A 346 8.46 5.44 -7.31
C PRO A 346 8.36 6.12 -8.68
N LYS A 347 9.39 6.02 -9.54
CA LYS A 347 9.33 6.63 -10.86
C LYS A 347 8.20 6.03 -11.71
N ILE A 348 7.94 4.73 -11.59
CA ILE A 348 6.87 4.07 -12.33
C ILE A 348 5.51 4.62 -11.86
N GLN A 349 5.27 4.62 -10.55
CA GLN A 349 4.04 5.16 -9.99
C GLN A 349 3.85 6.61 -10.47
N GLN A 350 4.93 7.40 -10.50
CA GLN A 350 4.87 8.82 -10.90
C GLN A 350 4.50 8.97 -12.38
N LEU A 351 5.11 8.17 -13.26
CA LEU A 351 4.80 8.22 -14.69
C LEU A 351 3.33 7.89 -14.92
N VAL A 352 2.81 6.86 -14.23
CA VAL A 352 1.41 6.45 -14.40
C VAL A 352 0.48 7.57 -13.88
N LYS A 353 0.76 8.09 -12.69
CA LYS A 353 -0.09 9.14 -12.06
C LYS A 353 -0.07 10.41 -12.91
N GLU A 354 1.11 10.81 -13.40
CA GLU A 354 1.24 11.97 -14.29
C GLU A 354 0.46 11.74 -15.60
N PHE A 355 0.57 10.53 -16.19
CA PHE A 355 -0.12 10.20 -17.42
C PHE A 355 -1.64 10.38 -17.24
N PHE A 356 -2.14 9.98 -16.08
CA PHE A 356 -3.58 10.11 -15.73
C PHE A 356 -3.86 11.40 -14.93
N ASN A 357 -3.02 12.42 -15.10
CA ASN A 357 -3.31 13.82 -14.63
C ASN A 357 -3.58 13.86 -13.13
N GLY A 358 -2.80 13.11 -12.33
CA GLY A 358 -2.83 13.19 -10.87
C GLY A 358 -3.70 12.14 -10.18
N LYS A 359 -4.31 11.24 -10.92
CA LYS A 359 -5.20 10.25 -10.32
C LYS A 359 -4.40 9.26 -9.44
N GLU A 360 -4.87 9.01 -8.22
CA GLU A 360 -4.32 7.99 -7.28
C GLU A 360 -4.66 6.60 -7.81
N PRO A 361 -3.72 5.62 -7.70
CA PRO A 361 -4.04 4.23 -7.98
C PRO A 361 -4.97 3.67 -6.92
N SER A 362 -5.65 2.57 -7.29
CA SER A 362 -6.52 1.80 -6.41
C SER A 362 -5.68 1.27 -5.24
N ARG A 363 -6.22 1.42 -4.02
CA ARG A 363 -5.48 1.17 -2.76
C ARG A 363 -5.82 -0.21 -2.22
N GLY A 364 -4.91 -0.74 -1.41
CA GLY A 364 -5.07 -2.01 -0.68
C GLY A 364 -4.80 -3.24 -1.53
N ILE A 365 -4.23 -3.10 -2.75
CA ILE A 365 -3.95 -4.29 -3.62
C ILE A 365 -2.48 -4.73 -3.46
N ASN A 366 -2.22 -5.90 -2.89
CA ASN A 366 -0.84 -6.36 -2.73
C ASN A 366 -0.31 -6.70 -4.13
N PRO A 367 0.69 -5.94 -4.64
CA PRO A 367 1.12 -6.12 -6.02
C PRO A 367 1.78 -7.49 -6.28
N ASP A 368 2.31 -8.14 -5.24
CA ASP A 368 2.96 -9.46 -5.44
C ASP A 368 1.94 -10.60 -5.42
N GLU A 369 0.75 -10.37 -4.86
CA GLU A 369 -0.19 -11.47 -4.63
C GLU A 369 -1.50 -11.29 -5.42
N ALA A 370 -1.79 -10.10 -5.97
CA ALA A 370 -3.11 -9.86 -6.59
C ALA A 370 -3.36 -10.88 -7.71
N VAL A 371 -2.32 -11.22 -8.49
CA VAL A 371 -2.53 -12.08 -9.62
C VAL A 371 -2.95 -13.49 -9.16
N ALA A 372 -2.21 -14.05 -8.18
CA ALA A 372 -2.57 -15.36 -7.63
C ALA A 372 -3.99 -15.33 -7.04
N TYR A 373 -4.31 -14.25 -6.35
CA TYR A 373 -5.61 -14.09 -5.74
C TYR A 373 -6.72 -14.30 -6.79
N GLY A 374 -6.62 -13.62 -7.93
CA GLY A 374 -7.59 -13.75 -9.00
C GLY A 374 -7.62 -15.14 -9.57
N ALA A 375 -6.44 -15.76 -9.74
CA ALA A 375 -6.33 -17.10 -10.29
C ALA A 375 -7.09 -18.08 -9.37
N ALA A 376 -6.96 -17.89 -8.08
CA ALA A 376 -7.57 -18.75 -7.05
C ALA A 376 -9.09 -18.60 -7.11
N VAL A 377 -9.57 -17.37 -7.34
CA VAL A 377 -11.01 -17.13 -7.55
C VAL A 377 -11.49 -17.89 -8.79
N GLN A 378 -10.84 -17.73 -9.95
CA GLN A 378 -11.27 -18.47 -11.15
C GLN A 378 -11.23 -19.98 -10.87
N ALA A 379 -10.19 -20.44 -10.17
CA ALA A 379 -10.06 -21.87 -9.83
C ALA A 379 -11.21 -22.33 -8.91
N GLY A 380 -11.58 -21.50 -7.93
CA GLY A 380 -12.75 -21.73 -7.06
C GLY A 380 -14.03 -21.95 -7.86
N VAL A 381 -14.27 -21.06 -8.83
CA VAL A 381 -15.37 -21.14 -9.79
C VAL A 381 -15.33 -22.47 -10.58
N LEU A 382 -14.15 -22.88 -11.03
CA LEU A 382 -14.06 -24.07 -11.92
C LEU A 382 -14.21 -25.36 -11.10
N SER A 383 -13.93 -25.27 -9.82
CA SER A 383 -14.18 -26.31 -8.83
C SER A 383 -15.67 -26.71 -8.81
N GLY A 384 -16.55 -25.71 -8.86
CA GLY A 384 -17.97 -25.93 -8.81
C GLY A 384 -18.55 -25.59 -7.44
N ASP A 385 -17.86 -25.97 -6.37
CA ASP A 385 -18.48 -26.17 -5.05
C ASP A 385 -18.13 -25.01 -4.10
N GLN A 386 -17.89 -23.81 -4.67
CA GLN A 386 -17.37 -22.67 -3.90
C GLN A 386 -18.42 -21.54 -3.81
N ASP A 387 -18.25 -20.72 -2.76
CA ASP A 387 -19.08 -19.55 -2.42
C ASP A 387 -18.48 -18.26 -3.04
N THR A 388 -18.20 -18.30 -4.36
CA THR A 388 -17.38 -17.27 -5.08
C THR A 388 -18.19 -16.02 -5.47
N GLY A 389 -19.49 -16.20 -5.75
CA GLY A 389 -20.32 -15.28 -6.55
C GLY A 389 -20.36 -15.72 -8.00
N ASP A 390 -21.12 -14.99 -8.85
CA ASP A 390 -21.10 -15.24 -10.28
C ASP A 390 -19.91 -14.47 -10.88
N LEU A 391 -19.17 -15.15 -11.76
CA LEU A 391 -17.97 -14.63 -12.35
C LEU A 391 -17.99 -15.03 -13.82
N VAL A 392 -18.06 -14.02 -14.70
CA VAL A 392 -18.09 -14.17 -16.18
C VAL A 392 -16.90 -13.38 -16.78
N LEU A 393 -15.93 -14.10 -17.37
CA LEU A 393 -14.77 -13.53 -18.01
C LEU A 393 -14.94 -13.62 -19.53
N LEU A 394 -14.66 -12.47 -20.18
CA LEU A 394 -14.46 -12.42 -21.61
C LEU A 394 -13.08 -11.77 -21.86
N ASP A 395 -12.13 -12.60 -22.31
CA ASP A 395 -10.77 -12.13 -22.54
C ASP A 395 -10.53 -12.18 -24.04
N VAL A 396 -9.34 -11.72 -24.46
CA VAL A 396 -9.07 -11.41 -25.86
C VAL A 396 -7.72 -12.03 -26.23
N CYS A 397 -7.50 -12.19 -27.54
CA CYS A 397 -6.23 -12.55 -28.06
C CYS A 397 -5.39 -11.28 -28.14
N PRO A 398 -4.08 -11.39 -27.83
CA PRO A 398 -3.20 -10.22 -27.83
C PRO A 398 -2.61 -9.76 -29.18
N LEU A 399 -2.55 -10.68 -30.13
CA LEU A 399 -1.84 -10.49 -31.37
C LEU A 399 -2.77 -10.81 -32.53
N THR A 400 -2.70 -9.96 -33.56
CA THR A 400 -3.33 -10.24 -34.83
C THR A 400 -2.72 -11.54 -35.40
N LEU A 401 -3.59 -12.46 -35.80
CA LEU A 401 -3.15 -13.63 -36.50
C LEU A 401 -3.40 -13.40 -37.99
N GLY A 402 -2.42 -13.79 -38.79
CA GLY A 402 -2.56 -13.86 -40.21
C GLY A 402 -1.93 -15.13 -40.78
N ILE A 403 -2.29 -15.47 -42.02
CA ILE A 403 -1.85 -16.66 -42.70
C ILE A 403 -1.17 -16.30 -44.03
N GLU A 404 -0.15 -17.10 -44.32
CA GLU A 404 0.51 -17.14 -45.61
C GLU A 404 0.34 -18.55 -46.19
N THR A 405 -0.42 -18.65 -47.27
CA THR A 405 -0.63 -19.89 -48.02
C THR A 405 0.32 -19.93 -49.20
N VAL A 406 1.24 -20.90 -49.22
CA VAL A 406 2.19 -20.96 -50.32
C VAL A 406 1.40 -21.23 -51.61
N GLY A 407 1.57 -20.36 -52.60
CA GLY A 407 0.82 -20.42 -53.85
C GLY A 407 -0.57 -19.82 -53.71
N GLY A 408 -0.81 -19.09 -52.62
CA GLY A 408 -2.12 -18.54 -52.31
C GLY A 408 -2.07 -17.11 -51.79
N VAL A 409 -3.17 -16.70 -51.16
N VAL A 409 -3.18 -16.70 -51.18
CA VAL A 409 -3.30 -15.34 -50.62
CA VAL A 409 -3.29 -15.39 -50.59
C VAL A 409 -2.69 -15.30 -49.21
C VAL A 409 -2.51 -15.41 -49.26
N MET A 410 -1.87 -14.26 -48.96
CA MET A 410 -1.49 -13.88 -47.61
C MET A 410 -2.62 -12.99 -47.09
N THR A 411 -3.10 -13.22 -45.87
CA THR A 411 -4.26 -12.47 -45.38
C THR A 411 -4.31 -12.44 -43.84
N LYS A 412 -4.78 -11.31 -43.33
CA LYS A 412 -5.09 -11.15 -41.95
C LYS A 412 -6.30 -12.02 -41.65
N LEU A 413 -6.33 -12.62 -40.46
CA LEU A 413 -7.33 -13.64 -40.17
C LEU A 413 -8.14 -13.25 -38.94
N ILE A 414 -7.45 -12.92 -37.84
CA ILE A 414 -8.13 -12.57 -36.58
C ILE A 414 -7.40 -11.39 -35.97
N PRO A 415 -8.02 -10.19 -35.90
CA PRO A 415 -7.39 -9.02 -35.28
C PRO A 415 -7.11 -9.23 -33.80
N ARG A 416 -6.06 -8.60 -33.30
CA ARG A 416 -5.78 -8.38 -31.90
C ARG A 416 -7.02 -7.82 -31.21
N ASN A 417 -7.14 -8.14 -29.90
CA ASN A 417 -8.24 -7.73 -29.09
C ASN A 417 -9.58 -8.35 -29.55
N THR A 418 -9.55 -9.47 -30.30
CA THR A 418 -10.77 -10.25 -30.55
C THR A 418 -11.06 -11.13 -29.32
N VAL A 419 -12.33 -11.12 -28.88
N VAL A 419 -12.33 -11.14 -28.90
CA VAL A 419 -12.80 -11.95 -27.75
CA VAL A 419 -12.80 -11.96 -27.79
C VAL A 419 -12.64 -13.42 -28.15
C VAL A 419 -12.61 -13.43 -28.18
N VAL A 420 -12.04 -14.22 -27.26
CA VAL A 420 -11.89 -15.65 -27.44
C VAL A 420 -12.88 -16.36 -26.52
N PRO A 421 -13.28 -17.59 -26.89
CA PRO A 421 -12.85 -18.29 -28.09
C PRO A 421 -13.41 -17.62 -29.36
N THR A 422 -12.72 -17.80 -30.48
CA THR A 422 -13.14 -17.27 -31.74
C THR A 422 -12.58 -18.19 -32.82
N LYS A 423 -13.18 -18.18 -34.01
CA LYS A 423 -12.59 -18.93 -35.09
C LYS A 423 -12.86 -18.24 -36.43
N LYS A 424 -12.09 -18.65 -37.41
CA LYS A 424 -12.17 -18.20 -38.77
C LYS A 424 -11.78 -19.39 -39.63
N SER A 425 -12.50 -19.58 -40.75
CA SER A 425 -12.25 -20.71 -41.64
C SER A 425 -11.84 -20.18 -43.01
N GLN A 426 -11.09 -21.00 -43.76
CA GLN A 426 -10.67 -20.69 -45.12
C GLN A 426 -10.81 -21.95 -45.98
N ILE A 427 -11.38 -21.79 -47.19
CA ILE A 427 -11.51 -22.93 -48.12
C ILE A 427 -10.30 -22.93 -49.05
N PHE A 428 -9.71 -24.12 -49.23
CA PHE A 428 -8.62 -24.32 -50.17
C PHE A 428 -9.10 -25.30 -51.24
N SER A 429 -9.07 -24.82 -52.49
CA SER A 429 -9.60 -25.51 -53.67
C SER A 429 -8.45 -25.90 -54.61
N VAL A 430 -7.23 -25.94 -54.07
CA VAL A 430 -6.03 -26.17 -54.84
C VAL A 430 -5.81 -27.69 -55.01
N GLY A 431 -6.02 -28.45 -53.93
CA GLY A 431 -5.66 -29.87 -53.91
C GLY A 431 -4.17 -30.04 -54.05
N GLY A 432 -3.70 -31.29 -53.91
CA GLY A 432 -2.27 -31.61 -53.79
C GLY A 432 -1.80 -31.44 -52.34
N THR A 433 -0.74 -30.65 -52.14
CA THR A 433 -0.29 -30.23 -50.81
C THR A 433 -0.60 -28.74 -50.61
N VAL A 434 -1.04 -28.41 -49.40
CA VAL A 434 -1.28 -27.04 -49.02
C VAL A 434 -0.47 -26.79 -47.74
N THR A 435 0.44 -25.82 -47.80
CA THR A 435 1.27 -25.39 -46.68
C THR A 435 0.85 -23.99 -46.22
N ILE A 436 0.43 -23.89 -44.95
CA ILE A 436 -0.07 -22.61 -44.41
C ILE A 436 0.85 -22.17 -43.25
N LYS A 437 1.41 -20.96 -43.35
CA LYS A 437 2.16 -20.38 -42.26
C LYS A 437 1.26 -19.37 -41.54
N VAL A 438 1.31 -19.41 -40.21
CA VAL A 438 0.52 -18.52 -39.31
C VAL A 438 1.48 -17.55 -38.63
N TYR A 439 1.13 -16.26 -38.64
CA TYR A 439 1.96 -15.23 -38.07
C TYR A 439 1.17 -14.44 -37.01
N GLU A 440 1.90 -13.96 -36.00
CA GLU A 440 1.39 -13.23 -34.85
C GLU A 440 2.01 -11.83 -34.76
N GLY A 441 1.18 -10.78 -34.87
CA GLY A 441 1.69 -9.40 -34.72
C GLY A 441 0.99 -8.42 -35.65
N GLU A 442 1.38 -7.15 -35.55
CA GLU A 442 0.59 -6.03 -36.03
C GLU A 442 1.22 -5.36 -37.27
N ARG A 443 2.36 -5.83 -37.76
CA ARG A 443 2.92 -5.32 -39.00
C ARG A 443 2.00 -5.64 -40.17
N PRO A 444 1.80 -4.66 -41.09
CA PRO A 444 0.84 -4.77 -42.17
C PRO A 444 1.12 -5.89 -43.19
N LEU A 445 2.38 -6.22 -43.46
CA LEU A 445 2.69 -7.44 -44.23
C LEU A 445 2.72 -8.63 -43.26
N THR A 446 1.82 -9.58 -43.49
CA THR A 446 1.55 -10.61 -42.53
C THR A 446 2.85 -11.33 -42.12
N LYS A 447 3.66 -11.71 -43.11
CA LYS A 447 4.82 -12.53 -42.89
C LYS A 447 5.99 -11.72 -42.28
N ASP A 448 5.86 -10.41 -42.09
CA ASP A 448 6.87 -9.67 -41.35
C ASP A 448 6.67 -9.86 -39.82
N ASN A 449 5.66 -10.60 -39.40
CA ASN A 449 5.34 -10.74 -37.97
C ASN A 449 5.98 -12.03 -37.46
N HIS A 450 5.68 -12.40 -36.22
CA HIS A 450 6.30 -13.56 -35.59
C HIS A 450 5.64 -14.84 -36.11
N LEU A 451 6.47 -15.80 -36.53
CA LEU A 451 5.99 -17.05 -37.07
C LEU A 451 5.45 -17.90 -35.92
N LEU A 452 4.14 -18.15 -35.92
CA LEU A 452 3.52 -19.04 -34.94
C LEU A 452 3.80 -20.50 -35.34
N GLY A 453 3.64 -20.81 -36.63
CA GLY A 453 3.80 -22.18 -37.04
C GLY A 453 3.51 -22.36 -38.51
N THR A 454 3.94 -23.52 -39.03
CA THR A 454 3.71 -24.01 -40.39
C THR A 454 2.86 -25.29 -40.34
N PHE A 455 1.79 -25.34 -41.15
CA PHE A 455 0.79 -26.41 -41.13
C PHE A 455 0.59 -26.95 -42.56
N ASP A 456 0.79 -28.28 -42.72
CA ASP A 456 0.61 -28.93 -44.03
C ASP A 456 -0.65 -29.82 -44.01
N LEU A 457 -1.48 -29.58 -45.04
CA LEU A 457 -2.56 -30.46 -45.45
C LEU A 457 -2.02 -31.36 -46.54
N THR A 458 -1.94 -32.66 -46.25
CA THR A 458 -1.16 -33.60 -47.04
C THR A 458 -2.09 -34.45 -47.92
N GLY A 459 -3.01 -35.17 -47.27
CA GLY A 459 -3.87 -36.15 -47.93
C GLY A 459 -5.19 -35.55 -48.41
N ILE A 460 -5.24 -35.15 -49.68
CA ILE A 460 -6.49 -34.75 -50.34
C ILE A 460 -6.75 -35.74 -51.47
N PRO A 461 -7.73 -36.66 -51.32
CA PRO A 461 -8.00 -37.68 -52.34
C PRO A 461 -8.77 -37.10 -53.53
N PRO A 462 -8.81 -37.79 -54.69
CA PRO A 462 -9.49 -37.27 -55.88
C PRO A 462 -11.02 -37.27 -55.73
N ALA A 463 -11.67 -36.29 -56.36
CA ALA A 463 -13.13 -36.09 -56.32
C ALA A 463 -13.67 -36.10 -57.75
N PRO A 464 -13.91 -37.28 -58.37
CA PRO A 464 -14.42 -37.35 -59.74
C PRO A 464 -15.83 -36.76 -59.91
N ARG A 465 -15.89 -35.52 -60.42
CA ARG A 465 -17.13 -34.79 -60.74
C ARG A 465 -17.32 -33.61 -59.78
N GLY A 466 -16.68 -33.67 -58.60
CA GLY A 466 -16.76 -32.62 -57.57
C GLY A 466 -15.49 -31.78 -57.50
N VAL A 467 -15.55 -30.71 -56.72
CA VAL A 467 -14.47 -29.72 -56.57
C VAL A 467 -13.64 -30.10 -55.33
N PRO A 468 -12.28 -30.06 -55.39
CA PRO A 468 -11.45 -30.10 -54.18
C PRO A 468 -11.80 -28.94 -53.23
N GLN A 469 -12.37 -29.28 -52.07
CA GLN A 469 -12.93 -28.30 -51.13
C GLN A 469 -12.55 -28.69 -49.69
N ILE A 470 -11.32 -28.35 -49.28
CA ILE A 470 -10.86 -28.52 -47.91
C ILE A 470 -11.14 -27.24 -47.12
N GLU A 471 -11.87 -27.35 -46.01
CA GLU A 471 -12.10 -26.20 -45.14
C GLU A 471 -11.15 -26.26 -43.93
N VAL A 472 -10.26 -25.27 -43.82
CA VAL A 472 -9.37 -25.17 -42.67
C VAL A 472 -9.95 -24.16 -41.68
N THR A 473 -10.02 -24.58 -40.42
CA THR A 473 -10.51 -23.76 -39.34
C THR A 473 -9.35 -23.43 -38.39
N PHE A 474 -9.24 -22.15 -38.05
CA PHE A 474 -8.29 -21.61 -37.09
C PHE A 474 -9.09 -21.15 -35.88
N GLU A 475 -8.96 -21.86 -34.76
CA GLU A 475 -9.72 -21.54 -33.58
C GLU A 475 -8.80 -21.15 -32.42
N ILE A 476 -9.04 -19.99 -31.81
CA ILE A 476 -8.37 -19.66 -30.56
C ILE A 476 -9.32 -20.02 -29.42
N ASP A 477 -8.85 -20.94 -28.53
CA ASP A 477 -9.63 -21.50 -27.44
C ASP A 477 -9.59 -20.55 -26.22
N VAL A 478 -10.27 -20.95 -25.15
CA VAL A 478 -10.47 -20.08 -24.01
C VAL A 478 -9.13 -19.87 -23.26
N ASN A 479 -8.11 -20.65 -23.61
CA ASN A 479 -6.77 -20.51 -23.06
C ASN A 479 -5.93 -19.57 -23.91
N GLY A 480 -6.47 -19.06 -25.02
CA GLY A 480 -5.74 -18.12 -25.86
C GLY A 480 -4.86 -18.84 -26.88
N ILE A 481 -5.05 -20.17 -27.04
CA ILE A 481 -4.14 -21.09 -27.80
C ILE A 481 -4.86 -21.52 -29.08
N LEU A 482 -4.09 -21.60 -30.17
CA LEU A 482 -4.66 -21.83 -31.49
C LEU A 482 -4.73 -23.33 -31.76
N ARG A 483 -5.86 -23.80 -32.34
CA ARG A 483 -5.96 -25.12 -32.94
C ARG A 483 -6.37 -24.98 -34.41
N VAL A 484 -5.63 -25.66 -35.27
CA VAL A 484 -5.85 -25.68 -36.68
C VAL A 484 -6.42 -27.04 -37.06
N THR A 485 -7.61 -27.03 -37.67
CA THR A 485 -8.31 -28.27 -38.05
C THR A 485 -8.68 -28.17 -39.54
N ALA A 486 -8.93 -29.33 -40.13
CA ALA A 486 -9.28 -29.40 -41.52
C ALA A 486 -10.36 -30.47 -41.72
N GLU A 487 -11.33 -30.14 -42.57
CA GLU A 487 -12.45 -31.03 -42.90
C GLU A 487 -12.73 -30.93 -44.41
N ASP A 488 -13.00 -32.10 -45.01
CA ASP A 488 -13.32 -32.24 -46.43
C ASP A 488 -14.82 -31.96 -46.59
N LYS A 489 -15.16 -30.89 -47.33
CA LYS A 489 -16.54 -30.39 -47.46
C LYS A 489 -17.22 -30.94 -48.73
N GLY A 490 -16.44 -31.36 -49.72
CA GLY A 490 -16.95 -31.90 -50.99
C GLY A 490 -17.56 -33.31 -50.85
N THR A 491 -17.17 -34.04 -49.80
CA THR A 491 -17.52 -35.47 -49.63
C THR A 491 -18.90 -35.60 -48.96
N GLY A 492 -19.08 -34.96 -47.80
CA GLY A 492 -20.22 -35.16 -46.91
C GLY A 492 -19.77 -35.54 -45.52
N ASN A 493 -18.70 -36.34 -45.45
CA ASN A 493 -17.98 -36.74 -44.22
C ASN A 493 -17.58 -35.48 -43.42
N LYS A 494 -17.60 -35.60 -42.08
CA LYS A 494 -17.51 -34.47 -41.13
C LYS A 494 -16.23 -34.58 -40.29
N ASN A 495 -15.19 -35.20 -40.86
CA ASN A 495 -13.97 -35.59 -40.14
C ASN A 495 -13.08 -34.36 -39.90
N LYS A 496 -13.22 -33.75 -38.72
CA LYS A 496 -12.41 -32.58 -38.30
C LYS A 496 -11.04 -33.07 -37.82
N ILE A 497 -10.11 -33.21 -38.76
CA ILE A 497 -8.74 -33.62 -38.49
C ILE A 497 -7.99 -32.40 -37.91
N THR A 498 -7.28 -32.59 -36.78
CA THR A 498 -6.34 -31.60 -36.24
C THR A 498 -5.01 -31.66 -37.03
N ILE A 499 -4.61 -30.51 -37.59
CA ILE A 499 -3.32 -30.38 -38.29
C ILE A 499 -2.28 -29.97 -37.24
N THR A 500 -1.14 -30.68 -37.25
N THR A 500 -1.13 -30.67 -37.31
CA THR A 500 -0.12 -30.49 -36.22
CA THR A 500 -0.04 -30.56 -36.35
C THR A 500 0.91 -29.46 -36.70
C THR A 500 0.90 -29.42 -36.75
N ASN A 501 1.31 -28.60 -35.76
CA ASN A 501 2.28 -27.52 -36.00
C ASN A 501 3.66 -28.15 -36.23
N ASP A 502 4.27 -27.90 -37.40
CA ASP A 502 5.65 -28.37 -37.74
C ASP A 502 6.75 -27.61 -36.99
N GLN A 503 6.39 -26.64 -36.14
CA GLN A 503 7.35 -25.89 -35.35
C GLN A 503 7.44 -26.59 -33.98
N ASN A 504 7.91 -27.85 -34.05
CA ASN A 504 8.23 -28.79 -32.95
C ASN A 504 7.66 -28.33 -31.60
N ARG A 505 6.37 -28.54 -31.38
CA ARG A 505 5.81 -28.50 -30.02
C ARG A 505 6.06 -29.88 -29.41
N LEU A 506 6.06 -29.96 -28.07
CA LEU A 506 6.25 -31.23 -27.39
C LEU A 506 5.06 -32.16 -27.74
N THR A 507 5.35 -33.37 -28.24
CA THR A 507 4.31 -34.39 -28.51
C THR A 507 3.81 -34.97 -27.19
N PRO A 508 2.62 -35.62 -27.13
CA PRO A 508 2.19 -36.28 -25.89
C PRO A 508 3.18 -37.32 -25.33
N GLU A 509 3.91 -38.02 -26.22
CA GLU A 509 4.92 -39.02 -25.88
C GLU A 509 6.08 -38.34 -25.13
N GLU A 510 6.59 -37.23 -25.68
CA GLU A 510 7.72 -36.46 -25.09
C GLU A 510 7.33 -35.87 -23.72
N ILE A 511 6.12 -35.33 -23.63
CA ILE A 511 5.60 -34.79 -22.43
C ILE A 511 5.57 -35.89 -21.35
N GLU A 512 5.11 -37.09 -21.69
CA GLU A 512 4.96 -38.16 -20.73
C GLU A 512 6.33 -38.60 -20.19
N ARG A 513 7.36 -38.65 -21.03
CA ARG A 513 8.73 -38.95 -20.55
C ARG A 513 9.22 -37.84 -19.58
N MET A 514 8.92 -36.57 -19.88
CA MET A 514 9.25 -35.52 -18.94
C MET A 514 8.45 -35.67 -17.64
N VAL A 515 7.15 -36.05 -17.73
CA VAL A 515 6.39 -36.35 -16.56
C VAL A 515 7.11 -37.44 -15.73
N ASN A 516 7.54 -38.51 -16.38
CA ASN A 516 8.16 -39.63 -15.66
C ASN A 516 9.43 -39.16 -14.94
N ASP A 517 10.24 -38.32 -15.60
CA ASP A 517 11.46 -37.76 -14.99
C ASP A 517 11.06 -36.91 -13.79
N ALA A 518 10.00 -36.06 -13.93
CA ALA A 518 9.57 -35.20 -12.82
C ALA A 518 9.11 -36.07 -11.64
N GLU A 519 8.36 -37.12 -11.94
CA GLU A 519 7.82 -38.02 -10.91
C GLU A 519 8.94 -38.71 -10.11
N LYS A 520 10.10 -38.93 -10.74
CA LYS A 520 11.24 -39.56 -10.09
C LYS A 520 11.77 -38.62 -9.00
N PHE A 521 11.90 -37.33 -9.35
CA PHE A 521 12.31 -36.33 -8.35
C PHE A 521 11.23 -36.10 -7.30
N ALA A 522 9.94 -36.19 -7.68
CA ALA A 522 8.87 -36.03 -6.71
C ALA A 522 8.92 -37.16 -5.68
N GLU A 523 9.30 -38.37 -6.11
CA GLU A 523 9.46 -39.51 -5.21
C GLU A 523 10.51 -39.17 -4.13
N GLU A 524 11.66 -38.63 -4.57
CA GLU A 524 12.72 -38.20 -3.67
C GLU A 524 12.19 -37.12 -2.71
N ASP A 525 11.48 -36.10 -3.23
CA ASP A 525 10.87 -35.10 -2.36
C ASP A 525 9.99 -35.77 -1.29
N LYS A 526 9.35 -36.91 -1.63
CA LYS A 526 8.40 -37.55 -0.71
C LYS A 526 9.17 -38.21 0.45
N LYS A 527 10.16 -39.02 0.10
CA LYS A 527 11.06 -39.66 1.03
C LYS A 527 11.65 -38.61 1.99
N LEU A 528 12.16 -37.52 1.43
CA LEU A 528 12.87 -36.52 2.20
C LEU A 528 11.92 -35.89 3.22
N LYS A 529 10.75 -35.42 2.77
CA LYS A 529 9.77 -34.87 3.72
C LYS A 529 9.47 -35.90 4.83
N GLU A 530 9.32 -37.18 4.45
CA GLU A 530 8.94 -38.24 5.38
C GLU A 530 10.08 -38.44 6.40
N ARG A 531 11.32 -38.48 5.90
CA ARG A 531 12.51 -38.74 6.71
C ARG A 531 12.74 -37.58 7.72
N ILE A 532 12.67 -36.34 7.23
CA ILE A 532 12.88 -35.15 8.04
C ILE A 532 11.76 -35.06 9.08
N ASP A 533 10.52 -35.34 8.66
CA ASP A 533 9.32 -35.24 9.53
C ASP A 533 9.46 -36.12 10.78
N THR A 534 10.07 -37.29 10.63
CA THR A 534 10.26 -38.24 11.74
C THR A 534 11.46 -37.81 12.60
N ARG A 535 12.61 -37.52 11.97
CA ARG A 535 13.76 -37.01 12.68
C ARG A 535 13.32 -35.87 13.61
N ASN A 536 12.45 -34.99 13.08
CA ASN A 536 11.86 -33.85 13.82
C ASN A 536 11.04 -34.35 15.02
N GLU A 537 10.19 -35.35 14.78
CA GLU A 537 9.38 -35.96 15.83
C GLU A 537 10.31 -36.47 16.93
N LEU A 538 11.28 -37.32 16.56
CA LEU A 538 12.21 -37.91 17.53
C LEU A 538 12.93 -36.80 18.31
N GLU A 539 13.32 -35.74 17.61
CA GLU A 539 14.07 -34.63 18.21
C GLU A 539 13.15 -33.79 19.12
N SER A 540 11.83 -33.79 18.85
CA SER A 540 10.87 -33.00 19.61
C SER A 540 10.47 -33.72 20.91
N TYR A 541 10.08 -34.99 20.76
CA TYR A 541 9.93 -35.91 21.87
C TYR A 541 11.06 -35.62 22.86
N ALA A 542 12.30 -35.86 22.40
CA ALA A 542 13.50 -35.88 23.22
C ALA A 542 13.67 -34.55 23.97
N TYR A 543 13.59 -33.43 23.26
CA TYR A 543 13.89 -32.15 23.88
C TYR A 543 12.74 -31.68 24.77
N SER A 544 11.54 -32.25 24.58
CA SER A 544 10.38 -31.98 25.44
C SER A 544 10.44 -32.87 26.69
N LEU A 545 11.05 -34.04 26.58
CA LEU A 545 11.32 -34.92 27.74
C LEU A 545 12.38 -34.29 28.63
N LYS A 546 13.24 -33.45 28.04
CA LYS A 546 14.25 -32.69 28.78
C LYS A 546 13.57 -31.63 29.67
N ASN A 547 12.38 -31.14 29.25
CA ASN A 547 11.57 -30.20 30.06
C ASN A 547 10.35 -30.94 30.63
N GLN A 548 10.60 -32.11 31.22
CA GLN A 548 9.64 -32.87 32.02
C GLN A 548 10.41 -33.62 33.11
N ILE A 549 11.50 -34.28 32.72
CA ILE A 549 12.55 -34.71 33.63
C ILE A 549 13.10 -33.48 34.38
N GLY A 550 13.16 -32.33 33.68
CA GLY A 550 13.57 -31.04 34.27
C GLY A 550 12.39 -30.28 34.88
N ASP A 551 11.32 -31.03 35.21
CA ASP A 551 10.16 -30.55 35.96
C ASP A 551 10.22 -31.23 37.33
N LYS A 552 11.13 -30.74 38.19
CA LYS A 552 11.49 -31.37 39.47
C LYS A 552 10.26 -31.57 40.37
N GLU A 553 9.28 -30.67 40.25
CA GLU A 553 8.00 -30.75 40.99
C GLU A 553 7.17 -31.95 40.49
N LYS A 554 6.73 -31.90 39.22
CA LYS A 554 5.79 -32.87 38.65
C LYS A 554 6.46 -34.24 38.47
N LEU A 555 6.94 -34.53 37.24
CA LEU A 555 7.45 -35.88 36.89
C LEU A 555 8.78 -36.15 37.60
N GLY A 556 9.62 -35.13 37.74
CA GLY A 556 10.94 -35.25 38.36
C GLY A 556 10.88 -35.71 39.80
N GLY A 557 9.96 -35.12 40.58
CA GLY A 557 9.77 -35.42 42.00
C GLY A 557 9.35 -36.86 42.25
N LYS A 558 8.75 -37.48 41.22
CA LYS A 558 8.32 -38.87 41.27
C LYS A 558 9.55 -39.80 41.23
N LEU A 559 10.38 -39.66 40.20
CA LEU A 559 11.46 -40.62 39.88
C LEU A 559 12.41 -40.79 41.07
N SER A 560 12.85 -42.04 41.26
CA SER A 560 13.89 -42.39 42.22
C SER A 560 15.27 -41.94 41.68
N SER A 561 16.33 -42.35 42.39
CA SER A 561 17.73 -42.11 42.01
C SER A 561 18.18 -43.10 40.92
N GLU A 562 17.64 -44.32 40.97
CA GLU A 562 17.93 -45.39 40.01
C GLU A 562 17.16 -45.14 38.69
N ASP A 563 15.93 -44.63 38.80
CA ASP A 563 15.03 -44.41 37.66
C ASP A 563 15.53 -43.26 36.78
N LYS A 564 15.85 -42.13 37.42
CA LYS A 564 16.14 -40.88 36.71
C LYS A 564 17.54 -40.93 36.10
N GLU A 565 18.40 -41.84 36.59
CA GLU A 565 19.70 -42.15 35.98
C GLU A 565 19.48 -43.02 34.72
N THR A 566 18.45 -43.87 34.74
CA THR A 566 18.00 -44.66 33.58
C THR A 566 16.87 -43.89 32.85
N MET A 567 16.97 -42.56 32.78
CA MET A 567 15.99 -41.66 32.09
C MET A 567 16.72 -40.44 31.51
N GLU A 568 17.28 -39.59 32.39
CA GLU A 568 18.12 -38.45 31.97
C GLU A 568 19.23 -38.92 31.03
N LYS A 569 19.71 -40.16 31.24
CA LYS A 569 20.76 -40.80 30.44
C LYS A 569 20.19 -41.20 29.07
N ALA A 570 19.02 -41.86 29.07
CA ALA A 570 18.37 -42.35 27.84
C ALA A 570 18.05 -41.18 26.89
N VAL A 571 17.67 -40.03 27.48
CA VAL A 571 17.34 -38.79 26.79
C VAL A 571 18.62 -38.20 26.18
N GLU A 572 19.65 -37.98 27.01
CA GLU A 572 20.96 -37.47 26.55
C GLU A 572 21.58 -38.45 25.56
N GLU A 573 21.44 -39.76 25.80
CA GLU A 573 21.98 -40.78 24.92
C GLU A 573 21.40 -40.62 23.51
N LYS A 574 20.11 -40.26 23.45
CA LYS A 574 19.38 -40.15 22.21
C LYS A 574 19.74 -38.84 21.50
N ILE A 575 19.80 -37.75 22.25
CA ILE A 575 20.19 -36.47 21.69
C ILE A 575 21.60 -36.58 21.09
N GLU A 576 22.55 -37.13 21.86
CA GLU A 576 23.92 -37.41 21.42
C GLU A 576 23.89 -38.10 20.04
N TRP A 577 23.18 -39.23 19.99
CA TRP A 577 23.06 -40.02 18.77
C TRP A 577 22.47 -39.15 17.64
N LEU A 578 21.47 -38.32 17.98
CA LEU A 578 20.78 -37.52 16.98
C LEU A 578 21.74 -36.53 16.31
N GLU A 579 22.63 -35.98 17.13
CA GLU A 579 23.52 -34.94 16.73
C GLU A 579 24.56 -35.46 15.74
N SER A 580 24.90 -36.76 15.81
CA SER A 580 25.86 -37.43 14.89
C SER A 580 25.16 -38.24 13.78
N HIS A 581 23.83 -38.21 13.71
CA HIS A 581 23.11 -39.05 12.72
C HIS A 581 21.97 -38.28 12.04
N GLN A 582 22.16 -36.97 11.79
CA GLN A 582 21.18 -36.18 11.05
C GLN A 582 20.87 -36.83 9.69
N ASP A 583 21.81 -37.61 9.14
CA ASP A 583 21.68 -38.16 7.77
C ASP A 583 21.05 -39.56 7.78
N ALA A 584 20.75 -40.13 8.96
CA ALA A 584 20.29 -41.51 9.07
C ALA A 584 18.92 -41.67 8.41
N ASP A 585 18.62 -42.92 7.99
CA ASP A 585 17.45 -43.23 7.18
C ASP A 585 16.20 -43.28 8.07
N ILE A 586 15.04 -43.31 7.42
CA ILE A 586 13.73 -43.18 8.07
C ILE A 586 13.49 -44.36 9.02
N GLU A 587 14.12 -45.51 8.74
CA GLU A 587 14.08 -46.69 9.64
C GLU A 587 14.62 -46.30 11.02
N ASP A 588 15.90 -45.90 11.05
CA ASP A 588 16.68 -45.67 12.26
C ASP A 588 15.96 -44.68 13.20
N PHE A 589 15.40 -43.60 12.65
CA PHE A 589 14.77 -42.59 13.51
C PHE A 589 13.55 -43.18 14.23
N LYS A 590 12.86 -44.13 13.59
CA LYS A 590 11.71 -44.83 14.17
C LYS A 590 12.18 -45.72 15.33
N ALA A 591 13.22 -46.52 15.07
CA ALA A 591 13.87 -47.36 16.08
C ALA A 591 14.14 -46.54 17.34
N LYS A 592 14.93 -45.47 17.20
CA LYS A 592 15.43 -44.71 18.33
C LYS A 592 14.29 -43.99 19.07
N LYS A 593 13.20 -43.67 18.37
CA LYS A 593 12.00 -43.13 19.01
C LYS A 593 11.38 -44.24 19.87
N LYS A 594 11.42 -45.48 19.35
CA LYS A 594 10.85 -46.65 20.01
C LYS A 594 11.77 -47.11 21.16
N GLU A 595 13.10 -47.10 20.94
CA GLU A 595 14.07 -47.40 21.99
C GLU A 595 13.87 -46.44 23.17
N LEU A 596 13.72 -45.15 22.87
CA LEU A 596 13.48 -44.11 23.89
C LEU A 596 12.06 -44.21 24.46
N GLU A 597 11.20 -45.05 23.87
CA GLU A 597 9.83 -45.23 24.35
C GLU A 597 9.78 -46.44 25.31
N GLU A 598 10.38 -47.57 24.90
CA GLU A 598 10.40 -48.83 25.68
C GLU A 598 11.22 -48.70 26.97
N ILE A 599 12.08 -47.66 27.04
CA ILE A 599 12.90 -47.38 28.22
C ILE A 599 12.22 -46.32 29.09
N VAL A 600 11.38 -45.46 28.49
CA VAL A 600 10.65 -44.42 29.25
C VAL A 600 9.32 -44.98 29.77
N GLN A 601 8.65 -45.85 28.99
CA GLN A 601 7.26 -46.29 29.27
C GLN A 601 7.19 -47.09 30.58
N PRO A 602 7.91 -48.23 30.74
CA PRO A 602 7.93 -48.96 32.01
C PRO A 602 8.04 -48.06 33.26
N ILE A 603 8.83 -46.99 33.16
CA ILE A 603 9.13 -46.08 34.27
C ILE A 603 7.96 -45.12 34.53
N ILE A 604 7.34 -44.60 33.46
CA ILE A 604 6.33 -43.51 33.59
C ILE A 604 4.94 -44.08 33.93
N SER A 605 4.77 -45.41 33.86
CA SER A 605 3.48 -46.07 34.12
C SER A 605 3.43 -46.72 35.52
N LYS A 606 4.52 -46.59 36.29
CA LYS A 606 4.59 -47.04 37.68
C LYS A 606 3.89 -46.02 38.59
N SER B 1 -32.15 32.87 5.41
CA SER B 1 -31.22 32.08 6.29
C SER B 1 -29.78 32.28 5.81
N GLU B 2 -28.83 31.78 6.58
CA GLU B 2 -27.38 32.06 6.41
C GLU B 2 -26.83 31.44 5.11
N ASP B 3 -26.03 32.23 4.39
CA ASP B 3 -25.27 31.71 3.28
C ASP B 3 -23.95 31.20 3.85
N VAL B 4 -23.79 29.88 3.80
CA VAL B 4 -22.69 29.22 4.45
C VAL B 4 -21.60 28.94 3.39
N GLY B 5 -21.88 29.29 2.13
CA GLY B 5 -20.89 29.17 1.07
C GLY B 5 -20.59 27.72 0.75
N THR B 6 -19.35 27.48 0.30
CA THR B 6 -18.83 26.14 0.18
C THR B 6 -18.21 25.76 1.53
N VAL B 7 -18.79 24.72 2.12
CA VAL B 7 -18.40 24.18 3.40
C VAL B 7 -17.39 23.11 3.13
N VAL B 8 -16.23 23.22 3.79
CA VAL B 8 -15.15 22.28 3.62
C VAL B 8 -15.08 21.37 4.87
N GLY B 9 -14.54 20.17 4.65
CA GLY B 9 -14.21 19.21 5.67
C GLY B 9 -12.70 19.13 5.83
N ILE B 10 -12.27 19.40 7.07
CA ILE B 10 -10.88 19.42 7.41
C ILE B 10 -10.64 18.36 8.48
N ASP B 11 -9.76 17.41 8.15
CA ASP B 11 -9.15 16.52 9.14
C ASP B 11 -7.90 17.20 9.73
N LEU B 12 -8.03 17.66 10.97
CA LEU B 12 -6.98 18.29 11.69
C LEU B 12 -6.23 17.19 12.48
N GLY B 13 -5.11 16.72 11.90
CA GLY B 13 -4.32 15.59 12.43
C GLY B 13 -3.13 16.03 13.27
N THR B 14 -2.63 15.13 14.12
CA THR B 14 -1.51 15.41 14.98
C THR B 14 -0.28 15.77 14.15
N THR B 15 -0.02 15.01 13.08
CA THR B 15 1.16 15.23 12.26
C THR B 15 0.80 15.78 10.86
N TYR B 16 -0.36 15.43 10.30
CA TYR B 16 -0.84 15.92 9.00
C TYR B 16 -2.34 16.25 9.06
N SER B 17 -2.71 17.25 8.25
CA SER B 17 -4.05 17.70 8.07
C SER B 17 -4.40 17.59 6.58
N CYS B 18 -5.70 17.59 6.29
CA CYS B 18 -6.24 17.20 5.02
C CYS B 18 -7.60 17.87 4.86
N VAL B 19 -7.83 18.47 3.68
CA VAL B 19 -9.05 19.26 3.42
C VAL B 19 -9.72 18.73 2.15
N GLY B 20 -11.02 18.47 2.25
CA GLY B 20 -11.81 18.03 1.12
C GLY B 20 -13.07 18.88 0.93
N VAL B 21 -13.59 18.89 -0.31
N VAL B 21 -13.63 18.81 -0.27
CA VAL B 21 -14.90 19.49 -0.64
CA VAL B 21 -14.87 19.48 -0.62
C VAL B 21 -15.73 18.46 -1.40
C VAL B 21 -15.73 18.51 -1.43
N PHE B 22 -17.03 18.50 -1.11
CA PHE B 22 -18.05 17.82 -1.91
C PHE B 22 -18.59 18.80 -2.97
N LYS B 23 -18.31 18.50 -4.23
CA LYS B 23 -18.74 19.28 -5.40
C LYS B 23 -19.11 18.30 -6.51
N ASN B 24 -20.33 18.42 -7.03
CA ASN B 24 -20.78 17.70 -8.23
C ASN B 24 -20.81 16.19 -7.94
N GLY B 25 -21.39 15.83 -6.80
CA GLY B 25 -21.63 14.44 -6.45
C GLY B 25 -20.38 13.67 -6.07
N ARG B 26 -19.21 14.33 -6.05
CA ARG B 26 -17.95 13.66 -5.67
C ARG B 26 -17.18 14.51 -4.65
N VAL B 27 -16.27 13.84 -3.94
CA VAL B 27 -15.36 14.49 -3.06
C VAL B 27 -14.06 14.77 -3.81
N GLU B 28 -13.57 16.00 -3.74
CA GLU B 28 -12.19 16.34 -4.11
C GLU B 28 -11.38 16.50 -2.81
N ILE B 29 -10.32 15.70 -2.63
CA ILE B 29 -9.28 15.99 -1.65
C ILE B 29 -8.31 16.99 -2.29
N ILE B 30 -8.18 18.17 -1.68
CA ILE B 30 -7.54 19.32 -2.33
C ILE B 30 -6.03 19.28 -2.09
N ALA B 31 -5.25 19.30 -3.19
CA ALA B 31 -3.79 19.44 -3.13
C ALA B 31 -3.43 20.86 -2.68
N ASN B 32 -2.36 21.00 -1.87
CA ASN B 32 -1.91 22.29 -1.36
C ASN B 32 -1.03 22.96 -2.44
N ASP B 33 -0.43 24.12 -2.10
CA ASP B 33 0.34 24.93 -3.05
C ASP B 33 1.67 24.23 -3.40
N GLN B 34 1.98 23.08 -2.79
CA GLN B 34 3.15 22.27 -3.16
C GLN B 34 2.71 20.96 -3.83
N GLY B 35 1.42 20.82 -4.13
CA GLY B 35 0.88 19.64 -4.83
C GLY B 35 0.57 18.45 -3.92
N ASN B 36 0.56 18.65 -2.60
CA ASN B 36 0.41 17.52 -1.63
C ASN B 36 -1.02 17.51 -1.09
N ARG B 37 -1.64 16.33 -1.12
CA ARG B 37 -3.03 16.16 -0.69
C ARG B 37 -3.14 16.05 0.84
N ILE B 38 -2.00 15.88 1.53
CA ILE B 38 -1.93 16.10 2.98
C ILE B 38 -0.83 17.13 3.30
N THR B 39 -1.08 17.94 4.34
CA THR B 39 -0.22 19.01 4.81
C THR B 39 0.26 18.70 6.22
N PRO B 40 1.58 18.77 6.53
CA PRO B 40 2.09 18.65 7.89
C PRO B 40 1.49 19.69 8.84
N SER B 41 1.12 19.28 10.05
CA SER B 41 0.56 20.18 11.07
C SER B 41 1.69 20.84 11.86
N TYR B 42 2.45 21.67 11.14
CA TYR B 42 3.63 22.38 11.60
C TYR B 42 3.43 23.88 11.37
N VAL B 43 3.91 24.66 12.31
CA VAL B 43 4.01 26.08 12.17
C VAL B 43 5.45 26.47 12.55
N ALA B 44 5.91 27.60 12.01
CA ALA B 44 7.21 28.12 12.47
C ALA B 44 7.29 29.63 12.25
N PHE B 45 8.21 30.28 12.98
CA PHE B 45 8.57 31.67 12.77
C PHE B 45 10.04 31.76 12.39
N THR B 46 10.31 32.32 11.21
CA THR B 46 11.65 32.48 10.73
C THR B 46 12.34 33.51 11.62
N PRO B 47 13.68 33.58 11.56
CA PRO B 47 14.40 34.60 12.32
C PRO B 47 13.91 36.03 11.99
N GLU B 48 13.43 36.24 10.77
CA GLU B 48 12.90 37.54 10.30
C GLU B 48 11.42 37.80 10.65
N GLY B 49 10.76 36.85 11.32
CA GLY B 49 9.40 37.08 11.87
C GLY B 49 8.26 36.58 10.97
N GLU B 50 8.62 35.91 9.87
CA GLU B 50 7.66 35.28 8.97
C GLU B 50 7.07 34.00 9.60
N ARG B 51 5.73 33.90 9.60
CA ARG B 51 5.05 32.71 10.06
C ARG B 51 4.95 31.76 8.88
N LEU B 52 5.50 30.54 9.03
CA LEU B 52 5.34 29.48 8.05
C LEU B 52 4.36 28.44 8.62
N ILE B 53 3.66 27.76 7.72
CA ILE B 53 2.68 26.71 8.07
C ILE B 53 2.72 25.65 6.98
N GLY B 54 2.78 24.40 7.42
CA GLY B 54 2.74 23.29 6.55
C GLY B 54 4.12 22.82 6.20
N ASP B 55 4.31 22.45 4.93
CA ASP B 55 5.55 21.89 4.40
C ASP B 55 6.76 22.78 4.75
N ALA B 56 6.65 24.10 4.50
CA ALA B 56 7.72 25.07 4.74
C ALA B 56 8.15 25.08 6.20
N ALA B 57 7.18 25.05 7.12
CA ALA B 57 7.50 24.98 8.55
C ALA B 57 8.32 23.73 8.83
N LYS B 58 7.84 22.60 8.31
CA LYS B 58 8.48 21.32 8.57
C LYS B 58 9.90 21.30 8.00
N ASN B 59 10.06 21.87 6.80
CA ASN B 59 11.31 21.75 6.04
C ASN B 59 12.47 22.50 6.71
N GLN B 60 12.19 23.43 7.63
CA GLN B 60 13.23 24.24 8.28
C GLN B 60 13.32 23.92 9.79
N LEU B 61 12.65 22.84 10.24
CA LEU B 61 12.66 22.45 11.63
C LEU B 61 14.10 22.25 12.16
N THR B 62 14.96 21.50 11.44
CA THR B 62 16.32 21.18 11.96
C THR B 62 17.17 22.44 12.10
N SER B 63 16.88 23.48 11.30
CA SER B 63 17.63 24.73 11.32
C SER B 63 17.07 25.70 12.37
N ASN B 64 15.86 25.44 12.90
CA ASN B 64 15.11 26.38 13.72
C ASN B 64 14.27 25.61 14.74
N PRO B 65 14.88 24.70 15.52
CA PRO B 65 14.13 23.71 16.26
C PRO B 65 13.32 24.27 17.44
N GLU B 66 13.68 25.41 17.98
CA GLU B 66 13.01 25.96 19.14
C GLU B 66 11.81 26.82 18.76
N ASN B 67 11.76 27.29 17.52
CA ASN B 67 10.73 28.19 17.09
C ASN B 67 9.88 27.53 16.00
N THR B 68 9.90 26.19 15.96
CA THR B 68 9.08 25.38 15.11
C THR B 68 8.15 24.55 16.00
N VAL B 69 6.84 24.58 15.71
CA VAL B 69 5.87 23.99 16.60
C VAL B 69 5.12 22.89 15.86
N PHE B 70 4.96 21.75 16.53
CA PHE B 70 4.27 20.56 16.00
C PHE B 70 3.68 19.77 17.17
N ASP B 71 2.82 18.77 16.83
CA ASP B 71 2.11 17.92 17.77
C ASP B 71 1.30 18.77 18.77
N ALA B 72 0.71 19.91 18.38
CA ALA B 72 -0.05 20.75 19.33
C ALA B 72 -1.30 19.97 19.72
N LYS B 73 -1.67 18.99 18.90
CA LYS B 73 -2.85 18.18 19.18
C LYS B 73 -2.69 17.34 20.45
N ARG B 74 -1.45 17.15 20.93
CA ARG B 74 -1.20 16.42 22.11
C ARG B 74 -1.31 17.36 23.32
N LEU B 75 -1.43 18.66 23.09
CA LEU B 75 -1.57 19.61 24.18
C LEU B 75 -2.96 20.23 24.20
N ILE B 76 -3.60 20.30 23.04
CA ILE B 76 -4.83 21.09 22.93
C ILE B 76 -5.86 20.57 23.92
N GLY B 77 -6.50 21.50 24.65
CA GLY B 77 -7.58 21.18 25.61
C GLY B 77 -7.13 20.45 26.88
N ARG B 78 -5.83 20.44 27.17
CA ARG B 78 -5.33 19.81 28.35
C ARG B 78 -4.87 20.83 29.39
N THR B 79 -4.76 20.37 30.64
CA THR B 79 -4.21 21.16 31.69
C THR B 79 -2.73 20.82 31.85
N TRP B 80 -2.03 21.77 32.43
CA TRP B 80 -0.62 21.66 32.77
C TRP B 80 -0.32 20.37 33.54
N ASN B 81 -1.19 20.03 34.48
CA ASN B 81 -0.95 18.92 35.40
CA ASN B 81 -0.97 18.91 35.41
C ASN B 81 -1.33 17.57 34.77
N ASP B 82 -1.90 17.56 33.57
CA ASP B 82 -2.21 16.32 32.88
C ASP B 82 -0.92 15.54 32.72
N PRO B 83 -0.78 14.29 33.23
CA PRO B 83 0.46 13.52 33.09
C PRO B 83 0.92 13.30 31.64
N SER B 84 -0.04 13.20 30.72
CA SER B 84 0.29 13.11 29.28
C SER B 84 1.10 14.34 28.79
N VAL B 85 0.70 15.54 29.24
CA VAL B 85 1.37 16.81 28.90
C VAL B 85 2.81 16.78 29.44
N GLN B 86 2.92 16.46 30.75
CA GLN B 86 4.19 16.47 31.46
C GLN B 86 5.14 15.45 30.82
N GLN B 87 4.63 14.31 30.34
CA GLN B 87 5.46 13.34 29.61
C GLN B 87 5.86 13.87 28.22
N ASP B 88 4.91 14.41 27.45
CA ASP B 88 5.20 14.81 26.05
C ASP B 88 6.15 16.02 25.98
N ILE B 89 5.99 17.01 26.87
CA ILE B 89 6.74 18.25 26.72
C ILE B 89 8.24 17.99 26.91
N LYS B 90 8.58 16.88 27.56
CA LYS B 90 9.96 16.46 27.73
C LYS B 90 10.62 16.12 26.39
N PHE B 91 9.83 15.78 25.38
CA PHE B 91 10.38 15.40 24.08
C PHE B 91 10.06 16.42 22.99
N LEU B 92 9.45 17.55 23.33
CA LEU B 92 9.19 18.56 22.30
C LEU B 92 10.27 19.63 22.41
N PRO B 93 10.87 20.07 21.29
CA PRO B 93 11.99 21.02 21.33
C PRO B 93 11.60 22.48 21.63
N PHE B 94 10.36 22.87 21.33
CA PHE B 94 9.88 24.22 21.65
C PHE B 94 9.53 24.25 23.14
N LYS B 95 9.69 25.41 23.75
CA LYS B 95 9.33 25.58 25.16
C LYS B 95 7.81 25.56 25.31
N VAL B 96 7.36 24.90 26.37
CA VAL B 96 6.00 24.86 26.79
C VAL B 96 5.96 25.31 28.27
N VAL B 97 5.18 26.33 28.53
CA VAL B 97 5.10 26.95 29.88
C VAL B 97 3.64 26.95 30.33
N GLU B 98 3.46 26.98 31.64
CA GLU B 98 2.17 27.01 32.24
C GLU B 98 1.67 28.46 32.23
N LYS B 99 0.46 28.68 31.71
CA LYS B 99 -0.33 29.82 32.10
C LYS B 99 -1.82 29.49 32.01
N LYS B 100 -2.56 30.11 32.94
CA LYS B 100 -3.97 29.84 33.13
C LYS B 100 -4.17 28.34 33.35
N THR B 101 -3.26 27.73 34.12
CA THR B 101 -3.22 26.30 34.50
C THR B 101 -3.14 25.38 33.26
N LYS B 102 -2.61 25.89 32.15
CA LYS B 102 -2.61 25.22 30.86
C LYS B 102 -1.20 25.27 30.26
N PRO B 103 -0.86 24.32 29.35
CA PRO B 103 0.40 24.36 28.61
C PRO B 103 0.30 25.33 27.42
N TYR B 104 1.04 26.45 27.47
CA TYR B 104 1.15 27.38 26.36
C TYR B 104 2.50 27.13 25.68
N ILE B 105 2.56 27.45 24.40
CA ILE B 105 3.76 27.30 23.58
C ILE B 105 4.43 28.68 23.44
N GLN B 106 5.69 28.77 23.87
CA GLN B 106 6.50 29.99 23.90
C GLN B 106 7.58 29.90 22.81
N VAL B 107 7.51 30.82 21.84
CA VAL B 107 8.47 30.87 20.74
C VAL B 107 8.86 32.32 20.46
N ASP B 108 10.02 32.49 19.81
CA ASP B 108 10.45 33.80 19.32
C ASP B 108 9.75 34.08 17.98
N ILE B 109 9.05 35.21 17.88
CA ILE B 109 8.27 35.50 16.68
C ILE B 109 8.94 36.56 15.81
N GLY B 110 10.15 37.03 16.14
CA GLY B 110 10.78 38.12 15.40
C GLY B 110 10.71 39.43 16.16
N GLY B 111 11.54 40.40 15.71
CA GLY B 111 11.60 41.72 16.33
C GLY B 111 11.95 41.66 17.82
N GLY B 112 12.73 40.61 18.17
CA GLY B 112 13.17 40.36 19.51
C GLY B 112 12.05 39.99 20.47
N GLN B 113 10.86 39.63 19.95
CA GLN B 113 9.68 39.30 20.78
C GLN B 113 9.55 37.78 20.98
N THR B 114 9.21 37.45 22.22
CA THR B 114 8.77 36.13 22.60
C THR B 114 7.27 36.23 22.89
N LYS B 115 6.51 35.30 22.33
CA LYS B 115 5.05 35.22 22.48
C LYS B 115 4.68 33.83 23.02
N THR B 116 3.64 33.79 23.85
CA THR B 116 3.04 32.56 24.29
C THR B 116 1.71 32.37 23.54
N PHE B 117 1.56 31.20 22.94
CA PHE B 117 0.35 30.83 22.20
C PHE B 117 -0.36 29.70 22.96
N ALA B 118 -1.68 29.81 23.04
CA ALA B 118 -2.52 28.70 23.41
C ALA B 118 -2.41 27.64 22.35
N PRO B 119 -2.51 26.33 22.69
CA PRO B 119 -2.45 25.30 21.67
C PRO B 119 -3.53 25.59 20.63
N GLU B 120 -4.67 26.16 21.05
CA GLU B 120 -5.76 26.49 20.15
C GLU B 120 -5.29 27.41 19.02
N GLU B 121 -4.37 28.32 19.35
CA GLU B 121 -3.83 29.27 18.38
C GLU B 121 -2.91 28.58 17.37
N ILE B 122 -2.09 27.64 17.85
CA ILE B 122 -1.26 26.89 16.96
C ILE B 122 -2.15 26.10 16.00
N SER B 123 -3.16 25.41 16.56
CA SER B 123 -4.05 24.60 15.67
C SER B 123 -4.87 25.50 14.73
N ALA B 124 -5.20 26.71 15.20
CA ALA B 124 -5.87 27.74 14.36
C ALA B 124 -5.00 28.09 13.13
N MET B 125 -3.69 28.11 13.33
CA MET B 125 -2.79 28.43 12.25
C MET B 125 -2.80 27.29 11.21
N VAL B 126 -2.85 26.03 11.68
CA VAL B 126 -2.88 24.91 10.79
C VAL B 126 -4.23 24.94 10.03
N LEU B 127 -5.32 25.26 10.73
CA LEU B 127 -6.66 25.29 10.10
C LEU B 127 -6.72 26.41 9.01
N THR B 128 -6.17 27.59 9.33
CA THR B 128 -5.95 28.71 8.36
C THR B 128 -5.28 28.19 7.08
N LYS B 129 -4.18 27.44 7.22
CA LYS B 129 -3.47 26.96 6.06
C LYS B 129 -4.34 26.00 5.25
N MET B 130 -5.10 25.15 5.96
CA MET B 130 -6.00 24.27 5.23
C MET B 130 -7.08 25.11 4.53
N LYS B 131 -7.63 26.10 5.23
CA LYS B 131 -8.58 27.02 4.65
C LYS B 131 -8.00 27.68 3.39
N GLU B 132 -6.79 28.28 3.49
CA GLU B 132 -6.08 28.91 2.33
C GLU B 132 -5.99 27.90 1.17
N THR B 133 -5.64 26.64 1.46
CA THR B 133 -5.51 25.63 0.45
C THR B 133 -6.84 25.43 -0.28
N ALA B 134 -7.95 25.46 0.46
CA ALA B 134 -9.28 25.24 -0.14
C ALA B 134 -9.69 26.46 -0.98
N GLU B 135 -9.37 27.65 -0.49
CA GLU B 135 -9.78 28.91 -1.13
C GLU B 135 -9.06 29.10 -2.48
N ALA B 136 -7.79 28.66 -2.57
CA ALA B 136 -7.02 28.69 -3.80
C ALA B 136 -7.65 27.76 -4.84
N TYR B 137 -8.19 26.63 -4.38
CA TYR B 137 -8.73 25.63 -5.29
C TYR B 137 -10.12 26.03 -5.78
N LEU B 138 -10.89 26.68 -4.90
CA LEU B 138 -12.29 27.05 -5.15
C LEU B 138 -12.37 28.39 -5.88
N GLY B 139 -11.29 29.17 -5.80
CA GLY B 139 -11.26 30.54 -6.23
C GLY B 139 -12.21 31.43 -5.45
N LYS B 140 -12.47 31.10 -4.17
CA LYS B 140 -13.29 31.99 -3.33
C LYS B 140 -13.08 31.73 -1.83
N LYS B 141 -13.57 32.67 -1.03
CA LYS B 141 -13.44 32.67 0.39
C LYS B 141 -14.22 31.48 0.98
N VAL B 142 -13.65 30.81 1.98
CA VAL B 142 -14.33 29.77 2.80
C VAL B 142 -14.58 30.35 4.19
N THR B 143 -15.82 30.30 4.68
CA THR B 143 -16.11 30.83 6.04
C THR B 143 -16.64 29.76 7.03
N HIS B 144 -16.98 28.58 6.53
CA HIS B 144 -17.67 27.51 7.30
C HIS B 144 -16.96 26.19 7.05
N ALA B 145 -16.95 25.34 8.09
CA ALA B 145 -16.24 24.08 7.95
C ALA B 145 -16.82 23.01 8.88
N VAL B 146 -16.55 21.75 8.51
CA VAL B 146 -16.63 20.59 9.44
C VAL B 146 -15.20 20.21 9.80
N VAL B 147 -14.90 20.13 11.11
CA VAL B 147 -13.56 19.83 11.63
C VAL B 147 -13.62 18.52 12.44
N THR B 148 -12.65 17.65 12.20
CA THR B 148 -12.58 16.33 12.86
C THR B 148 -11.97 16.44 14.27
N VAL B 149 -12.34 15.49 15.12
CA VAL B 149 -11.66 15.25 16.40
C VAL B 149 -11.61 13.74 16.57
N PRO B 150 -10.64 13.22 17.36
CA PRO B 150 -10.71 11.81 17.79
C PRO B 150 -12.02 11.51 18.53
N ALA B 151 -12.55 10.30 18.33
CA ALA B 151 -13.77 9.89 19.02
C ALA B 151 -13.60 9.97 20.55
N TYR B 152 -12.38 9.78 21.05
CA TYR B 152 -12.15 9.65 22.46
C TYR B 152 -11.71 10.98 23.07
N PHE B 153 -11.73 12.06 22.26
CA PHE B 153 -11.43 13.37 22.80
C PHE B 153 -12.43 13.67 23.92
N ASN B 154 -11.96 14.29 25.00
CA ASN B 154 -12.86 14.72 26.09
C ASN B 154 -13.50 16.08 25.72
N ASP B 155 -14.36 16.57 26.60
CA ASP B 155 -15.14 17.82 26.43
C ASP B 155 -14.21 19.02 26.17
N ALA B 156 -13.16 19.21 26.98
CA ALA B 156 -12.26 20.35 26.78
C ALA B 156 -11.50 20.23 25.45
N GLN B 157 -11.05 19.03 25.08
CA GLN B 157 -10.30 18.84 23.85
C GLN B 157 -11.21 19.22 22.67
N ARG B 158 -12.50 18.88 22.79
CA ARG B 158 -13.49 19.16 21.77
C ARG B 158 -13.74 20.66 21.64
N GLN B 159 -14.06 21.31 22.76
CA GLN B 159 -14.32 22.75 22.75
C GLN B 159 -13.09 23.50 22.20
N ALA B 160 -11.90 23.12 22.67
CA ALA B 160 -10.66 23.76 22.26
C ALA B 160 -10.44 23.67 20.75
N THR B 161 -10.74 22.51 20.15
CA THR B 161 -10.62 22.32 18.69
C THR B 161 -11.62 23.22 17.97
N LYS B 162 -12.84 23.32 18.51
CA LYS B 162 -13.83 24.22 17.91
C LYS B 162 -13.29 25.67 18.00
N ASP B 163 -12.76 26.02 19.18
CA ASP B 163 -12.19 27.35 19.39
C ASP B 163 -11.13 27.60 18.32
N ALA B 164 -10.32 26.59 18.00
CA ALA B 164 -9.25 26.72 17.02
C ALA B 164 -9.84 27.14 15.68
N GLY B 165 -10.92 26.43 15.28
CA GLY B 165 -11.70 26.76 14.09
C GLY B 165 -12.11 28.23 14.05
N THR B 166 -12.68 28.72 15.17
CA THR B 166 -13.16 30.09 15.33
C THR B 166 -12.00 31.08 15.14
N ILE B 167 -10.89 30.80 15.81
CA ILE B 167 -9.71 31.69 15.77
C ILE B 167 -9.19 31.78 14.32
N ALA B 168 -9.35 30.70 13.55
CA ALA B 168 -8.93 30.65 12.14
C ALA B 168 -9.94 31.33 11.19
N GLY B 169 -11.00 31.91 11.73
CA GLY B 169 -12.03 32.57 10.93
C GLY B 169 -12.98 31.58 10.28
N LEU B 170 -13.21 30.42 10.94
CA LEU B 170 -14.16 29.44 10.45
C LEU B 170 -15.30 29.36 11.46
N ASN B 171 -16.51 29.34 10.91
CA ASN B 171 -17.65 28.90 11.63
C ASN B 171 -17.66 27.37 11.51
N VAL B 172 -17.31 26.68 12.61
CA VAL B 172 -17.30 25.24 12.66
C VAL B 172 -18.75 24.78 12.88
N MET B 173 -19.36 24.27 11.80
CA MET B 173 -20.77 23.97 11.81
C MET B 173 -20.99 22.62 12.50
N ARG B 174 -19.95 21.77 12.50
CA ARG B 174 -19.96 20.46 13.14
C ARG B 174 -18.51 20.03 13.45
N ILE B 175 -18.33 19.49 14.66
CA ILE B 175 -17.19 18.68 15.02
C ILE B 175 -17.53 17.23 14.72
N ILE B 176 -16.73 16.54 13.93
CA ILE B 176 -17.08 15.14 13.58
C ILE B 176 -15.97 14.20 14.07
N ASN B 177 -16.37 13.06 14.62
CA ASN B 177 -15.45 12.13 15.22
C ASN B 177 -14.78 11.39 14.05
N GLU B 178 -13.45 11.28 14.12
CA GLU B 178 -12.60 10.76 13.08
C GLU B 178 -13.11 9.42 12.54
N PRO B 179 -13.40 8.40 13.38
CA PRO B 179 -13.86 7.10 12.88
C PRO B 179 -15.24 7.14 12.20
N THR B 180 -16.14 8.00 12.70
CA THR B 180 -17.43 8.27 12.07
C THR B 180 -17.23 8.85 10.66
N ALA B 181 -16.29 9.77 10.51
CA ALA B 181 -15.97 10.39 9.19
C ALA B 181 -15.41 9.32 8.24
N ALA B 182 -14.50 8.46 8.74
CA ALA B 182 -13.94 7.35 7.99
C ALA B 182 -15.07 6.40 7.55
N ALA B 183 -16.07 6.21 8.39
CA ALA B 183 -17.16 5.26 8.10
C ALA B 183 -17.94 5.77 6.89
N ILE B 184 -18.19 7.08 6.84
CA ILE B 184 -18.84 7.74 5.73
C ILE B 184 -18.06 7.46 4.43
N ALA B 185 -16.74 7.64 4.48
CA ALA B 185 -15.88 7.35 3.31
C ALA B 185 -16.04 5.90 2.88
N TYR B 186 -16.06 4.94 3.81
CA TYR B 186 -16.21 3.53 3.43
C TYR B 186 -17.61 3.35 2.79
N GLY B 187 -18.65 3.94 3.38
CA GLY B 187 -20.04 3.53 3.19
C GLY B 187 -20.80 4.29 2.11
N LEU B 188 -20.37 5.51 1.77
CA LEU B 188 -21.14 6.38 0.85
C LEU B 188 -21.48 5.64 -0.45
N ASP B 189 -20.47 5.10 -1.14
CA ASP B 189 -20.65 4.46 -2.46
C ASP B 189 -21.49 3.16 -2.30
N LYS B 190 -21.11 2.31 -1.35
CA LYS B 190 -21.53 0.90 -1.21
C LYS B 190 -23.05 0.71 -1.43
N ARG B 191 -23.38 -0.26 -2.31
CA ARG B 191 -24.76 -0.78 -2.49
C ARG B 191 -24.86 -2.14 -1.78
N GLU B 192 -25.41 -2.16 -0.56
CA GLU B 192 -25.47 -3.37 0.25
C GLU B 192 -26.50 -3.20 1.37
N GLY B 193 -26.74 -4.28 2.13
CA GLY B 193 -27.65 -4.27 3.27
C GLY B 193 -26.97 -3.74 4.54
N GLU B 194 -27.63 -3.91 5.68
N GLU B 194 -27.64 -3.90 5.68
CA GLU B 194 -27.06 -3.48 6.95
CA GLU B 194 -27.10 -3.59 7.01
C GLU B 194 -25.77 -4.25 7.20
C GLU B 194 -25.74 -4.28 7.16
N LYS B 195 -24.70 -3.50 7.51
CA LYS B 195 -23.40 -4.06 7.86
C LYS B 195 -22.96 -3.51 9.24
N ASN B 196 -22.29 -4.37 10.00
CA ASN B 196 -21.49 -3.99 11.17
C ASN B 196 -20.04 -3.70 10.72
N ILE B 197 -19.61 -2.45 10.88
CA ILE B 197 -18.28 -1.96 10.47
C ILE B 197 -17.46 -1.69 11.73
N LEU B 198 -16.23 -2.19 11.80
CA LEU B 198 -15.35 -1.77 12.86
C LEU B 198 -14.28 -0.86 12.26
N VAL B 199 -14.26 0.41 12.68
CA VAL B 199 -13.25 1.35 12.19
C VAL B 199 -12.09 1.37 13.20
N PHE B 200 -10.91 0.98 12.76
CA PHE B 200 -9.65 0.99 13.54
C PHE B 200 -8.81 2.15 13.02
N ASP B 201 -8.69 3.19 13.86
CA ASP B 201 -8.11 4.48 13.46
C ASP B 201 -6.85 4.81 14.24
N LEU B 202 -5.68 4.52 13.65
CA LEU B 202 -4.40 4.77 14.32
C LEU B 202 -3.58 5.82 13.55
N GLY B 203 -3.54 7.02 14.13
CA GLY B 203 -2.97 8.22 13.46
C GLY B 203 -1.55 8.53 13.86
N GLY B 204 -1.25 9.83 13.79
CA GLY B 204 0.00 10.39 14.22
C GLY B 204 0.11 10.54 15.72
N GLY B 205 -1.01 10.77 16.42
CA GLY B 205 -0.98 10.98 17.86
C GLY B 205 -2.07 10.29 18.66
N THR B 206 -3.06 9.71 17.99
CA THR B 206 -4.24 9.21 18.68
C THR B 206 -4.68 7.89 18.06
N PHE B 207 -5.44 7.15 18.87
CA PHE B 207 -6.02 5.88 18.50
C PHE B 207 -7.50 5.84 18.90
N ASP B 208 -8.35 5.44 17.95
CA ASP B 208 -9.75 5.22 18.19
C ASP B 208 -10.19 3.92 17.51
N VAL B 209 -11.13 3.20 18.14
CA VAL B 209 -11.95 2.14 17.55
C VAL B 209 -13.42 2.51 17.70
N SER B 210 -14.17 2.45 16.61
CA SER B 210 -15.65 2.66 16.68
C SER B 210 -16.30 1.49 15.94
N LEU B 211 -17.35 0.92 16.55
N LEU B 211 -17.36 0.94 16.54
CA LEU B 211 -18.26 -0.03 15.92
CA LEU B 211 -18.23 -0.03 15.91
C LEU B 211 -19.50 0.72 15.45
C LEU B 211 -19.50 0.70 15.45
N LEU B 212 -19.79 0.60 14.14
CA LEU B 212 -20.96 1.25 13.52
C LEU B 212 -21.85 0.21 12.83
N THR B 213 -23.17 0.47 12.86
CA THR B 213 -24.12 -0.06 11.88
C THR B 213 -24.29 0.95 10.75
N ILE B 214 -24.21 0.44 9.51
CA ILE B 214 -24.46 1.15 8.30
C ILE B 214 -25.59 0.46 7.53
N ASP B 215 -26.60 1.23 7.14
CA ASP B 215 -27.70 0.72 6.34
C ASP B 215 -28.30 1.85 5.51
N ASN B 216 -27.88 1.88 4.22
CA ASN B 216 -28.42 2.77 3.19
C ASN B 216 -28.51 4.19 3.78
N GLY B 217 -27.32 4.78 3.95
CA GLY B 217 -27.18 6.19 4.28
C GLY B 217 -27.33 6.50 5.76
N VAL B 218 -27.75 5.52 6.60
CA VAL B 218 -27.86 5.70 8.09
C VAL B 218 -26.61 5.06 8.72
N PHE B 219 -25.79 5.90 9.37
CA PHE B 219 -24.54 5.48 10.05
C PHE B 219 -24.77 5.69 11.55
N GLU B 220 -24.72 4.61 12.35
CA GLU B 220 -24.89 4.75 13.80
C GLU B 220 -23.72 4.09 14.52
N VAL B 221 -23.02 4.88 15.33
CA VAL B 221 -21.96 4.38 16.20
C VAL B 221 -22.66 3.68 17.39
N VAL B 222 -22.33 2.41 17.58
CA VAL B 222 -22.86 1.59 18.67
C VAL B 222 -21.96 1.75 19.91
N ALA B 223 -20.65 1.80 19.68
CA ALA B 223 -19.70 1.95 20.79
C ALA B 223 -18.37 2.46 20.25
N THR B 224 -17.68 3.25 21.07
CA THR B 224 -16.38 3.76 20.75
C THR B 224 -15.45 3.56 21.97
N ASN B 225 -14.15 3.49 21.71
CA ASN B 225 -13.15 3.57 22.73
C ASN B 225 -11.81 3.91 22.09
N GLY B 226 -10.95 4.57 22.83
CA GLY B 226 -9.65 4.88 22.28
C GLY B 226 -8.65 5.33 23.33
N ASP B 227 -7.64 6.05 22.85
CA ASP B 227 -6.50 6.51 23.61
C ASP B 227 -6.00 7.77 22.87
N THR B 228 -6.16 8.93 23.48
CA THR B 228 -5.81 10.21 22.89
C THR B 228 -4.31 10.50 22.94
N HIS B 229 -3.48 9.57 23.48
CA HIS B 229 -2.02 9.79 23.44
C HIS B 229 -1.32 8.50 22.98
N LEU B 230 -1.72 8.00 21.80
CA LEU B 230 -1.08 6.78 21.24
C LEU B 230 -1.21 6.80 19.71
N GLY B 231 -0.07 6.90 19.06
CA GLY B 231 -0.02 7.07 17.61
C GLY B 231 1.41 7.04 17.11
N GLY B 232 1.56 7.44 15.86
CA GLY B 232 2.80 7.23 15.18
C GLY B 232 3.96 7.95 15.85
N GLU B 233 3.72 9.13 16.46
CA GLU B 233 4.74 9.91 17.13
C GLU B 233 5.36 9.14 18.30
N ASP B 234 4.53 8.38 19.02
CA ASP B 234 5.00 7.55 20.13
C ASP B 234 5.96 6.46 19.63
N PHE B 235 5.64 5.88 18.46
CA PHE B 235 6.51 4.82 17.85
C PHE B 235 7.87 5.40 17.46
N ASP B 236 7.88 6.62 16.89
CA ASP B 236 9.12 7.32 16.60
C ASP B 236 9.92 7.48 17.90
N GLN B 237 9.29 7.96 18.96
CA GLN B 237 9.97 8.31 20.21
C GLN B 237 10.66 7.06 20.78
N ARG B 238 9.98 5.91 20.74
CA ARG B 238 10.56 4.63 21.19
C ARG B 238 11.87 4.34 20.42
N VAL B 239 11.87 4.61 19.11
CA VAL B 239 13.05 4.41 18.25
C VAL B 239 14.12 5.46 18.58
N MET B 240 13.69 6.71 18.80
N MET B 240 13.71 6.71 18.82
CA MET B 240 14.60 7.80 19.19
CA MET B 240 14.68 7.75 19.17
C MET B 240 15.35 7.42 20.48
C MET B 240 15.38 7.41 20.50
N GLU B 241 14.63 6.95 21.51
CA GLU B 241 15.28 6.58 22.77
C GLU B 241 16.32 5.48 22.53
N HIS B 242 15.95 4.46 21.75
CA HIS B 242 16.87 3.41 21.34
C HIS B 242 18.18 4.01 20.82
N PHE B 243 18.11 4.85 19.79
CA PHE B 243 19.31 5.26 19.07
C PHE B 243 20.15 6.23 19.90
N ILE B 244 19.50 7.06 20.72
CA ILE B 244 20.20 7.95 21.63
C ILE B 244 21.05 7.13 22.62
N LYS B 245 20.47 6.05 23.15
CA LYS B 245 21.18 5.12 24.04
C LYS B 245 22.28 4.40 23.24
N LEU B 246 21.94 3.88 22.06
CA LEU B 246 22.96 3.19 21.23
C LEU B 246 24.14 4.14 20.94
N TYR B 247 23.84 5.42 20.65
CA TYR B 247 24.89 6.32 20.23
C TYR B 247 25.83 6.61 21.42
N LYS B 248 25.22 6.82 22.59
CA LYS B 248 25.93 7.04 23.82
C LYS B 248 26.86 5.85 24.11
N LYS B 249 26.34 4.63 24.00
CA LYS B 249 27.13 3.42 24.25
C LYS B 249 28.33 3.40 23.32
N LYS B 250 28.07 3.73 22.04
CA LYS B 250 29.02 3.53 20.97
C LYS B 250 30.16 4.58 21.04
N THR B 251 29.82 5.85 21.33
CA THR B 251 30.73 6.99 21.20
C THR B 251 31.07 7.66 22.55
N GLY B 252 30.23 7.44 23.57
CA GLY B 252 30.31 8.11 24.85
C GLY B 252 29.48 9.40 24.90
N LYS B 253 28.94 9.85 23.75
CA LYS B 253 28.25 11.12 23.65
C LYS B 253 26.73 10.93 23.82
N ASP B 254 26.18 11.78 24.70
CA ASP B 254 24.78 11.99 24.95
C ASP B 254 24.33 13.23 24.15
N VAL B 255 23.57 13.00 23.08
CA VAL B 255 23.18 14.05 22.12
C VAL B 255 21.90 14.76 22.54
N ARG B 256 21.29 14.37 23.67
CA ARG B 256 19.99 14.94 24.13
C ARG B 256 20.08 16.47 24.26
N LYS B 257 21.25 17.00 24.63
CA LYS B 257 21.44 18.44 24.87
C LYS B 257 21.44 19.24 23.56
N ASP B 258 21.59 18.58 22.41
CA ASP B 258 21.72 19.28 21.12
C ASP B 258 20.41 19.12 20.34
N ASN B 259 19.56 20.17 20.33
CA ASN B 259 18.25 20.06 19.73
C ASN B 259 18.38 19.71 18.24
N ARG B 260 19.37 20.29 17.57
CA ARG B 260 19.54 20.11 16.15
C ARG B 260 19.88 18.64 15.84
N ALA B 261 20.71 18.01 16.68
CA ALA B 261 21.08 16.65 16.42
C ALA B 261 19.84 15.75 16.58
N VAL B 262 19.07 16.02 17.65
CA VAL B 262 17.93 15.22 18.01
C VAL B 262 16.89 15.31 16.88
N GLN B 263 16.70 16.50 16.31
CA GLN B 263 15.64 16.71 15.33
C GLN B 263 16.07 16.12 13.99
N LYS B 264 17.36 16.12 13.69
CA LYS B 264 17.86 15.42 12.52
C LYS B 264 17.64 13.91 12.65
N LEU B 265 17.87 13.35 13.85
CA LEU B 265 17.61 11.92 14.13
C LEU B 265 16.10 11.66 13.97
N ARG B 266 15.26 12.50 14.59
CA ARG B 266 13.81 12.35 14.50
C ARG B 266 13.38 12.32 13.03
N ARG B 267 13.89 13.25 12.21
CA ARG B 267 13.57 13.31 10.77
C ARG B 267 13.86 11.96 10.10
N GLU B 268 15.03 11.38 10.38
CA GLU B 268 15.48 10.15 9.70
C GLU B 268 14.78 8.93 10.28
N VAL B 269 14.43 8.98 11.58
CA VAL B 269 13.72 7.84 12.21
C VAL B 269 12.31 7.76 11.59
N GLU B 270 11.67 8.92 11.41
CA GLU B 270 10.33 8.95 10.82
C GLU B 270 10.38 8.32 9.42
N LYS B 271 11.37 8.70 8.60
CA LYS B 271 11.49 8.12 7.24
C LYS B 271 11.72 6.61 7.32
N ALA B 272 12.58 6.16 8.26
CA ALA B 272 12.96 4.78 8.41
C ALA B 272 11.75 3.96 8.84
N LYS B 273 10.96 4.48 9.80
CA LYS B 273 9.75 3.77 10.20
C LYS B 273 8.87 3.49 8.98
N ARG B 274 8.68 4.53 8.15
CA ARG B 274 7.84 4.43 6.98
C ARG B 274 8.39 3.33 6.05
N ALA B 275 9.72 3.28 5.88
CA ALA B 275 10.33 2.32 4.96
C ALA B 275 10.16 0.89 5.49
N LEU B 276 10.06 0.74 6.82
CA LEU B 276 9.94 -0.54 7.48
C LEU B 276 8.53 -1.14 7.34
N SER B 277 7.62 -0.40 6.72
CA SER B 277 6.32 -0.92 6.38
C SER B 277 6.38 -1.67 5.04
N SER B 278 7.46 -1.51 4.26
CA SER B 278 7.61 -2.29 3.02
C SER B 278 8.92 -3.09 2.96
N GLN B 279 9.98 -2.64 3.64
CA GLN B 279 11.24 -3.35 3.73
C GLN B 279 11.39 -3.98 5.11
N HIS B 280 12.38 -4.84 5.30
CA HIS B 280 12.58 -5.52 6.57
C HIS B 280 13.77 -4.90 7.32
N GLN B 281 14.43 -3.91 6.71
CA GLN B 281 15.50 -3.17 7.35
C GLN B 281 15.55 -1.80 6.68
N ALA B 282 16.03 -0.81 7.44
CA ALA B 282 16.22 0.52 6.89
C ALA B 282 17.51 1.13 7.47
N ARG B 283 18.23 1.88 6.64
CA ARG B 283 19.44 2.56 7.07
C ARG B 283 19.08 3.99 7.50
N ILE B 284 19.56 4.37 8.67
CA ILE B 284 19.43 5.73 9.19
C ILE B 284 20.83 6.33 9.15
N GLU B 285 21.02 7.37 8.32
CA GLU B 285 22.30 8.02 8.07
C GLU B 285 22.16 9.53 8.24
N ILE B 286 23.06 10.12 9.00
CA ILE B 286 23.14 11.57 9.20
C ILE B 286 24.61 12.00 9.08
N GLU B 287 24.87 12.82 8.08
CA GLU B 287 26.16 13.46 7.85
C GLU B 287 26.38 14.52 8.94
N SER B 288 27.56 14.51 9.57
CA SER B 288 27.92 15.41 10.71
C SER B 288 26.70 15.60 11.63
N PHE B 289 26.38 14.50 12.28
CA PHE B 289 25.31 14.35 13.21
C PHE B 289 25.60 15.13 14.49
N TYR B 290 26.77 14.87 15.08
CA TYR B 290 27.16 15.39 16.39
C TYR B 290 28.66 15.64 16.44
N GLU B 291 29.01 16.92 16.66
CA GLU B 291 30.39 17.37 16.82
C GLU B 291 31.20 16.93 15.61
N GLY B 292 30.58 17.05 14.43
CA GLY B 292 31.21 16.69 13.16
C GLY B 292 31.19 15.20 12.80
N GLU B 293 30.83 14.33 13.75
CA GLU B 293 30.86 12.89 13.49
C GLU B 293 29.51 12.47 12.88
N ASP B 294 29.59 11.40 12.08
CA ASP B 294 28.52 10.89 11.23
C ASP B 294 27.79 9.78 11.99
N PHE B 295 26.48 9.70 11.77
CA PHE B 295 25.64 8.67 12.33
C PHE B 295 25.25 7.72 11.21
N SER B 296 25.35 6.42 11.47
CA SER B 296 25.01 5.43 10.46
C SER B 296 24.61 4.13 11.16
N GLU B 297 23.31 3.80 11.11
CA GLU B 297 22.80 2.63 11.80
C GLU B 297 21.64 2.03 10.98
N THR B 298 21.46 0.73 11.12
CA THR B 298 20.41 0.00 10.49
C THR B 298 19.37 -0.26 11.58
N LEU B 299 18.09 -0.13 11.22
CA LEU B 299 17.02 -0.60 12.07
C LEU B 299 16.28 -1.71 11.32
N THR B 300 16.15 -2.86 11.96
CA THR B 300 15.36 -3.95 11.42
C THR B 300 13.90 -3.75 11.82
N ARG B 301 13.00 -4.27 10.98
CA ARG B 301 11.57 -4.32 11.29
C ARG B 301 11.34 -5.06 12.61
N ALA B 302 12.06 -6.18 12.83
CA ALA B 302 11.97 -6.95 14.09
C ALA B 302 12.28 -6.08 15.31
N LYS B 303 13.34 -5.27 15.21
CA LYS B 303 13.72 -4.41 16.28
C LYS B 303 12.70 -3.27 16.51
N PHE B 304 12.21 -2.69 15.40
CA PHE B 304 11.16 -1.67 15.45
C PHE B 304 9.93 -2.25 16.15
N GLU B 305 9.61 -3.50 15.84
CA GLU B 305 8.48 -4.17 16.42
C GLU B 305 8.72 -4.40 17.91
N GLU B 306 9.92 -4.88 18.27
CA GLU B 306 10.21 -5.19 19.69
C GLU B 306 10.17 -3.90 20.53
N LEU B 307 10.67 -2.77 20.00
CA LEU B 307 10.76 -1.54 20.76
C LEU B 307 9.35 -0.99 21.06
N ASN B 308 8.38 -1.36 20.21
CA ASN B 308 7.00 -0.84 20.23
C ASN B 308 5.98 -1.93 20.60
N MET B 309 6.47 -3.07 21.09
CA MET B 309 5.63 -4.30 21.19
C MET B 309 4.40 -4.09 22.12
N ASP B 310 4.64 -3.49 23.28
CA ASP B 310 3.62 -3.21 24.27
C ASP B 310 2.59 -2.22 23.67
N LEU B 311 3.08 -1.18 22.98
CA LEU B 311 2.20 -0.21 22.40
C LEU B 311 1.29 -0.85 21.33
N PHE B 312 1.85 -1.64 20.41
CA PHE B 312 1.07 -2.26 19.32
C PHE B 312 0.00 -3.18 19.92
N ARG B 313 0.43 -4.03 20.88
CA ARG B 313 -0.45 -4.96 21.62
C ARG B 313 -1.62 -4.20 22.27
N SER B 314 -1.34 -3.01 22.81
CA SER B 314 -2.36 -2.19 23.54
C SER B 314 -3.52 -1.74 22.63
N THR B 315 -3.33 -1.82 21.31
CA THR B 315 -4.38 -1.40 20.39
C THR B 315 -5.53 -2.42 20.38
N MET B 316 -5.30 -3.66 20.87
CA MET B 316 -6.38 -4.66 20.86
C MET B 316 -7.35 -4.41 22.02
N LYS B 317 -6.93 -3.69 23.07
CA LYS B 317 -7.85 -3.55 24.20
C LYS B 317 -9.11 -2.76 23.84
N PRO B 318 -9.02 -1.58 23.19
CA PRO B 318 -10.21 -0.89 22.70
C PRO B 318 -11.09 -1.71 21.75
N VAL B 319 -10.46 -2.57 20.92
CA VAL B 319 -11.25 -3.38 20.08
C VAL B 319 -12.16 -4.26 20.95
N GLN B 320 -11.57 -4.88 21.96
CA GLN B 320 -12.30 -5.72 22.90
C GLN B 320 -13.35 -4.93 23.69
N LYS B 321 -13.07 -3.66 24.04
CA LYS B 321 -14.05 -2.87 24.78
C LYS B 321 -15.28 -2.57 23.90
N VAL B 322 -15.03 -2.24 22.63
N VAL B 322 -15.05 -2.23 22.63
CA VAL B 322 -16.08 -1.87 21.69
CA VAL B 322 -16.16 -1.87 21.73
C VAL B 322 -16.98 -3.08 21.41
C VAL B 322 -17.01 -3.10 21.43
N LEU B 323 -16.39 -4.26 21.19
CA LEU B 323 -17.18 -5.48 21.00
C LEU B 323 -18.04 -5.78 22.25
N GLU B 324 -17.43 -5.74 23.45
CA GLU B 324 -18.19 -6.00 24.70
C GLU B 324 -19.36 -4.99 24.83
N ASP B 325 -19.05 -3.71 24.69
CA ASP B 325 -20.06 -2.62 24.87
C ASP B 325 -21.16 -2.71 23.78
N SER B 326 -20.83 -3.29 22.62
N SER B 326 -20.84 -3.29 22.62
CA SER B 326 -21.80 -3.43 21.52
CA SER B 326 -21.83 -3.44 21.52
C SER B 326 -22.61 -4.73 21.64
C SER B 326 -22.59 -4.76 21.60
N ASP B 327 -22.20 -5.63 22.55
CA ASP B 327 -22.87 -6.93 22.79
C ASP B 327 -22.76 -7.80 21.53
N LEU B 328 -21.64 -7.67 20.82
CA LEU B 328 -21.38 -8.40 19.60
C LEU B 328 -20.14 -9.25 19.83
N LYS B 329 -19.94 -10.19 18.92
CA LYS B 329 -18.76 -10.97 18.90
C LYS B 329 -18.04 -10.72 17.58
N LYS B 330 -16.82 -11.28 17.48
CA LYS B 330 -15.91 -11.06 16.38
C LYS B 330 -16.61 -11.34 15.05
N SER B 331 -17.39 -12.43 14.97
CA SER B 331 -17.94 -12.91 13.71
C SER B 331 -19.11 -12.04 13.24
N ASP B 332 -19.63 -11.18 14.13
CA ASP B 332 -20.67 -10.23 13.75
C ASP B 332 -20.09 -9.10 12.88
N ILE B 333 -18.76 -8.94 12.82
CA ILE B 333 -18.19 -7.78 12.14
C ILE B 333 -18.09 -8.10 10.64
N ASP B 334 -18.72 -7.29 9.78
CA ASP B 334 -18.74 -7.51 8.35
C ASP B 334 -17.49 -6.95 7.67
N GLU B 335 -16.99 -5.82 8.17
CA GLU B 335 -15.80 -5.19 7.57
C GLU B 335 -14.96 -4.55 8.66
N ILE B 336 -13.63 -4.68 8.53
CA ILE B 336 -12.68 -3.96 9.31
C ILE B 336 -12.09 -2.85 8.43
N VAL B 337 -12.33 -1.58 8.80
CA VAL B 337 -11.86 -0.44 8.04
C VAL B 337 -10.66 0.17 8.75
N LEU B 338 -9.47 0.06 8.17
CA LEU B 338 -8.26 0.68 8.73
C LEU B 338 -8.14 2.10 8.20
N VAL B 339 -8.01 3.09 9.10
CA VAL B 339 -7.72 4.45 8.73
C VAL B 339 -6.63 4.99 9.65
N GLY B 340 -6.03 6.10 9.22
CA GLY B 340 -4.89 6.69 9.93
C GLY B 340 -3.62 6.07 9.36
N GLY B 341 -2.60 6.91 9.20
CA GLY B 341 -1.42 6.52 8.46
C GLY B 341 -0.59 5.42 9.09
N SER B 342 -0.70 5.27 10.40
CA SER B 342 -0.01 4.20 11.11
C SER B 342 -0.59 2.81 10.85
N THR B 343 -1.83 2.71 10.35
CA THR B 343 -2.41 1.36 10.04
C THR B 343 -1.59 0.71 8.91
N ARG B 344 -0.66 1.45 8.31
CA ARG B 344 0.24 0.88 7.30
C ARG B 344 1.29 -0.03 7.93
N ILE B 345 1.44 0.04 9.26
CA ILE B 345 2.47 -0.78 9.92
C ILE B 345 2.09 -2.27 9.81
N PRO B 346 2.94 -3.14 9.22
CA PRO B 346 2.60 -4.57 9.09
C PRO B 346 2.21 -5.31 10.38
N LYS B 347 2.87 -5.03 11.52
CA LYS B 347 2.52 -5.69 12.75
C LYS B 347 1.11 -5.29 13.25
N ILE B 348 0.68 -4.06 13.00
CA ILE B 348 -0.62 -3.62 13.36
C ILE B 348 -1.63 -4.37 12.52
N GLN B 349 -1.45 -4.37 11.19
CA GLN B 349 -2.31 -5.13 10.31
C GLN B 349 -2.37 -6.60 10.74
N GLN B 350 -1.23 -7.21 11.09
CA GLN B 350 -1.20 -8.59 11.55
C GLN B 350 -2.04 -8.79 12.83
N LEU B 351 -1.87 -7.91 13.80
CA LEU B 351 -2.58 -8.04 15.08
C LEU B 351 -4.08 -8.00 14.81
N VAL B 352 -4.51 -7.10 13.92
CA VAL B 352 -5.92 -6.89 13.70
C VAL B 352 -6.47 -8.13 12.98
N LYS B 353 -5.77 -8.58 11.94
CA LYS B 353 -6.18 -9.78 11.16
C LYS B 353 -6.27 -11.00 12.05
N GLU B 354 -5.27 -11.22 12.91
CA GLU B 354 -5.28 -12.36 13.78
C GLU B 354 -6.42 -12.25 14.80
N PHE B 355 -6.62 -11.06 15.39
CA PHE B 355 -7.75 -10.86 16.34
C PHE B 355 -9.05 -11.39 15.73
N PHE B 356 -9.27 -11.07 14.45
CA PHE B 356 -10.49 -11.43 13.75
C PHE B 356 -10.32 -12.74 12.93
N ASN B 357 -9.44 -13.62 13.36
CA ASN B 357 -9.36 -15.02 12.85
C ASN B 357 -9.09 -15.09 11.35
N GLY B 358 -8.21 -14.20 10.85
CA GLY B 358 -7.73 -14.25 9.44
C GLY B 358 -8.56 -13.38 8.50
N LYS B 359 -9.53 -12.65 9.03
CA LYS B 359 -10.29 -11.75 8.18
C LYS B 359 -9.40 -10.59 7.73
N GLU B 360 -9.51 -10.22 6.45
CA GLU B 360 -8.73 -9.15 5.87
C GLU B 360 -9.48 -7.82 5.95
N PRO B 361 -8.74 -6.68 6.00
CA PRO B 361 -9.31 -5.32 5.95
C PRO B 361 -10.00 -4.90 4.65
N SER B 362 -10.82 -3.86 4.74
CA SER B 362 -11.52 -3.35 3.58
C SER B 362 -10.51 -2.69 2.63
N ARG B 363 -10.65 -3.04 1.34
CA ARG B 363 -9.70 -2.63 0.32
C ARG B 363 -10.26 -1.35 -0.33
N GLY B 364 -9.37 -0.38 -0.56
CA GLY B 364 -9.67 0.82 -1.33
C GLY B 364 -9.43 2.11 -0.54
N ILE B 365 -9.49 2.05 0.78
CA ILE B 365 -9.60 3.24 1.63
C ILE B 365 -8.21 3.89 1.79
N ASN B 366 -8.04 5.14 1.36
CA ASN B 366 -6.74 5.88 1.62
C ASN B 366 -6.66 6.24 3.11
N PRO B 367 -5.75 5.60 3.87
CA PRO B 367 -5.74 5.78 5.32
C PRO B 367 -5.44 7.22 5.76
N ASP B 368 -4.85 8.04 4.88
CA ASP B 368 -4.42 9.40 5.24
C ASP B 368 -5.51 10.41 4.91
N GLU B 369 -6.44 10.00 4.06
CA GLU B 369 -7.39 10.93 3.49
C GLU B 369 -8.82 10.52 3.83
N ALA B 370 -9.07 9.26 4.21
CA ALA B 370 -10.45 8.80 4.41
C ALA B 370 -11.21 9.72 5.39
N VAL B 371 -10.54 10.20 6.44
CA VAL B 371 -11.24 10.99 7.45
C VAL B 371 -11.68 12.33 6.85
N ALA B 372 -10.78 13.05 6.16
CA ALA B 372 -11.21 14.34 5.50
C ALA B 372 -12.34 14.08 4.48
N TYR B 373 -12.28 12.95 3.80
CA TYR B 373 -13.27 12.56 2.81
C TYR B 373 -14.67 12.53 3.44
N GLY B 374 -14.80 11.79 4.56
CA GLY B 374 -16.03 11.74 5.33
C GLY B 374 -16.49 13.09 5.81
N ALA B 375 -15.54 13.89 6.33
CA ALA B 375 -15.80 15.25 6.81
C ALA B 375 -16.38 16.13 5.68
N ALA B 376 -15.83 15.97 4.48
CA ALA B 376 -16.25 16.74 3.28
C ALA B 376 -17.67 16.34 2.87
N VAL B 377 -17.99 15.05 2.96
CA VAL B 377 -19.37 14.57 2.69
C VAL B 377 -20.35 15.23 3.68
N GLN B 378 -20.09 15.12 4.99
CA GLN B 378 -20.94 15.77 6.00
C GLN B 378 -21.00 17.28 5.71
N ALA B 379 -19.88 17.88 5.33
CA ALA B 379 -19.89 19.31 4.99
C ALA B 379 -20.82 19.57 3.77
N GLY B 380 -20.74 18.73 2.75
CA GLY B 380 -21.70 18.79 1.61
C GLY B 380 -23.17 18.82 2.06
N VAL B 381 -23.54 17.90 2.94
CA VAL B 381 -24.87 17.73 3.51
C VAL B 381 -25.29 19.01 4.24
N LEU B 382 -24.38 19.58 5.05
CA LEU B 382 -24.71 20.78 5.84
C LEU B 382 -24.76 22.03 4.94
N SER B 383 -24.04 21.99 3.82
CA SER B 383 -24.14 22.97 2.72
C SER B 383 -25.60 23.15 2.25
N GLY B 384 -26.29 22.03 2.01
CA GLY B 384 -27.69 22.02 1.57
C GLY B 384 -27.83 21.83 0.07
N ASP B 385 -26.95 22.47 -0.69
CA ASP B 385 -27.14 22.65 -2.13
C ASP B 385 -26.46 21.51 -2.91
N GLN B 386 -26.15 20.39 -2.23
CA GLN B 386 -25.28 19.37 -2.83
C GLN B 386 -26.06 18.08 -3.11
N ASP B 387 -25.63 17.39 -4.17
CA ASP B 387 -26.14 16.08 -4.61
C ASP B 387 -25.47 14.96 -3.77
N THR B 388 -25.69 15.00 -2.44
CA THR B 388 -24.92 14.23 -1.44
C THR B 388 -25.56 12.87 -1.16
N GLY B 389 -26.89 12.86 -1.01
CA GLY B 389 -27.66 11.71 -0.54
C GLY B 389 -28.35 12.03 0.78
N ASP B 390 -29.18 11.09 1.27
CA ASP B 390 -29.79 11.24 2.60
C ASP B 390 -28.94 10.45 3.61
N LEU B 391 -27.80 11.07 3.93
CA LEU B 391 -26.87 10.68 4.99
C LEU B 391 -27.44 11.07 6.36
N VAL B 392 -27.66 10.08 7.24
CA VAL B 392 -28.11 10.23 8.63
C VAL B 392 -27.01 9.65 9.54
N LEU B 393 -26.51 10.47 10.48
CA LEU B 393 -25.50 10.09 11.44
C LEU B 393 -26.09 10.12 12.83
N LEU B 394 -25.84 9.06 13.59
CA LEU B 394 -26.08 9.03 15.04
C LEU B 394 -24.76 8.64 15.70
N ASP B 395 -24.17 9.57 16.45
CA ASP B 395 -22.94 9.32 17.19
C ASP B 395 -23.19 9.43 18.71
N VAL B 396 -22.15 9.12 19.49
CA VAL B 396 -22.27 8.83 20.92
C VAL B 396 -21.20 9.63 21.65
N CYS B 397 -21.39 9.78 22.96
CA CYS B 397 -20.43 10.37 23.84
C CYS B 397 -19.46 9.25 24.21
N PRO B 398 -18.15 9.51 24.27
CA PRO B 398 -17.18 8.45 24.58
C PRO B 398 -16.95 8.05 26.05
N LEU B 399 -17.35 8.90 26.98
CA LEU B 399 -17.00 8.84 28.36
C LEU B 399 -18.26 9.04 29.22
N THR B 400 -18.36 8.22 30.29
CA THR B 400 -19.41 8.33 31.26
C THR B 400 -19.23 9.69 31.95
N LEU B 401 -20.32 10.45 32.03
CA LEU B 401 -20.31 11.66 32.84
C LEU B 401 -21.03 11.39 34.15
N GLY B 402 -20.39 11.82 35.23
CA GLY B 402 -20.96 11.87 36.56
C GLY B 402 -20.76 13.22 37.22
N ILE B 403 -21.53 13.47 38.29
CA ILE B 403 -21.47 14.70 39.04
C ILE B 403 -21.21 14.43 40.51
N GLU B 404 -20.56 15.41 41.13
CA GLU B 404 -20.35 15.51 42.55
C GLU B 404 -20.88 16.87 43.00
N THR B 405 -21.96 16.84 43.79
CA THR B 405 -22.51 18.03 44.39
C THR B 405 -21.89 18.15 45.77
N VAL B 406 -21.19 19.26 46.03
CA VAL B 406 -20.72 19.53 47.40
C VAL B 406 -21.95 19.56 48.33
N GLY B 407 -21.95 18.68 49.33
CA GLY B 407 -23.05 18.55 50.28
C GLY B 407 -24.23 17.78 49.70
N GLY B 408 -24.00 17.03 48.61
CA GLY B 408 -25.07 16.23 47.99
C GLY B 408 -24.56 14.90 47.42
N VAL B 409 -25.39 14.31 46.58
CA VAL B 409 -25.08 13.02 46.04
C VAL B 409 -23.90 13.16 45.05
N MET B 410 -23.06 12.13 45.01
CA MET B 410 -22.22 11.84 43.90
C MET B 410 -22.99 10.80 43.08
N THR B 411 -23.15 11.03 41.78
CA THR B 411 -23.88 10.09 40.94
C THR B 411 -23.41 10.14 39.48
N LYS B 412 -23.58 9.00 38.83
CA LYS B 412 -23.42 8.85 37.44
C LYS B 412 -24.60 9.52 36.76
N LEU B 413 -24.37 10.15 35.60
CA LEU B 413 -25.38 10.96 34.96
C LEU B 413 -25.72 10.38 33.60
N ILE B 414 -24.69 10.23 32.75
CA ILE B 414 -24.88 9.86 31.38
C ILE B 414 -23.84 8.80 31.03
N PRO B 415 -24.24 7.55 30.75
CA PRO B 415 -23.30 6.48 30.41
C PRO B 415 -22.52 6.73 29.11
N ARG B 416 -21.30 6.22 29.05
CA ARG B 416 -20.58 6.17 27.77
C ARG B 416 -21.43 5.50 26.70
N ASN B 417 -21.14 5.82 25.42
CA ASN B 417 -21.83 5.22 24.31
C ASN B 417 -23.32 5.59 24.30
N THR B 418 -23.71 6.70 24.95
CA THR B 418 -25.04 7.25 24.81
C THR B 418 -25.12 8.10 23.54
N VAL B 419 -26.19 7.90 22.76
N VAL B 419 -26.18 7.89 22.75
CA VAL B 419 -26.39 8.66 21.52
CA VAL B 419 -26.38 8.66 21.52
C VAL B 419 -26.62 10.13 21.89
C VAL B 419 -26.61 10.13 21.90
N VAL B 420 -25.93 11.03 21.19
CA VAL B 420 -26.06 12.47 21.38
C VAL B 420 -26.82 13.06 20.19
N PRO B 421 -27.55 14.15 20.41
CA PRO B 421 -27.62 14.86 21.65
C PRO B 421 -28.45 14.09 22.68
N THR B 422 -28.16 14.34 23.95
CA THR B 422 -28.82 13.74 25.08
C THR B 422 -28.74 14.73 26.22
N LYS B 423 -29.68 14.67 27.17
CA LYS B 423 -29.60 15.48 28.36
C LYS B 423 -30.09 14.70 29.58
N LYS B 424 -29.69 15.17 30.75
CA LYS B 424 -30.17 14.68 32.00
C LYS B 424 -30.32 15.90 32.92
N SER B 425 -31.32 15.86 33.79
CA SER B 425 -31.60 16.97 34.72
C SER B 425 -31.54 16.47 36.15
N GLN B 426 -31.18 17.37 37.06
CA GLN B 426 -31.17 17.13 38.49
C GLN B 426 -31.79 18.35 39.20
N ILE B 427 -32.68 18.11 40.16
CA ILE B 427 -33.24 19.14 41.02
C ILE B 427 -32.34 19.29 42.25
N PHE B 428 -32.01 20.53 42.58
CA PHE B 428 -31.36 20.92 43.84
C PHE B 428 -32.32 21.79 44.66
N SER B 429 -32.71 21.27 45.83
CA SER B 429 -33.77 21.89 46.64
C SER B 429 -33.18 22.56 47.89
N VAL B 430 -31.88 22.87 47.83
CA VAL B 430 -31.13 23.25 49.02
C VAL B 430 -31.25 24.77 49.25
N GLY B 431 -31.01 25.58 48.22
CA GLY B 431 -30.73 27.00 48.41
C GLY B 431 -29.28 27.20 48.84
N GLY B 432 -28.92 28.45 49.16
CA GLY B 432 -27.52 28.86 49.30
C GLY B 432 -26.81 28.83 47.96
N THR B 433 -25.48 28.77 47.99
CA THR B 433 -24.70 28.49 46.77
C THR B 433 -24.61 26.97 46.64
N VAL B 434 -24.47 26.50 45.40
CA VAL B 434 -24.33 25.09 45.09
C VAL B 434 -23.21 24.91 44.05
N THR B 435 -22.21 24.10 44.39
CA THR B 435 -21.10 23.81 43.51
C THR B 435 -21.24 22.36 43.00
N ILE B 436 -21.18 22.20 41.67
CA ILE B 436 -21.26 20.89 41.00
C ILE B 436 -19.98 20.64 40.20
N LYS B 437 -19.34 19.49 40.46
CA LYS B 437 -18.22 19.01 39.67
C LYS B 437 -18.70 17.88 38.76
N VAL B 438 -18.27 17.95 37.49
CA VAL B 438 -18.59 16.98 36.41
C VAL B 438 -17.31 16.22 36.08
N TYR B 439 -17.41 14.89 36.01
CA TYR B 439 -16.30 14.04 35.77
C TYR B 439 -16.60 13.14 34.57
N GLU B 440 -15.55 12.78 33.85
CA GLU B 440 -15.54 11.98 32.63
C GLU B 440 -14.67 10.75 32.83
N GLY B 441 -15.26 9.57 32.67
CA GLY B 441 -14.54 8.31 32.73
C GLY B 441 -15.36 7.22 33.38
N GLU B 442 -14.81 6.00 33.42
CA GLU B 442 -15.52 4.80 33.75
C GLU B 442 -15.17 4.26 35.14
N ARG B 443 -14.33 4.93 35.92
CA ARG B 443 -14.06 4.42 37.25
C ARG B 443 -15.34 4.52 38.08
N PRO B 444 -15.62 3.53 38.96
CA PRO B 444 -16.90 3.47 39.67
C PRO B 444 -17.12 4.65 40.66
N LEU B 445 -16.05 5.17 41.26
CA LEU B 445 -16.24 6.38 42.08
C LEU B 445 -16.13 7.58 41.14
N THR B 446 -17.19 8.36 41.07
CA THR B 446 -17.31 9.36 40.05
C THR B 446 -16.08 10.27 40.07
N LYS B 447 -15.69 10.74 41.25
CA LYS B 447 -14.65 11.72 41.40
C LYS B 447 -13.23 11.14 41.22
N ASP B 448 -13.06 9.83 41.00
CA ASP B 448 -11.76 9.26 40.62
C ASP B 448 -11.51 9.45 39.11
N ASN B 449 -12.47 10.01 38.37
CA ASN B 449 -12.36 10.18 36.90
C ASN B 449 -11.77 11.57 36.57
N HIS B 450 -11.70 11.91 35.29
CA HIS B 450 -11.15 13.18 34.79
C HIS B 450 -12.13 14.32 35.07
N LEU B 451 -11.64 15.38 35.70
CA LEU B 451 -12.47 16.52 36.00
C LEU B 451 -12.74 17.32 34.73
N LEU B 452 -14.02 17.36 34.31
CA LEU B 452 -14.48 18.19 33.17
C LEU B 452 -14.60 19.65 33.63
N GLY B 453 -15.27 19.86 34.76
CA GLY B 453 -15.43 21.22 35.23
C GLY B 453 -16.12 21.30 36.56
N THR B 454 -16.09 22.52 37.11
CA THR B 454 -16.80 22.97 38.31
C THR B 454 -17.78 24.09 37.96
N PHE B 455 -19.05 23.89 38.31
CA PHE B 455 -20.14 24.78 37.95
C PHE B 455 -20.83 25.25 39.23
N ASP B 456 -20.92 26.56 39.43
CA ASP B 456 -21.53 27.15 40.64
C ASP B 456 -22.84 27.84 40.30
N LEU B 457 -23.85 27.54 41.12
CA LEU B 457 -25.16 28.13 41.08
C LEU B 457 -25.26 29.09 42.26
N THR B 458 -25.17 30.38 41.93
CA THR B 458 -25.03 31.42 42.92
C THR B 458 -26.42 31.90 43.35
N GLY B 459 -27.21 32.37 42.38
CA GLY B 459 -28.50 32.98 42.65
C GLY B 459 -29.60 31.95 42.84
N ILE B 460 -29.97 31.69 44.10
CA ILE B 460 -31.19 30.94 44.46
C ILE B 460 -32.05 31.84 45.34
N PRO B 461 -33.25 32.26 44.89
CA PRO B 461 -34.18 33.02 45.75
C PRO B 461 -34.76 32.15 46.86
N PRO B 462 -34.55 32.49 48.16
CA PRO B 462 -35.23 31.81 49.25
C PRO B 462 -36.70 32.29 49.35
N ALA B 463 -37.60 31.59 48.66
CA ALA B 463 -39.01 32.00 48.49
C ALA B 463 -39.82 31.67 49.74
N PRO B 464 -40.75 32.56 50.19
CA PRO B 464 -41.58 32.28 51.36
C PRO B 464 -42.64 31.19 51.09
N ARG B 465 -42.80 30.27 52.06
CA ARG B 465 -43.81 29.20 52.04
C ARG B 465 -43.28 27.98 51.28
N GLY B 466 -42.81 28.19 50.04
CA GLY B 466 -42.33 27.11 49.16
C GLY B 466 -40.92 26.65 49.50
N VAL B 467 -40.43 25.66 48.73
CA VAL B 467 -39.11 25.04 48.89
C VAL B 467 -38.28 25.37 47.64
N PRO B 468 -36.98 25.76 47.77
CA PRO B 468 -36.12 26.00 46.59
C PRO B 468 -36.16 24.84 45.58
N GLN B 469 -36.23 25.18 44.29
CA GLN B 469 -36.38 24.19 43.20
C GLN B 469 -35.64 24.67 41.96
N ILE B 470 -34.30 24.53 41.95
CA ILE B 470 -33.47 24.80 40.78
C ILE B 470 -33.26 23.47 40.02
N GLU B 471 -33.69 23.46 38.76
CA GLU B 471 -33.43 22.37 37.86
C GLU B 471 -32.14 22.69 37.09
N VAL B 472 -31.13 21.82 37.23
CA VAL B 472 -29.91 21.94 36.43
C VAL B 472 -29.95 20.88 35.33
N THR B 473 -29.77 21.31 34.08
CA THR B 473 -29.75 20.43 32.91
C THR B 473 -28.31 20.33 32.40
N PHE B 474 -27.91 19.08 32.12
CA PHE B 474 -26.63 18.69 31.55
C PHE B 474 -26.95 18.18 30.13
N GLU B 475 -26.62 18.94 29.10
CA GLU B 475 -26.88 18.53 27.75
C GLU B 475 -25.57 18.36 26.98
N ILE B 476 -25.40 17.18 26.35
CA ILE B 476 -24.30 16.98 25.38
C ILE B 476 -24.90 17.22 24.00
N ASP B 477 -24.34 18.23 23.29
CA ASP B 477 -24.88 18.67 22.04
C ASP B 477 -24.38 17.75 20.93
N VAL B 478 -24.69 18.09 19.68
CA VAL B 478 -24.38 17.20 18.53
C VAL B 478 -22.87 17.20 18.20
N ASN B 479 -22.11 18.11 18.81
CA ASN B 479 -20.66 18.15 18.66
C ASN B 479 -19.96 17.33 19.76
N GLY B 480 -20.72 16.78 20.71
CA GLY B 480 -20.19 15.96 21.82
C GLY B 480 -19.79 16.79 23.02
N ILE B 481 -20.25 18.05 23.04
CA ILE B 481 -19.79 19.07 24.04
C ILE B 481 -20.92 19.36 25.03
N LEU B 482 -20.54 19.55 26.29
CA LEU B 482 -21.50 19.65 27.37
C LEU B 482 -21.92 21.10 27.55
N ARG B 483 -23.22 21.35 27.70
CA ARG B 483 -23.70 22.62 28.20
C ARG B 483 -24.53 22.37 29.45
N VAL B 484 -24.25 23.16 30.47
CA VAL B 484 -24.91 23.09 31.73
C VAL B 484 -25.77 24.34 31.89
N THR B 485 -27.08 24.14 32.10
CA THR B 485 -28.03 25.24 32.31
C THR B 485 -28.84 25.00 33.58
N ALA B 486 -29.43 26.09 34.04
CA ALA B 486 -30.19 26.13 35.28
C ALA B 486 -31.47 26.92 35.04
N GLU B 487 -32.57 26.39 35.56
CA GLU B 487 -33.84 27.12 35.60
C GLU B 487 -34.51 26.89 36.95
N ASP B 488 -35.13 27.98 37.43
CA ASP B 488 -36.03 28.00 38.58
C ASP B 488 -37.37 27.38 38.19
N LYS B 489 -37.78 26.31 38.91
CA LYS B 489 -39.04 25.57 38.70
C LYS B 489 -40.07 25.93 39.78
N GLY B 490 -39.64 26.65 40.82
CA GLY B 490 -40.52 27.20 41.87
C GLY B 490 -41.23 28.47 41.41
N THR B 491 -40.52 29.30 40.63
CA THR B 491 -41.07 30.51 39.99
C THR B 491 -42.03 30.12 38.85
N GLY B 492 -41.64 29.09 38.10
CA GLY B 492 -42.23 28.75 36.80
C GLY B 492 -41.51 29.48 35.67
N ASN B 493 -40.20 29.68 35.86
CA ASN B 493 -39.40 30.57 35.01
C ASN B 493 -38.73 29.75 33.90
N LYS B 494 -39.00 30.14 32.65
CA LYS B 494 -38.54 29.44 31.43
C LYS B 494 -37.20 30.02 30.96
N ASN B 495 -36.56 30.83 31.82
CA ASN B 495 -35.32 31.53 31.49
C ASN B 495 -34.13 30.65 31.87
N LYS B 496 -33.69 29.83 30.89
CA LYS B 496 -32.53 28.96 30.99
C LYS B 496 -31.26 29.82 30.99
N ILE B 497 -30.65 29.99 32.17
CA ILE B 497 -29.31 30.57 32.32
C ILE B 497 -28.30 29.47 31.97
N THR B 498 -27.26 29.80 31.19
CA THR B 498 -26.06 28.97 31.03
C THR B 498 -25.18 29.18 32.27
N ILE B 499 -24.66 28.07 32.83
CA ILE B 499 -23.70 28.12 33.94
C ILE B 499 -22.31 27.86 33.34
N THR B 500 -21.42 28.84 33.55
CA THR B 500 -20.09 28.84 32.96
C THR B 500 -19.18 27.89 33.76
N ASN B 501 -18.30 27.20 33.02
CA ASN B 501 -17.33 26.27 33.58
C ASN B 501 -16.22 27.08 34.27
N ASP B 502 -16.07 26.93 35.59
CA ASP B 502 -15.00 27.57 36.36
C ASP B 502 -13.61 27.19 35.83
N GLN B 503 -13.48 26.05 35.16
CA GLN B 503 -12.16 25.59 34.78
C GLN B 503 -11.69 26.41 33.57
N ASN B 504 -11.48 25.74 32.45
CA ASN B 504 -10.45 26.13 31.48
C ASN B 504 -10.86 27.34 30.63
N ARG B 505 -12.13 27.39 30.23
CA ARG B 505 -12.49 27.68 28.84
C ARG B 505 -12.27 29.18 28.50
N LEU B 506 -11.74 29.40 27.29
CA LEU B 506 -11.59 30.72 26.68
C LEU B 506 -12.98 31.37 26.57
N THR B 507 -13.04 32.63 26.95
CA THR B 507 -14.25 33.44 26.84
C THR B 507 -14.37 34.01 25.42
N PRO B 508 -15.57 34.50 25.02
CA PRO B 508 -15.74 35.14 23.71
C PRO B 508 -14.78 36.32 23.44
N GLU B 509 -14.51 37.15 24.45
CA GLU B 509 -13.60 38.32 24.34
C GLU B 509 -12.16 37.84 24.07
N GLU B 510 -11.73 36.81 24.79
CA GLU B 510 -10.37 36.26 24.64
C GLU B 510 -10.20 35.64 23.25
N ILE B 511 -11.19 34.86 22.81
CA ILE B 511 -11.17 34.29 21.51
C ILE B 511 -11.05 35.40 20.46
N GLU B 512 -11.75 36.52 20.62
CA GLU B 512 -11.76 37.57 19.59
C GLU B 512 -10.39 38.24 19.53
N ARG B 513 -9.77 38.46 20.68
CA ARG B 513 -8.38 38.91 20.70
C ARG B 513 -7.52 37.92 19.89
N MET B 514 -7.67 36.61 20.09
CA MET B 514 -6.85 35.66 19.33
C MET B 514 -7.18 35.70 17.83
N VAL B 515 -8.48 35.85 17.51
CA VAL B 515 -8.93 36.05 16.14
C VAL B 515 -8.17 37.23 15.54
N ASN B 516 -8.14 38.33 16.28
CA ASN B 516 -7.52 39.60 15.80
C ASN B 516 -6.03 39.38 15.49
N ASP B 517 -5.30 38.71 16.40
CA ASP B 517 -3.89 38.37 16.19
CA ASP B 517 -3.87 38.35 16.19
C ASP B 517 -3.78 37.45 14.96
N ALA B 518 -4.72 36.50 14.85
CA ALA B 518 -4.74 35.58 13.71
C ALA B 518 -4.93 36.36 12.39
N GLU B 519 -5.78 37.38 12.40
CA GLU B 519 -6.09 38.16 11.18
C GLU B 519 -4.87 39.01 10.76
N LYS B 520 -4.06 39.45 11.72
CA LYS B 520 -2.84 40.18 11.37
C LYS B 520 -1.95 39.32 10.47
N PHE B 521 -1.69 38.07 10.90
CA PHE B 521 -0.81 37.17 10.15
C PHE B 521 -1.43 36.79 8.81
N ALA B 522 -2.76 36.61 8.78
CA ALA B 522 -3.47 36.33 7.53
C ALA B 522 -3.34 37.50 6.52
N GLU B 523 -3.31 38.73 7.02
CA GLU B 523 -3.07 39.90 6.18
C GLU B 523 -1.70 39.75 5.50
N GLU B 524 -0.65 39.54 6.30
CA GLU B 524 0.72 39.20 5.83
C GLU B 524 0.63 38.08 4.78
N ASP B 525 -0.10 37.00 5.08
CA ASP B 525 -0.22 35.91 4.11
C ASP B 525 -0.77 36.42 2.76
N LYS B 526 -1.71 37.37 2.81
CA LYS B 526 -2.38 37.89 1.61
C LYS B 526 -1.39 38.76 0.81
N LYS B 527 -0.78 39.73 1.49
CA LYS B 527 0.25 40.58 0.89
C LYS B 527 1.27 39.70 0.16
N LEU B 528 1.67 38.60 0.79
CA LEU B 528 2.78 37.80 0.31
C LEU B 528 2.38 37.06 -0.97
N LYS B 529 1.19 36.45 -0.99
CA LYS B 529 0.73 35.73 -2.19
C LYS B 529 0.53 36.72 -3.36
N GLU B 530 0.13 37.96 -3.04
CA GLU B 530 -0.06 39.01 -4.05
C GLU B 530 1.32 39.43 -4.58
N ARG B 531 2.23 39.76 -3.68
CA ARG B 531 3.58 40.22 -4.01
C ARG B 531 4.28 39.17 -4.90
N ILE B 532 4.26 37.91 -4.45
CA ILE B 532 4.96 36.82 -5.12
C ILE B 532 4.29 36.54 -6.48
N ASP B 533 2.97 36.69 -6.54
CA ASP B 533 2.21 36.41 -7.77
C ASP B 533 2.61 37.41 -8.87
N THR B 534 2.72 38.69 -8.50
CA THR B 534 3.09 39.76 -9.44
C THR B 534 4.59 39.70 -9.79
N ARG B 535 5.41 39.10 -8.92
CA ARG B 535 6.80 38.84 -9.26
C ARG B 535 6.83 37.72 -10.31
N ASN B 536 5.90 36.76 -10.19
CA ASN B 536 5.79 35.63 -11.13
C ASN B 536 5.16 36.10 -12.46
N GLU B 537 4.40 37.20 -12.40
CA GLU B 537 3.78 37.81 -13.58
C GLU B 537 4.86 38.56 -14.38
N LEU B 538 5.56 39.49 -13.70
CA LEU B 538 6.67 40.28 -14.28
C LEU B 538 7.73 39.33 -14.85
N GLU B 539 7.92 38.19 -14.20
CA GLU B 539 8.92 37.22 -14.56
C GLU B 539 8.52 36.53 -15.87
N SER B 540 7.27 36.05 -15.95
CA SER B 540 6.79 35.26 -17.10
C SER B 540 6.65 36.15 -18.33
N TYR B 541 6.11 37.36 -18.12
CA TYR B 541 5.97 38.42 -19.12
C TYR B 541 7.33 38.76 -19.74
N ALA B 542 8.39 38.71 -18.94
CA ALA B 542 9.77 38.98 -19.38
C ALA B 542 10.35 37.77 -20.12
N TYR B 543 10.17 36.58 -19.52
CA TYR B 543 10.75 35.34 -20.06
C TYR B 543 9.94 34.88 -21.28
N SER B 544 8.68 35.36 -21.37
CA SER B 544 7.87 35.17 -22.55
C SER B 544 8.52 35.88 -23.74
N LEU B 545 8.82 37.17 -23.54
CA LEU B 545 9.40 38.03 -24.56
C LEU B 545 10.79 37.51 -24.99
N LYS B 546 11.45 36.70 -24.15
CA LYS B 546 12.73 36.05 -24.51
C LYS B 546 12.51 34.92 -25.53
N ASN B 547 11.38 34.20 -25.43
CA ASN B 547 11.09 33.04 -26.30
C ASN B 547 10.22 33.46 -27.50
N GLN B 548 10.32 34.73 -27.89
CA GLN B 548 9.68 35.29 -29.09
C GLN B 548 10.74 36.00 -29.96
N ILE B 549 11.65 36.74 -29.32
CA ILE B 549 12.81 37.37 -29.98
C ILE B 549 13.86 36.29 -30.31
N GLY B 550 13.97 35.27 -29.45
CA GLY B 550 14.81 34.10 -29.71
C GLY B 550 14.28 33.27 -30.87
N ASP B 551 12.95 33.26 -31.02
CA ASP B 551 12.23 32.72 -32.18
C ASP B 551 12.49 33.62 -33.39
N LYS B 552 13.41 33.20 -34.26
CA LYS B 552 13.86 34.00 -35.42
C LYS B 552 12.87 33.88 -36.59
N GLU B 553 11.77 33.10 -36.40
CA GLU B 553 10.79 32.77 -37.46
C GLU B 553 9.37 33.10 -36.96
N LYS B 554 9.14 34.37 -36.58
CA LYS B 554 7.82 34.89 -36.19
C LYS B 554 7.91 36.40 -35.94
N LEU B 555 8.36 36.80 -34.74
CA LEU B 555 8.50 38.23 -34.36
C LEU B 555 9.94 38.70 -34.59
N GLY B 556 10.91 37.98 -34.02
CA GLY B 556 12.35 38.31 -34.13
C GLY B 556 12.80 38.43 -35.58
N GLY B 557 12.21 37.59 -36.46
CA GLY B 557 12.47 37.61 -37.90
C GLY B 557 11.91 38.85 -38.58
N LYS B 558 10.83 39.40 -38.02
CA LYS B 558 10.17 40.60 -38.53
C LYS B 558 10.96 41.86 -38.12
N LEU B 559 11.23 42.01 -36.81
CA LEU B 559 11.89 43.20 -36.24
C LEU B 559 13.22 43.48 -36.95
N SER B 560 13.57 44.76 -37.06
CA SER B 560 14.87 45.19 -37.57
C SER B 560 15.92 45.01 -36.46
N SER B 561 17.17 44.77 -36.87
CA SER B 561 18.32 44.62 -35.95
C SER B 561 18.23 45.65 -34.82
N GLU B 562 17.83 46.88 -35.18
CA GLU B 562 17.71 48.04 -34.30
C GLU B 562 16.67 47.77 -33.18
N ASP B 563 15.42 47.49 -33.59
CA ASP B 563 14.31 47.33 -32.65
C ASP B 563 14.46 46.03 -31.83
N LYS B 564 14.95 44.95 -32.45
CA LYS B 564 15.27 43.71 -31.71
C LYS B 564 16.26 44.00 -30.59
N GLU B 565 17.36 44.67 -30.95
CA GLU B 565 18.43 45.04 -29.98
C GLU B 565 17.81 45.77 -28.79
N THR B 566 16.96 46.79 -29.03
CA THR B 566 16.38 47.61 -27.94
C THR B 566 15.45 46.73 -27.09
N MET B 567 14.64 45.87 -27.74
CA MET B 567 13.75 44.90 -27.05
C MET B 567 14.56 43.90 -26.19
N GLU B 568 15.43 43.10 -26.81
CA GLU B 568 16.37 42.21 -26.07
C GLU B 568 16.89 42.92 -24.81
N LYS B 569 17.50 44.08 -25.02
CA LYS B 569 18.20 44.87 -24.01
C LYS B 569 17.26 45.19 -22.85
N ALA B 570 16.09 45.77 -23.16
CA ALA B 570 15.13 46.24 -22.15
C ALA B 570 14.63 45.06 -21.29
N VAL B 571 14.57 43.88 -21.92
CA VAL B 571 14.11 42.59 -21.34
C VAL B 571 15.20 41.94 -20.48
N GLU B 572 16.40 41.77 -21.06
CA GLU B 572 17.55 41.14 -20.41
C GLU B 572 17.85 41.88 -19.09
N GLU B 573 17.68 43.20 -19.10
CA GLU B 573 18.02 44.01 -17.95
C GLU B 573 16.86 44.03 -16.94
N LYS B 574 15.67 43.59 -17.38
CA LYS B 574 14.57 43.38 -16.44
C LYS B 574 14.80 42.03 -15.74
N ILE B 575 15.35 41.06 -16.47
CA ILE B 575 15.66 39.79 -15.91
C ILE B 575 16.78 39.98 -14.88
N GLU B 576 17.88 40.64 -15.30
CA GLU B 576 18.98 40.97 -14.40
C GLU B 576 18.44 41.65 -13.14
N TRP B 577 17.58 42.65 -13.31
CA TRP B 577 17.01 43.35 -12.20
C TRP B 577 16.19 42.40 -11.30
N LEU B 578 15.55 41.39 -11.91
CA LEU B 578 14.72 40.42 -11.16
C LEU B 578 15.59 39.56 -10.23
N GLU B 579 16.71 39.11 -10.78
CA GLU B 579 17.61 38.24 -10.06
C GLU B 579 18.13 38.92 -8.79
N SER B 580 18.20 40.25 -8.76
CA SER B 580 18.76 41.00 -7.62
C SER B 580 17.68 41.69 -6.78
N HIS B 581 16.40 41.53 -7.12
CA HIS B 581 15.30 42.18 -6.42
C HIS B 581 14.16 41.17 -6.17
N GLN B 582 14.51 39.94 -5.77
CA GLN B 582 13.47 38.94 -5.43
C GLN B 582 12.63 39.45 -4.25
N ASP B 583 13.16 40.35 -3.43
CA ASP B 583 12.47 40.82 -2.20
C ASP B 583 11.72 42.13 -2.42
N ALA B 584 11.86 42.77 -3.59
CA ALA B 584 11.24 44.08 -3.86
C ALA B 584 9.74 44.02 -3.54
N ASP B 585 9.13 45.19 -3.35
CA ASP B 585 7.72 45.31 -2.91
C ASP B 585 6.80 45.25 -4.15
N ILE B 586 5.49 45.12 -3.86
CA ILE B 586 4.46 44.85 -4.86
C ILE B 586 4.47 45.94 -5.95
N GLU B 587 4.58 47.21 -5.54
CA GLU B 587 4.46 48.32 -6.49
C GLU B 587 5.71 48.37 -7.37
N ASP B 588 6.87 47.92 -6.86
CA ASP B 588 8.13 47.89 -7.63
C ASP B 588 8.02 46.89 -8.79
N PHE B 589 7.45 45.70 -8.53
CA PHE B 589 7.25 44.68 -9.56
C PHE B 589 6.17 45.13 -10.55
N LYS B 590 5.31 46.06 -10.11
CA LYS B 590 4.33 46.72 -10.98
C LYS B 590 5.07 47.71 -11.91
N ALA B 591 5.75 48.68 -11.30
CA ALA B 591 6.45 49.77 -12.00
C ALA B 591 7.40 49.23 -13.07
N LYS B 592 8.02 48.07 -12.81
CA LYS B 592 8.95 47.44 -13.75
C LYS B 592 8.18 46.74 -14.88
N LYS B 593 7.05 46.13 -14.55
CA LYS B 593 6.16 45.57 -15.57
C LYS B 593 5.81 46.69 -16.57
N LYS B 594 5.46 47.86 -16.02
CA LYS B 594 4.94 49.00 -16.79
C LYS B 594 6.09 49.83 -17.40
N GLU B 595 7.33 49.58 -16.94
CA GLU B 595 8.56 50.13 -17.56
C GLU B 595 8.96 49.26 -18.78
N LEU B 596 8.83 47.93 -18.64
CA LEU B 596 9.06 47.01 -19.77
C LEU B 596 7.90 47.13 -20.76
N GLU B 597 6.70 47.47 -20.27
CA GLU B 597 5.50 47.57 -21.12
C GLU B 597 5.54 48.86 -21.97
N GLU B 598 5.93 49.97 -21.34
CA GLU B 598 5.99 51.28 -21.99
C GLU B 598 7.05 51.27 -23.11
N ILE B 599 8.10 50.45 -22.95
CA ILE B 599 9.19 50.28 -23.94
C ILE B 599 8.73 49.32 -25.05
N VAL B 600 8.20 48.15 -24.66
CA VAL B 600 7.94 47.01 -25.56
C VAL B 600 6.84 47.33 -26.57
N GLN B 601 5.71 47.89 -26.09
CA GLN B 601 4.43 47.94 -26.86
C GLN B 601 4.64 48.60 -28.23
N PRO B 602 5.16 49.85 -28.31
CA PRO B 602 5.44 50.48 -29.61
C PRO B 602 6.12 49.54 -30.62
N ILE B 603 7.20 48.87 -30.19
CA ILE B 603 8.05 48.05 -31.07
C ILE B 603 7.26 46.84 -31.58
N ILE B 604 6.36 46.28 -30.75
CA ILE B 604 5.49 45.18 -31.17
C ILE B 604 4.12 45.75 -31.58
N SER B 605 4.14 46.82 -32.38
CA SER B 605 2.95 47.45 -32.97
C SER B 605 3.36 48.46 -34.05
N LYS B 606 3.92 47.96 -35.15
CA LYS B 606 4.43 48.78 -36.23
C LYS B 606 3.82 48.31 -37.56
C1 GOL C . -4.21 13.60 -23.27
O1 GOL C . -4.06 13.74 -24.68
C2 GOL C . -3.50 14.70 -22.45
O2 GOL C . -3.37 15.92 -23.19
C3 GOL C . -4.22 15.02 -21.16
O3 GOL C . -3.39 14.55 -20.10
C1 GOL D . -1.48 1.72 -0.90
O1 GOL D . -2.19 0.51 -0.63
C2 GOL D . -1.41 2.64 0.34
O2 GOL D . -0.42 2.27 1.32
C3 GOL D . -2.73 2.75 1.09
O3 GOL D . -3.35 3.96 0.65
C1 GOL E . 18.28 -32.87 4.54
O1 GOL E . 17.20 -31.93 4.32
C2 GOL E . 19.42 -32.25 5.35
O2 GOL E . 19.74 -30.95 4.84
C3 GOL E . 19.06 -32.21 6.85
O3 GOL E . 18.18 -31.11 7.13
C1 GOL F . 4.83 9.82 -23.64
O1 GOL F . 4.16 9.10 -22.57
C2 GOL F . 5.44 8.85 -24.67
O2 GOL F . 5.03 7.51 -24.40
C3 GOL F . 5.04 9.16 -26.12
O3 GOL F . 4.46 7.98 -26.73
S SO4 G . 27.09 4.70 -16.46
O1 SO4 G . 27.00 3.25 -16.10
O2 SO4 G . 28.45 5.02 -16.97
O3 SO4 G . 26.14 5.05 -17.54
O4 SO4 G . 26.82 5.51 -15.25
S SO4 H . 41.85 -10.39 -13.81
O1 SO4 H . 42.49 -10.37 -12.46
O2 SO4 H . 41.73 -11.75 -14.41
O3 SO4 H . 40.53 -9.74 -13.67
O4 SO4 H . 42.71 -9.64 -14.76
P PO4 I . 18.10 -10.84 -17.46
O1 PO4 I . 18.99 -11.49 -16.42
O2 PO4 I . 16.90 -11.76 -17.73
O3 PO4 I . 17.64 -9.48 -16.93
O4 PO4 I . 18.86 -10.61 -18.76
P PO4 J . 5.21 -0.57 -32.95
O1 PO4 J . 6.68 -0.59 -32.71
O2 PO4 J . 4.72 -1.99 -33.26
O3 PO4 J . 4.92 0.33 -34.13
O4 PO4 J . 4.58 0.04 -31.73
P PO4 K . 7.09 -2.63 -41.80
O1 PO4 K . 8.53 -3.04 -41.62
O2 PO4 K . 6.48 -3.40 -42.95
O3 PO4 K . 7.07 -1.14 -42.05
O4 PO4 K . 6.30 -2.98 -40.54
P PO4 L . -3.01 -29.70 -24.22
O1 PO4 L . -2.36 -29.43 -22.88
O2 PO4 L . -3.34 -31.17 -24.39
O3 PO4 L . -2.09 -29.26 -25.34
O4 PO4 L . -4.29 -28.90 -24.33
P PO4 M . -11.42 -32.06 -15.92
O1 PO4 M . -10.75 -33.26 -15.22
O2 PO4 M . -12.87 -31.90 -15.47
O3 PO4 M . -10.61 -30.79 -15.69
O4 PO4 M . -11.42 -32.35 -17.43
P PO4 N . -6.33 -7.73 -2.97
O1 PO4 N . -4.91 -8.02 -2.43
O2 PO4 N . -7.28 -8.83 -2.58
O3 PO4 N . -6.85 -6.38 -2.47
O4 PO4 N . -6.39 -7.61 -4.48
P PO4 O . 21.24 0.41 3.04
O1 PO4 O . 21.94 -0.47 4.06
O2 PO4 O . 21.17 -0.18 1.65
O3 PO4 O . 21.99 1.75 2.98
O4 PO4 O . 19.77 0.64 3.41
MG MG P . 8.03 -12.37 -10.86
P AMP Q . 6.36 -10.26 -8.20
O1P AMP Q . 6.75 -11.65 -8.78
O2P AMP Q . 6.57 -10.26 -6.68
O3P AMP Q . 5.04 -9.65 -8.55
O5' AMP Q . 7.46 -9.23 -8.80
C5' AMP Q . 8.83 -9.49 -8.55
C4' AMP Q . 9.62 -8.36 -9.12
O4' AMP Q . 9.25 -7.19 -8.39
C3' AMP Q . 11.13 -8.49 -8.97
O3' AMP Q . 11.71 -8.01 -10.18
C2' AMP Q . 11.43 -7.57 -7.80
O2' AMP Q . 12.72 -7.00 -7.74
C1' AMP Q . 10.42 -6.51 -8.00
N9 AMP Q . 10.21 -5.83 -6.71
C8 AMP Q . 9.68 -6.37 -5.58
N7 AMP Q . 9.68 -5.45 -4.59
C5 AMP Q . 10.24 -4.32 -5.11
C6 AMP Q . 10.53 -2.99 -4.60
N6 AMP Q . 10.21 -2.75 -3.34
N1 AMP Q . 11.06 -2.07 -5.41
C2 AMP Q . 11.36 -2.38 -6.73
N3 AMP Q . 11.13 -3.61 -7.29
C4 AMP Q . 10.59 -4.58 -6.51
P PO4 R . 6.24 -11.64 -14.22
O1 PO4 R . 6.59 -12.98 -14.72
O2 PO4 R . 4.80 -11.48 -14.01
O3 PO4 R . 6.82 -10.54 -14.97
O4 PO4 R . 6.76 -11.50 -12.83
C1 PEG S . -15.75 -14.10 5.92
O1 PEG S . -17.12 -13.67 5.90
C2 PEG S . -14.87 -12.99 6.45
O2 PEG S . -13.62 -12.93 5.73
C3 PEG S . -13.74 -12.19 4.50
C4 PEG S . -12.45 -12.14 3.68
O4 PEG S . -11.22 -12.07 4.42
C1 GOL T . -12.37 6.58 -0.34
O1 GOL T . -12.05 5.37 -1.07
C2 GOL T . -11.11 7.45 -0.15
O2 GOL T . -9.90 6.72 -0.22
C3 GOL T . -10.96 8.42 -1.30
O3 GOL T . -9.83 9.24 -1.05
S SO4 U . 15.99 9.08 2.60
O1 SO4 U . 15.65 8.45 3.91
O2 SO4 U . 17.24 8.53 2.02
O3 SO4 U . 16.22 10.53 2.62
O4 SO4 U . 14.81 8.84 1.76
MG MG V . -1.81 12.78 11.89
C1 GOL W . -21.13 -0.42 31.86
O1 GOL W . -21.82 -1.28 30.95
C2 GOL W . -20.20 -1.21 32.77
O2 GOL W . -20.62 -1.00 34.14
C3 GOL W . -18.77 -0.80 32.75
O3 GOL W . -18.60 0.35 33.62
C1 GOL X . -21.93 0.88 37.63
O1 GOL X . -22.87 1.60 38.45
C2 GOL X . -20.51 1.28 38.02
O2 GOL X . -20.46 2.68 38.11
C3 GOL X . -19.35 0.69 37.20
O3 GOL X . -18.57 1.79 36.70
C1 GOL Y . -12.12 -15.07 20.63
O1 GOL Y . -12.79 -15.29 21.89
C2 GOL Y . -11.60 -16.38 20.01
O2 GOL Y . -12.11 -16.48 18.67
C3 GOL Y . -10.06 -16.47 20.00
O3 GOL Y . -9.51 -16.59 18.66
S SO4 Z . 29.43 16.70 25.71
O1 SO4 Z . 29.96 16.05 26.95
O2 SO4 Z . 30.54 16.81 24.72
O3 SO4 Z . 28.32 15.89 25.14
O4 SO4 Z . 28.87 18.05 26.02
S SO4 AA . 13.21 -6.66 2.10
O1 SO4 AA . 13.74 -8.02 2.29
O2 SO4 AA . 13.95 -5.76 3.02
O3 SO4 AA . 11.78 -6.68 2.45
O4 SO4 AA . 13.26 -6.12 0.70
S SO4 BA . 17.09 -1.03 23.54
O1 SO4 BA . 16.82 -1.14 24.99
O2 SO4 BA . 18.49 -1.38 23.23
O3 SO4 BA . 16.84 0.39 23.09
O4 SO4 BA . 16.27 -2.03 22.86
P PO4 CA . 5.87 12.77 21.40
O1 PO4 CA . 6.41 12.67 22.82
O2 PO4 CA . 6.84 13.54 20.48
O3 PO4 CA . 5.68 11.35 20.89
O4 PO4 CA . 4.49 13.44 21.45
P PO4 DA . -24.73 29.08 10.16
O1 PO4 DA . -23.69 27.99 10.34
O2 PO4 DA . -25.23 29.56 11.52
O3 PO4 DA . -24.13 30.29 9.47
O4 PO4 DA . -25.90 28.49 9.38
P PO4 EA . -18.94 27.86 20.66
O1 PO4 EA . -18.07 27.80 21.88
O2 PO4 EA . -20.00 26.76 20.70
O3 PO4 EA . -19.68 29.19 20.68
O4 PO4 EA . -18.15 27.70 19.38
P PO4 FA . -14.56 -4.83 0.86
O1 PO4 FA . -13.11 -4.44 0.61
O2 PO4 FA . -14.62 -6.28 1.31
O3 PO4 FA . -15.39 -4.63 -0.40
O4 PO4 FA . -15.17 -3.92 1.90
P PO4 GA . 10.95 34.21 -2.06
O1 PO4 GA . 12.21 34.09 -2.89
O2 PO4 GA . 11.31 33.82 -0.64
O3 PO4 GA . 9.87 33.29 -2.59
O4 PO4 GA . 10.45 35.65 -2.09
P AMP HA . -2.30 10.64 8.92
O1P AMP HA . -1.59 10.67 7.56
O2P AMP HA . -2.21 12.00 9.59
O3P AMP HA . -3.50 9.74 8.88
O5' AMP HA . -1.27 9.77 9.86
C5' AMP HA . 0.09 10.16 10.08
C4' AMP HA . 0.90 9.12 10.81
O4' AMP HA . 1.00 7.98 9.94
C3' AMP HA . 2.35 9.50 11.19
O3' AMP HA . 2.62 9.11 12.55
C2' AMP HA . 3.17 8.66 10.20
O2' AMP HA . 4.49 8.25 10.53
C1' AMP HA . 2.29 7.45 9.97
N9 AMP HA . 2.64 6.80 8.70
C8 AMP HA . 2.43 7.26 7.44
N7 AMP HA . 2.90 6.32 6.57
C5 AMP HA . 3.41 5.29 7.27
C6 AMP HA . 4.09 4.06 6.95
N6 AMP HA . 4.23 3.85 5.65
N1 AMP HA . 4.50 3.21 7.93
C2 AMP HA . 4.27 3.54 9.26
N3 AMP HA . 3.68 4.70 9.63
C4 AMP HA . 3.25 5.59 8.69
P PO4 IA . -4.31 11.68 14.53
O1 PO4 IA . -3.85 10.67 15.51
O2 PO4 IA . -5.64 11.35 13.99
O3 PO4 IA . -4.40 13.04 15.03
O4 PO4 IA . -3.34 11.67 13.38
#